data_3CRD
#
_entry.id   3CRD
#
_cell.length_a   1.000
_cell.length_b   1.000
_cell.length_c   1.000
_cell.angle_alpha   90.00
_cell.angle_beta   90.00
_cell.angle_gamma   90.00
#
_symmetry.space_group_name_H-M   'P 1'
#
_entity_poly.entity_id   1
_entity_poly.type   'polypeptide(L)'
_entity_poly.pdbx_seq_one_letter_code
;MEARDKQVLRSLRLELGAEVLVEGLVLQYLYQEGILTENHIQEINAQTTGLRKTMLLLDILPSRGPKAFDTFLDSLQEFP
WVREKLKKAREEAMTDLPAG
;
_entity_poly.pdbx_strand_id   A
#
# COMPACT_ATOMS: atom_id res chain seq x y z
N MET A 1 2.74 -21.03 3.54
CA MET A 1 3.65 -21.48 2.46
C MET A 1 5.08 -21.04 2.72
N GLU A 2 5.32 -19.73 2.62
CA GLU A 2 6.65 -19.17 2.85
C GLU A 2 6.99 -19.16 4.33
N ALA A 3 7.13 -20.36 4.90
CA ALA A 3 7.46 -20.50 6.32
C ALA A 3 7.67 -21.96 6.70
N ARG A 4 8.41 -22.68 5.86
CA ARG A 4 8.68 -24.09 6.10
C ARG A 4 10.17 -24.34 6.29
N ASP A 5 10.97 -23.84 5.35
CA ASP A 5 12.42 -23.99 5.41
C ASP A 5 13.00 -23.06 6.46
N LYS A 6 12.53 -21.82 6.45
CA LYS A 6 12.99 -20.81 7.38
C LYS A 6 12.61 -21.19 8.81
N GLN A 7 11.53 -21.94 8.96
CA GLN A 7 11.05 -22.37 10.27
C GLN A 7 11.99 -23.42 10.86
N VAL A 8 12.45 -24.31 10.01
CA VAL A 8 13.37 -25.35 10.41
C VAL A 8 14.65 -24.72 10.89
N LEU A 9 15.22 -23.88 10.03
CA LEU A 9 16.43 -23.18 10.34
C LEU A 9 16.39 -22.68 11.77
N ARG A 10 15.60 -21.64 11.98
CA ARG A 10 15.45 -21.03 13.29
C ARG A 10 15.43 -22.07 14.42
N SER A 11 14.52 -23.05 14.30
CA SER A 11 14.39 -24.08 15.31
C SER A 11 15.75 -24.72 15.64
N LEU A 12 16.15 -25.67 14.80
CA LEU A 12 17.41 -26.36 15.00
C LEU A 12 18.58 -25.39 14.94
N ARG A 13 18.33 -24.16 14.49
CA ARG A 13 19.39 -23.16 14.41
C ARG A 13 20.04 -22.96 15.77
N LEU A 14 19.23 -22.62 16.75
CA LEU A 14 19.71 -22.40 18.10
C LEU A 14 20.09 -23.70 18.78
N GLU A 15 19.34 -24.76 18.50
CA GLU A 15 19.61 -26.06 19.10
C GLU A 15 21.06 -26.47 18.85
N LEU A 16 21.30 -27.02 17.67
CA LEU A 16 22.64 -27.44 17.30
C LEU A 16 23.56 -26.22 17.21
N GLY A 17 22.95 -25.04 17.19
CA GLY A 17 23.73 -23.82 17.10
C GLY A 17 24.54 -23.58 18.36
N ALA A 18 24.00 -23.99 19.50
CA ALA A 18 24.68 -23.83 20.78
C ALA A 18 26.03 -24.53 20.77
N GLU A 19 26.05 -25.76 20.25
CA GLU A 19 27.27 -26.55 20.18
C GLU A 19 26.99 -27.93 19.60
N VAL A 20 27.70 -28.28 18.52
CA VAL A 20 27.51 -29.57 17.88
C VAL A 20 28.70 -29.93 16.99
N LEU A 21 29.10 -29.00 16.12
CA LEU A 21 30.21 -29.22 15.22
C LEU A 21 31.25 -28.11 15.34
N VAL A 22 32.52 -28.47 15.21
CA VAL A 22 33.61 -27.50 15.30
C VAL A 22 34.56 -27.60 14.13
N GLU A 23 34.28 -28.51 13.20
CA GLU A 23 35.12 -28.69 12.03
C GLU A 23 34.61 -29.84 11.16
N GLY A 24 34.71 -29.67 9.84
CA GLY A 24 34.26 -30.69 8.92
C GLY A 24 33.67 -30.11 7.65
N LEU A 25 34.05 -30.67 6.51
CA LEU A 25 33.55 -30.21 5.22
C LEU A 25 32.03 -30.17 5.21
N VAL A 26 31.48 -28.96 5.05
CA VAL A 26 30.04 -28.78 5.02
C VAL A 26 29.67 -27.55 4.19
N LEU A 27 29.92 -26.37 4.76
CA LEU A 27 29.63 -25.11 4.07
C LEU A 27 30.43 -25.00 2.76
N GLN A 28 31.38 -25.91 2.59
CA GLN A 28 32.22 -25.94 1.39
C GLN A 28 31.42 -26.44 0.19
N TYR A 29 30.60 -27.45 0.42
CA TYR A 29 29.74 -28.00 -0.62
C TYR A 29 28.66 -26.98 -0.91
N LEU A 30 28.34 -26.24 0.13
CA LEU A 30 27.33 -25.21 0.08
C LEU A 30 27.86 -23.99 -0.65
N TYR A 31 28.72 -23.24 0.02
CA TYR A 31 29.32 -22.04 -0.56
C TYR A 31 29.53 -22.24 -2.05
N GLN A 32 29.83 -23.49 -2.43
CA GLN A 32 30.06 -23.83 -3.82
C GLN A 32 28.75 -24.06 -4.55
N GLU A 33 27.90 -24.93 -3.99
CA GLU A 33 26.61 -25.20 -4.61
C GLU A 33 25.86 -23.91 -4.86
N GLY A 34 26.02 -22.95 -3.94
CA GLY A 34 25.35 -21.68 -4.07
C GLY A 34 24.63 -21.29 -2.82
N ILE A 35 24.44 -22.26 -1.94
CA ILE A 35 23.79 -22.03 -0.67
C ILE A 35 24.18 -20.68 -0.13
N LEU A 36 25.46 -20.43 -0.19
CA LEU A 36 26.01 -19.20 0.32
C LEU A 36 26.19 -18.14 -0.74
N THR A 37 27.12 -17.24 -0.48
CA THR A 37 27.39 -16.13 -1.38
C THR A 37 28.39 -15.15 -0.76
N GLU A 38 28.85 -14.20 -1.56
CA GLU A 38 29.80 -13.20 -1.09
C GLU A 38 29.42 -12.74 0.32
N ASN A 39 28.13 -12.41 0.50
CA ASN A 39 27.64 -11.97 1.79
C ASN A 39 28.05 -12.97 2.87
N HIS A 40 27.87 -14.25 2.58
CA HIS A 40 28.25 -15.29 3.54
C HIS A 40 29.73 -15.17 3.85
N ILE A 41 30.55 -15.19 2.80
CA ILE A 41 31.99 -15.09 2.94
C ILE A 41 32.36 -14.24 4.15
N GLN A 42 31.68 -13.10 4.27
CA GLN A 42 31.92 -12.19 5.38
C GLN A 42 31.59 -12.85 6.70
N GLU A 43 30.40 -13.43 6.79
CA GLU A 43 29.96 -14.09 8.00
C GLU A 43 30.79 -15.35 8.29
N ILE A 44 30.97 -16.20 7.29
CA ILE A 44 31.72 -17.42 7.44
C ILE A 44 33.18 -17.14 7.77
N ASN A 45 33.77 -16.21 7.05
CA ASN A 45 35.15 -15.84 7.30
C ASN A 45 35.29 -15.13 8.64
N ALA A 46 34.13 -14.77 9.21
CA ALA A 46 34.10 -14.04 10.49
C ALA A 46 34.24 -14.96 11.72
N GLN A 47 33.75 -16.21 11.64
CA GLN A 47 33.81 -17.13 12.80
C GLN A 47 34.87 -16.70 13.81
N THR A 48 36.14 -16.98 13.49
CA THR A 48 37.24 -16.63 14.36
C THR A 48 37.41 -17.66 15.48
N THR A 49 36.64 -18.75 15.39
CA THR A 49 36.71 -19.81 16.40
C THR A 49 36.55 -21.17 15.74
N GLY A 50 35.31 -21.52 15.41
CA GLY A 50 35.04 -22.80 14.78
C GLY A 50 33.56 -23.15 14.82
N LEU A 51 32.93 -22.87 15.96
CA LEU A 51 31.50 -23.16 16.12
C LEU A 51 30.66 -22.14 15.36
N ARG A 52 31.23 -20.97 15.10
CA ARG A 52 30.54 -19.92 14.38
C ARG A 52 30.12 -20.40 12.99
N LYS A 53 31.07 -20.96 12.25
CA LYS A 53 30.78 -21.44 10.91
C LYS A 53 29.38 -22.08 10.86
N THR A 54 29.10 -22.93 11.84
CA THR A 54 27.81 -23.58 11.94
C THR A 54 26.73 -22.53 12.09
N MET A 55 26.85 -21.72 13.14
CA MET A 55 25.90 -20.66 13.40
C MET A 55 25.64 -19.91 12.10
N LEU A 56 26.70 -19.68 11.35
CA LEU A 56 26.60 -19.01 10.09
C LEU A 56 25.44 -19.51 9.26
N LEU A 57 25.57 -20.67 8.65
CA LEU A 57 24.48 -21.20 7.85
C LEU A 57 23.16 -20.96 8.55
N LEU A 58 23.07 -21.41 9.78
CA LEU A 58 21.88 -21.24 10.58
C LEU A 58 21.50 -19.76 10.67
N ASP A 59 22.50 -18.90 10.53
CA ASP A 59 22.31 -17.46 10.59
C ASP A 59 22.02 -16.86 9.22
N ILE A 60 22.50 -17.53 8.18
CA ILE A 60 22.33 -17.07 6.81
C ILE A 60 21.02 -17.57 6.19
N LEU A 61 20.84 -18.88 6.17
CA LEU A 61 19.64 -19.48 5.60
C LEU A 61 18.38 -18.70 5.96
N PRO A 62 18.26 -18.24 7.22
CA PRO A 62 17.09 -17.49 7.68
C PRO A 62 16.98 -16.11 7.03
N SER A 63 18.05 -15.67 6.38
CA SER A 63 18.06 -14.37 5.73
C SER A 63 18.52 -14.48 4.28
N ARG A 64 19.68 -15.10 4.08
CA ARG A 64 20.23 -15.28 2.74
C ARG A 64 20.21 -16.74 2.34
N GLY A 65 19.07 -17.19 1.81
CA GLY A 65 18.94 -18.57 1.39
C GLY A 65 17.51 -19.09 1.49
N PRO A 66 16.75 -19.05 0.39
CA PRO A 66 15.37 -19.51 0.36
C PRO A 66 15.25 -21.03 0.39
N LYS A 67 15.97 -21.69 -0.52
CA LYS A 67 15.95 -23.15 -0.60
C LYS A 67 17.36 -23.72 -0.40
N ALA A 68 18.08 -23.15 0.57
CA ALA A 68 19.43 -23.59 0.88
C ALA A 68 19.43 -24.76 1.83
N PHE A 69 18.27 -25.05 2.42
CA PHE A 69 18.16 -26.14 3.37
C PHE A 69 18.54 -27.48 2.76
N ASP A 70 17.66 -28.05 1.96
CA ASP A 70 17.90 -29.35 1.33
C ASP A 70 19.38 -29.54 1.02
N THR A 71 20.03 -28.49 0.55
CA THR A 71 21.45 -28.54 0.22
C THR A 71 22.31 -28.33 1.46
N PHE A 72 21.90 -27.43 2.34
CA PHE A 72 22.64 -27.17 3.56
C PHE A 72 22.73 -28.44 4.40
N LEU A 73 21.76 -29.35 4.20
CA LEU A 73 21.75 -30.61 4.92
C LEU A 73 22.64 -31.62 4.22
N ASP A 74 22.66 -31.55 2.90
CA ASP A 74 23.50 -32.45 2.12
C ASP A 74 24.95 -32.29 2.55
N SER A 75 25.22 -31.17 3.23
CA SER A 75 26.56 -30.87 3.72
C SER A 75 26.77 -31.44 5.11
N LEU A 76 25.72 -31.35 5.92
CA LEU A 76 25.73 -31.82 7.30
C LEU A 76 26.81 -32.85 7.59
N GLN A 77 28.04 -32.39 7.73
CA GLN A 77 29.17 -33.29 8.02
C GLN A 77 28.77 -34.44 8.94
N GLU A 78 27.76 -34.25 9.78
CA GLU A 78 27.33 -35.29 10.72
C GLU A 78 25.90 -35.74 10.49
N PHE A 79 25.35 -35.37 9.33
CA PHE A 79 23.96 -35.70 8.97
C PHE A 79 23.33 -36.80 9.84
N PRO A 80 23.93 -38.01 9.86
CA PRO A 80 23.41 -39.14 10.65
C PRO A 80 22.69 -38.72 11.92
N TRP A 81 23.11 -37.59 12.49
CA TRP A 81 22.49 -37.10 13.71
C TRP A 81 22.04 -35.65 13.57
N VAL A 82 22.73 -34.90 12.71
CA VAL A 82 22.38 -33.50 12.50
C VAL A 82 21.27 -33.36 11.47
N ARG A 83 21.33 -34.19 10.43
CA ARG A 83 20.32 -34.17 9.37
C ARG A 83 18.98 -34.67 9.88
N GLU A 84 19.02 -35.78 10.63
CA GLU A 84 17.81 -36.34 11.19
C GLU A 84 17.14 -35.32 12.09
N LYS A 85 17.88 -34.86 13.09
CA LYS A 85 17.37 -33.88 14.02
C LYS A 85 16.96 -32.59 13.29
N LEU A 86 17.50 -32.41 12.09
CA LEU A 86 17.17 -31.22 11.30
C LEU A 86 15.85 -31.39 10.59
N LYS A 87 15.80 -32.34 9.67
CA LYS A 87 14.58 -32.60 8.94
C LYS A 87 13.48 -32.89 9.92
N LYS A 88 13.85 -33.25 11.14
CA LYS A 88 12.88 -33.48 12.17
C LYS A 88 12.27 -32.14 12.52
N ALA A 89 13.13 -31.13 12.60
CA ALA A 89 12.72 -29.78 12.90
C ALA A 89 12.04 -29.14 11.70
N ARG A 90 12.14 -29.80 10.54
CA ARG A 90 11.50 -29.29 9.35
C ARG A 90 10.04 -29.67 9.43
N GLU A 91 9.84 -30.83 10.01
CA GLU A 91 8.52 -31.38 10.21
C GLU A 91 7.89 -30.75 11.46
N GLU A 92 8.73 -30.45 12.44
CA GLU A 92 8.29 -29.86 13.70
C GLU A 92 8.31 -28.32 13.66
N ALA A 93 9.47 -27.74 13.34
CA ALA A 93 9.62 -26.29 13.31
C ALA A 93 8.66 -25.65 12.31
N MET A 94 8.41 -26.34 11.20
CA MET A 94 7.50 -25.83 10.17
C MET A 94 6.10 -25.65 10.72
N THR A 95 5.68 -24.38 10.86
CA THR A 95 4.35 -24.07 11.38
C THR A 95 3.28 -24.85 10.62
N ASP A 96 2.57 -25.72 11.32
CA ASP A 96 1.52 -26.52 10.71
C ASP A 96 0.14 -25.94 10.99
N LEU A 97 -0.79 -26.18 10.08
CA LEU A 97 -2.15 -25.67 10.23
C LEU A 97 -2.98 -26.63 11.08
N PRO A 98 -2.92 -27.92 10.77
CA PRO A 98 -3.66 -28.97 11.50
C PRO A 98 -3.37 -28.93 13.00
N ALA A 99 -3.97 -29.86 13.74
CA ALA A 99 -3.78 -29.93 15.18
C ALA A 99 -4.55 -31.11 15.77
N GLY A 100 -3.96 -32.30 15.67
CA GLY A 100 -4.61 -33.49 16.21
C GLY A 100 -5.04 -34.45 15.11
N MET A 1 17.87 40.54 40.95
CA MET A 1 18.80 39.53 41.50
C MET A 1 18.10 38.58 42.46
N GLU A 2 17.63 37.46 41.93
CA GLU A 2 16.92 36.46 42.74
C GLU A 2 17.65 35.13 42.72
N ALA A 3 17.44 34.32 43.75
CA ALA A 3 18.08 33.02 43.85
C ALA A 3 17.04 31.92 44.09
N ARG A 4 16.80 31.12 43.06
CA ARG A 4 15.83 30.03 43.16
C ARG A 4 15.61 29.40 41.79
N ASP A 5 15.17 30.21 40.83
CA ASP A 5 14.93 29.74 39.47
C ASP A 5 16.26 29.41 38.80
N LYS A 6 17.27 30.21 39.10
CA LYS A 6 18.59 30.03 38.55
C LYS A 6 19.35 28.94 39.31
N GLN A 7 19.05 28.82 40.60
CA GLN A 7 19.70 27.81 41.44
C GLN A 7 19.24 26.42 41.05
N VAL A 8 18.14 26.35 40.33
CA VAL A 8 17.61 25.08 39.88
C VAL A 8 18.22 24.73 38.53
N LEU A 9 18.17 25.70 37.63
CA LEU A 9 18.72 25.52 36.30
C LEU A 9 20.18 25.09 36.38
N ARG A 10 20.81 25.40 37.52
CA ARG A 10 22.20 25.04 37.74
C ARG A 10 22.31 23.61 38.29
N SER A 11 21.55 23.33 39.35
CA SER A 11 21.57 22.00 39.95
C SER A 11 21.34 20.94 38.87
N LEU A 12 20.12 20.92 38.34
CA LEU A 12 19.77 19.97 37.30
C LEU A 12 20.67 20.17 36.08
N ARG A 13 21.16 21.40 35.91
CA ARG A 13 22.03 21.71 34.79
C ARG A 13 23.03 20.58 34.56
N LEU A 14 23.85 20.30 35.57
CA LEU A 14 24.86 19.26 35.48
C LEU A 14 24.23 17.87 35.48
N GLU A 15 23.14 17.71 36.24
CA GLU A 15 22.46 16.41 36.32
C GLU A 15 22.01 15.97 34.94
N LEU A 16 21.01 16.66 34.40
CA LEU A 16 20.50 16.33 33.08
C LEU A 16 21.46 16.79 32.00
N GLY A 17 22.44 17.60 32.39
CA GLY A 17 23.41 18.09 31.44
C GLY A 17 24.58 17.13 31.26
N ALA A 18 24.67 16.15 32.15
CA ALA A 18 25.74 15.17 32.10
C ALA A 18 25.75 14.44 30.76
N GLU A 19 24.71 13.65 30.51
CA GLU A 19 24.60 12.90 29.27
C GLU A 19 23.31 12.08 29.25
N VAL A 20 22.32 12.56 28.51
CA VAL A 20 21.04 11.87 28.41
C VAL A 20 20.39 12.10 27.05
N LEU A 21 20.56 11.13 26.15
CA LEU A 21 19.98 11.22 24.82
C LEU A 21 20.69 12.27 23.97
N VAL A 22 20.52 12.17 22.65
CA VAL A 22 21.14 13.11 21.72
C VAL A 22 20.10 14.06 21.14
N GLU A 23 19.93 15.20 21.80
CA GLU A 23 18.97 16.21 21.35
C GLU A 23 19.66 17.31 20.55
N GLY A 24 18.91 18.36 20.22
CA GLY A 24 19.47 19.46 19.47
C GLY A 24 18.41 20.38 18.90
N LEU A 25 17.33 20.57 19.64
CA LEU A 25 16.24 21.43 19.19
C LEU A 25 15.45 21.97 20.37
N VAL A 26 16.02 22.98 21.02
CA VAL A 26 15.37 23.61 22.18
C VAL A 26 15.77 25.08 22.26
N LEU A 27 17.05 25.35 22.02
CA LEU A 27 17.58 26.71 22.06
C LEU A 27 16.95 27.55 20.96
N GLN A 28 16.26 26.90 20.03
CA GLN A 28 15.62 27.58 18.92
C GLN A 28 14.40 28.37 19.40
N TYR A 29 13.59 27.72 20.22
CA TYR A 29 12.41 28.37 20.79
C TYR A 29 12.88 29.45 21.74
N LEU A 30 14.00 29.14 22.36
CA LEU A 30 14.65 29.98 23.32
C LEU A 30 15.26 31.20 22.67
N TYR A 31 16.40 30.99 22.04
CA TYR A 31 17.12 32.07 21.37
C TYR A 31 16.14 33.04 20.74
N GLN A 32 15.00 32.52 20.28
CA GLN A 32 13.98 33.36 19.66
C GLN A 32 13.10 34.01 20.72
N GLU A 33 12.75 33.23 21.73
CA GLU A 33 11.93 33.74 22.82
C GLU A 33 12.68 34.82 23.58
N GLY A 34 14.00 34.63 23.68
CA GLY A 34 14.83 35.60 24.38
C GLY A 34 15.71 34.96 25.41
N ILE A 35 15.31 33.77 25.86
CA ILE A 35 16.07 33.02 26.84
C ILE A 35 17.54 33.24 26.66
N LEU A 36 17.96 33.06 25.41
CA LEU A 36 19.36 33.20 25.08
C LEU A 36 19.72 34.62 24.67
N THR A 37 21.00 34.92 24.74
CA THR A 37 21.52 36.23 24.40
C THR A 37 22.90 36.12 23.76
N GLU A 38 23.42 37.25 23.27
CA GLU A 38 24.73 37.27 22.65
C GLU A 38 25.68 36.32 23.36
N ASN A 39 25.74 36.44 24.68
CA ASN A 39 26.60 35.59 25.49
C ASN A 39 26.37 34.12 25.14
N HIS A 40 25.10 33.74 24.96
CA HIS A 40 24.79 32.36 24.62
C HIS A 40 25.32 32.03 23.23
N ILE A 41 25.01 32.89 22.27
CA ILE A 41 25.48 32.71 20.90
C ILE A 41 26.87 32.09 20.88
N GLN A 42 27.74 32.62 21.73
CA GLN A 42 29.11 32.15 21.82
C GLN A 42 29.18 30.73 22.33
N GLU A 43 28.56 30.49 23.49
CA GLU A 43 28.56 29.18 24.09
C GLU A 43 27.89 28.13 23.20
N ILE A 44 26.75 28.50 22.61
CA ILE A 44 26.03 27.59 21.74
C ILE A 44 26.85 27.24 20.51
N ASN A 45 27.33 28.27 19.81
CA ASN A 45 28.16 28.04 18.65
C ASN A 45 29.22 27.00 18.98
N ALA A 46 29.55 26.93 20.27
CA ALA A 46 30.55 25.98 20.75
C ALA A 46 30.04 24.55 20.61
N GLN A 47 28.76 24.33 20.96
CA GLN A 47 28.16 23.00 20.86
C GLN A 47 28.86 22.12 19.83
N THR A 48 28.51 22.30 18.57
CA THR A 48 29.10 21.53 17.49
C THR A 48 28.69 20.05 17.59
N THR A 49 29.00 19.42 18.72
CA THR A 49 28.67 18.02 18.93
C THR A 49 27.15 17.82 18.90
N GLY A 50 26.53 17.85 20.07
CA GLY A 50 25.09 17.67 20.15
C GLY A 50 24.57 17.68 21.58
N LEU A 51 25.39 17.21 22.51
CA LEU A 51 25.00 17.18 23.92
C LEU A 51 25.32 18.50 24.60
N ARG A 52 26.33 19.20 24.10
CA ARG A 52 26.73 20.47 24.66
C ARG A 52 25.57 21.46 24.63
N LYS A 53 24.81 21.45 23.53
CA LYS A 53 23.67 22.36 23.39
C LYS A 53 22.90 22.43 24.69
N THR A 54 22.44 21.28 25.18
CA THR A 54 21.71 21.23 26.43
C THR A 54 22.56 21.86 27.52
N MET A 55 23.83 21.46 27.56
CA MET A 55 24.76 22.01 28.54
C MET A 55 24.69 23.52 28.50
N LEU A 56 24.59 24.06 27.29
CA LEU A 56 24.53 25.48 27.11
C LEU A 56 23.46 26.11 27.97
N LEU A 57 22.20 26.05 27.54
CA LEU A 57 21.14 26.63 28.32
C LEU A 57 21.37 26.41 29.81
N LEU A 58 21.59 25.16 30.16
CA LEU A 58 21.84 24.78 31.53
C LEU A 58 23.08 25.51 32.07
N ASP A 59 23.98 25.85 31.16
CA ASP A 59 25.21 26.55 31.50
C ASP A 59 25.02 28.07 31.51
N ILE A 60 24.07 28.51 30.70
CA ILE A 60 23.75 29.92 30.57
C ILE A 60 22.68 30.34 31.58
N LEU A 61 21.69 29.48 31.74
CA LEU A 61 20.59 29.73 32.66
C LEU A 61 21.08 30.21 34.02
N PRO A 62 22.00 29.45 34.65
CA PRO A 62 22.54 29.80 35.97
C PRO A 62 23.40 31.05 35.96
N SER A 63 23.59 31.64 34.78
CA SER A 63 24.39 32.85 34.66
C SER A 63 23.70 33.90 33.80
N ARG A 64 23.68 33.66 32.50
CA ARG A 64 23.05 34.58 31.57
C ARG A 64 21.64 34.13 31.21
N GLY A 65 20.85 33.81 32.24
CA GLY A 65 19.48 33.37 32.01
C GLY A 65 18.47 34.10 32.87
N PRO A 66 18.23 35.40 32.59
CA PRO A 66 17.27 36.20 33.35
C PRO A 66 15.85 35.66 33.23
N LYS A 67 15.37 35.02 34.29
CA LYS A 67 14.03 34.45 34.28
C LYS A 67 13.86 33.49 33.10
N ALA A 68 14.98 33.04 32.56
CA ALA A 68 14.99 32.13 31.43
C ALA A 68 14.25 30.82 31.75
N PHE A 69 14.04 30.58 33.02
CA PHE A 69 13.37 29.34 33.43
C PHE A 69 12.05 29.14 32.71
N ASP A 70 11.05 29.94 33.06
CA ASP A 70 9.73 29.85 32.45
C ASP A 70 9.79 29.38 31.00
N THR A 71 10.51 30.12 30.17
CA THR A 71 10.64 29.78 28.76
C THR A 71 11.55 28.57 28.54
N PHE A 72 12.64 28.52 29.30
CA PHE A 72 13.57 27.40 29.19
C PHE A 72 12.82 26.09 29.34
N LEU A 73 11.73 26.11 30.10
CA LEU A 73 10.92 24.91 30.29
C LEU A 73 9.92 24.79 29.15
N ASP A 74 9.35 25.92 28.77
CA ASP A 74 8.39 25.95 27.67
C ASP A 74 9.06 25.50 26.39
N SER A 75 10.39 25.47 26.41
CA SER A 75 11.18 25.03 25.27
C SER A 75 11.43 23.53 25.33
N LEU A 76 11.64 23.06 26.56
CA LEU A 76 11.92 21.66 26.83
C LEU A 76 11.45 20.72 25.74
N GLN A 77 12.19 20.65 24.65
CA GLN A 77 11.84 19.77 23.54
C GLN A 77 11.21 18.45 24.01
N GLU A 78 11.53 18.00 25.23
CA GLU A 78 11.01 16.74 25.76
C GLU A 78 10.15 16.93 27.01
N PHE A 79 9.79 18.17 27.28
CA PHE A 79 8.98 18.53 28.47
C PHE A 79 8.30 17.34 29.15
N PRO A 80 7.44 16.60 28.42
CA PRO A 80 6.71 15.46 28.96
C PRO A 80 7.43 14.76 30.10
N TRP A 81 8.75 14.73 30.03
CA TRP A 81 9.54 14.09 31.08
C TRP A 81 10.60 15.04 31.64
N VAL A 82 11.03 15.99 30.83
CA VAL A 82 12.04 16.95 31.28
C VAL A 82 11.39 18.09 32.05
N ARG A 83 10.23 18.54 31.58
CA ARG A 83 9.52 19.63 32.23
C ARG A 83 9.07 19.23 33.63
N GLU A 84 8.48 18.05 33.74
CA GLU A 84 8.02 17.56 35.02
C GLU A 84 9.20 17.50 35.98
N LYS A 85 10.16 16.65 35.66
CA LYS A 85 11.35 16.50 36.47
C LYS A 85 12.00 17.86 36.75
N LEU A 86 11.67 18.85 35.92
CA LEU A 86 12.22 20.19 36.09
C LEU A 86 11.46 20.99 37.12
N LYS A 87 10.19 21.24 36.82
CA LYS A 87 9.36 22.01 37.72
C LYS A 87 9.33 21.32 39.07
N LYS A 88 9.67 20.03 39.07
CA LYS A 88 9.73 19.28 40.29
C LYS A 88 11.09 19.55 40.92
N ALA A 89 12.06 19.85 40.06
CA ALA A 89 13.41 20.16 40.49
C ALA A 89 13.56 21.67 40.71
N ARG A 90 12.55 22.43 40.26
CA ARG A 90 12.57 23.87 40.44
C ARG A 90 12.10 24.16 41.84
N GLU A 91 11.21 23.29 42.29
CA GLU A 91 10.65 23.37 43.63
C GLU A 91 11.66 22.83 44.64
N GLU A 92 12.41 21.82 44.22
CA GLU A 92 13.41 21.20 45.08
C GLU A 92 14.79 21.85 44.94
N ALA A 93 15.31 21.89 43.71
CA ALA A 93 16.63 22.47 43.46
C ALA A 93 16.69 23.94 43.89
N MET A 94 15.53 24.53 44.17
CA MET A 94 15.48 25.92 44.59
C MET A 94 16.39 26.16 45.79
N THR A 95 16.41 27.40 46.27
CA THR A 95 17.23 27.76 47.41
C THR A 95 16.69 29.02 48.10
N ASP A 96 15.62 28.87 48.86
CA ASP A 96 15.01 29.99 49.56
C ASP A 96 15.06 31.26 48.71
N LEU A 97 14.95 32.41 49.36
CA LEU A 97 14.98 33.68 48.66
C LEU A 97 15.70 34.74 49.49
N PRO A 98 17.01 34.95 49.23
CA PRO A 98 17.81 35.93 49.95
C PRO A 98 17.41 37.36 49.61
N ALA A 99 16.14 37.68 49.82
CA ALA A 99 15.63 39.02 49.53
C ALA A 99 14.22 39.19 50.10
N GLY A 100 14.09 39.07 51.41
CA GLY A 100 12.80 39.22 52.05
C GLY A 100 12.91 39.83 53.43
N MET A 1 2.81 -25.19 6.33
CA MET A 1 2.24 -23.89 5.89
C MET A 1 3.12 -22.71 6.34
N GLU A 2 4.42 -22.84 6.12
CA GLU A 2 5.36 -21.80 6.50
C GLU A 2 6.06 -21.21 5.27
N ALA A 3 6.31 -19.91 5.33
CA ALA A 3 6.98 -19.23 4.22
C ALA A 3 7.69 -17.98 4.71
N ARG A 4 8.68 -18.16 5.57
CA ARG A 4 9.46 -17.05 6.11
C ARG A 4 10.94 -17.24 5.85
N ASP A 5 11.53 -18.27 6.48
CA ASP A 5 12.95 -18.55 6.31
C ASP A 5 13.22 -19.07 4.90
N LYS A 6 12.23 -19.74 4.33
CA LYS A 6 12.33 -20.28 2.99
C LYS A 6 12.33 -19.17 1.94
N GLN A 7 11.54 -18.13 2.18
CA GLN A 7 11.46 -17.00 1.26
C GLN A 7 12.78 -16.26 1.19
N VAL A 8 13.42 -16.12 2.33
CA VAL A 8 14.71 -15.46 2.42
C VAL A 8 15.74 -16.28 1.68
N LEU A 9 15.72 -17.57 1.94
CA LEU A 9 16.63 -18.49 1.28
C LEU A 9 16.60 -18.24 -0.21
N ARG A 10 15.50 -18.62 -0.82
CA ARG A 10 15.30 -18.46 -2.26
C ARG A 10 15.87 -17.13 -2.77
N SER A 11 15.40 -16.03 -2.18
CA SER A 11 15.84 -14.70 -2.60
C SER A 11 17.36 -14.64 -2.68
N LEU A 12 18.00 -14.42 -1.54
CA LEU A 12 19.45 -14.33 -1.47
C LEU A 12 20.11 -15.61 -1.93
N ARG A 13 19.32 -16.68 -2.07
CA ARG A 13 19.88 -17.97 -2.49
C ARG A 13 20.60 -17.82 -3.82
N LEU A 14 19.92 -17.28 -4.82
CA LEU A 14 20.51 -17.09 -6.13
C LEU A 14 21.33 -15.81 -6.17
N GLU A 15 20.91 -14.81 -5.40
CA GLU A 15 21.63 -13.53 -5.37
C GLU A 15 23.11 -13.75 -5.12
N LEU A 16 23.43 -14.19 -3.90
CA LEU A 16 24.81 -14.46 -3.55
C LEU A 16 25.24 -15.82 -4.09
N GLY A 17 24.26 -16.60 -4.54
CA GLY A 17 24.55 -17.91 -5.08
C GLY A 17 24.83 -17.86 -6.57
N ALA A 18 24.52 -16.72 -7.20
CA ALA A 18 24.74 -16.56 -8.63
C ALA A 18 26.21 -16.28 -8.94
N GLU A 19 26.79 -15.31 -8.23
CA GLU A 19 28.19 -14.95 -8.43
C GLU A 19 29.07 -15.57 -7.35
N VAL A 20 28.61 -15.47 -6.11
CA VAL A 20 29.36 -16.02 -4.98
C VAL A 20 30.67 -15.26 -4.76
N LEU A 21 31.14 -15.25 -3.52
CA LEU A 21 32.38 -14.56 -3.19
C LEU A 21 33.42 -15.53 -2.63
N VAL A 22 34.36 -15.00 -1.86
CA VAL A 22 35.42 -15.81 -1.27
C VAL A 22 34.83 -17.03 -0.55
N GLU A 23 35.65 -18.07 -0.41
CA GLU A 23 35.22 -19.29 0.26
C GLU A 23 35.84 -19.39 1.65
N GLY A 24 35.26 -20.23 2.49
CA GLY A 24 35.77 -20.40 3.85
C GLY A 24 35.42 -21.74 4.44
N LEU A 25 34.88 -21.72 5.66
CA LEU A 25 34.50 -22.94 6.36
C LEU A 25 33.30 -22.70 7.27
N VAL A 26 32.27 -22.04 6.72
CA VAL A 26 31.07 -21.76 7.48
C VAL A 26 30.22 -23.02 7.66
N LEU A 27 30.37 -23.95 6.72
CA LEU A 27 29.64 -25.20 6.76
C LEU A 27 30.01 -26.00 8.00
N GLN A 28 31.07 -25.56 8.67
CA GLN A 28 31.55 -26.24 9.88
C GLN A 28 30.70 -25.88 11.08
N TYR A 29 30.41 -24.61 11.23
CA TYR A 29 29.56 -24.14 12.32
C TYR A 29 28.18 -24.69 12.10
N LEU A 30 27.84 -24.78 10.83
CA LEU A 30 26.56 -25.27 10.39
C LEU A 30 26.43 -26.75 10.66
N TYR A 31 27.02 -27.54 9.78
CA TYR A 31 26.96 -29.00 9.91
C TYR A 31 27.02 -29.40 11.38
N GLN A 32 27.72 -28.59 12.17
CA GLN A 32 27.82 -28.84 13.59
C GLN A 32 26.55 -28.39 14.29
N GLU A 33 26.30 -27.09 14.30
CA GLU A 33 25.09 -26.56 14.92
C GLU A 33 23.91 -27.47 14.58
N GLY A 34 23.87 -27.92 13.33
CA GLY A 34 22.81 -28.81 12.90
C GLY A 34 22.18 -28.38 11.60
N ILE A 35 22.55 -27.19 11.15
CA ILE A 35 22.04 -26.66 9.90
C ILE A 35 22.02 -27.73 8.84
N LEU A 36 23.12 -28.46 8.77
CA LEU A 36 23.26 -29.52 7.79
C LEU A 36 22.97 -30.89 8.38
N THR A 37 22.81 -31.85 7.49
CA THR A 37 22.51 -33.22 7.88
C THR A 37 22.94 -34.21 6.80
N GLU A 38 22.80 -35.50 7.09
CA GLU A 38 23.18 -36.54 6.15
C GLU A 38 22.88 -36.10 4.73
N ASN A 39 21.63 -35.73 4.47
CA ASN A 39 21.24 -35.28 3.14
C ASN A 39 22.21 -34.24 2.62
N HIS A 40 22.61 -33.30 3.49
CA HIS A 40 23.54 -32.26 3.09
C HIS A 40 24.88 -32.88 2.72
N ILE A 41 25.42 -33.71 3.61
CA ILE A 41 26.68 -34.37 3.39
C ILE A 41 26.86 -34.69 1.91
N GLN A 42 25.79 -35.21 1.32
CA GLN A 42 25.79 -35.59 -0.07
C GLN A 42 25.97 -34.37 -0.98
N GLU A 43 25.08 -33.40 -0.82
CA GLU A 43 25.13 -32.19 -1.63
C GLU A 43 26.44 -31.41 -1.41
N ILE A 44 26.85 -31.27 -0.16
CA ILE A 44 28.06 -30.56 0.16
C ILE A 44 29.28 -31.22 -0.46
N ASN A 45 29.43 -32.52 -0.24
CA ASN A 45 30.53 -33.25 -0.82
C ASN A 45 30.51 -33.05 -2.34
N ALA A 46 29.35 -32.66 -2.86
CA ALA A 46 29.18 -32.43 -4.28
C ALA A 46 29.99 -31.22 -4.75
N GLN A 47 29.92 -30.12 -3.99
CA GLN A 47 30.65 -28.90 -4.33
C GLN A 47 31.87 -29.18 -5.21
N THR A 48 32.89 -29.78 -4.61
CA THR A 48 34.11 -30.13 -5.33
C THR A 48 34.59 -28.95 -6.18
N THR A 49 34.20 -27.74 -5.78
CA THR A 49 34.60 -26.54 -6.52
C THR A 49 34.92 -25.39 -5.56
N GLY A 50 33.89 -24.93 -4.84
CA GLY A 50 34.08 -23.85 -3.91
C GLY A 50 32.86 -22.95 -3.80
N LEU A 51 32.26 -22.63 -4.94
CA LEU A 51 31.08 -21.77 -4.97
C LEU A 51 29.82 -22.57 -4.66
N ARG A 52 29.77 -23.81 -5.15
CA ARG A 52 28.61 -24.67 -4.92
C ARG A 52 28.32 -24.82 -3.43
N LYS A 53 29.36 -24.69 -2.61
CA LYS A 53 29.19 -24.81 -1.17
C LYS A 53 28.07 -23.88 -0.69
N THR A 54 28.25 -22.58 -0.94
CA THR A 54 27.25 -21.60 -0.58
C THR A 54 25.92 -22.02 -1.17
N MET A 55 25.96 -22.45 -2.42
CA MET A 55 24.76 -22.90 -3.10
C MET A 55 24.09 -23.98 -2.28
N LEU A 56 24.90 -24.89 -1.76
CA LEU A 56 24.40 -25.97 -0.95
C LEU A 56 23.43 -25.49 0.08
N LEU A 57 23.89 -24.90 1.17
CA LEU A 57 23.00 -24.42 2.20
C LEU A 57 21.76 -23.80 1.58
N LEU A 58 21.98 -22.81 0.73
CA LEU A 58 20.89 -22.13 0.06
C LEU A 58 20.04 -23.12 -0.73
N ASP A 59 20.66 -24.24 -1.09
CA ASP A 59 19.99 -25.29 -1.85
C ASP A 59 19.33 -26.31 -0.93
N ILE A 60 19.86 -26.44 0.27
CA ILE A 60 19.35 -27.40 1.25
C ILE A 60 18.19 -26.82 2.04
N LEU A 61 18.42 -25.69 2.69
CA LEU A 61 17.38 -25.05 3.49
C LEU A 61 16.03 -25.13 2.77
N PRO A 62 15.98 -24.77 1.48
CA PRO A 62 14.75 -24.81 0.69
C PRO A 62 13.94 -26.06 0.95
N SER A 63 14.60 -27.12 1.42
CA SER A 63 13.92 -28.39 1.69
C SER A 63 14.44 -29.02 2.98
N ARG A 64 15.74 -29.27 3.02
CA ARG A 64 16.36 -29.88 4.19
C ARG A 64 17.15 -28.84 4.98
N GLY A 65 16.45 -28.15 5.88
CA GLY A 65 17.10 -27.14 6.69
C GLY A 65 16.12 -26.36 7.55
N PRO A 66 15.55 -27.00 8.58
CA PRO A 66 14.60 -26.35 9.49
C PRO A 66 15.28 -25.33 10.39
N LYS A 67 14.64 -24.17 10.57
CA LYS A 67 15.20 -23.13 11.41
C LYS A 67 16.70 -23.04 11.22
N ALA A 68 17.15 -23.37 10.02
CA ALA A 68 18.57 -23.35 9.68
C ALA A 68 19.04 -21.95 9.31
N PHE A 69 18.11 -21.03 9.13
CA PHE A 69 18.45 -19.67 8.75
C PHE A 69 19.19 -18.94 9.87
N ASP A 70 18.46 -18.50 10.89
CA ASP A 70 19.06 -17.78 12.01
C ASP A 70 20.47 -18.27 12.27
N THR A 71 20.65 -19.58 12.15
CA THR A 71 21.95 -20.20 12.35
C THR A 71 22.82 -20.03 11.11
N PHE A 72 22.29 -20.41 9.95
CA PHE A 72 23.04 -20.28 8.71
C PHE A 72 23.65 -18.89 8.59
N LEU A 73 23.01 -17.90 9.21
CA LEU A 73 23.52 -16.54 9.18
C LEU A 73 24.61 -16.39 10.22
N ASP A 74 24.46 -17.10 11.32
CA ASP A 74 25.44 -17.05 12.38
C ASP A 74 26.79 -17.55 11.86
N SER A 75 26.75 -18.22 10.71
CA SER A 75 27.97 -18.73 10.08
C SER A 75 28.54 -17.71 9.12
N LEU A 76 27.65 -16.97 8.46
CA LEU A 76 28.02 -15.96 7.48
C LEU A 76 29.41 -15.41 7.70
N GLN A 77 30.42 -16.12 7.21
CA GLN A 77 31.81 -15.69 7.35
C GLN A 77 31.99 -14.18 7.12
N GLU A 78 31.06 -13.55 6.41
CA GLU A 78 31.16 -12.13 6.11
C GLU A 78 29.94 -11.34 6.58
N PHE A 79 29.14 -11.97 7.42
CA PHE A 79 27.89 -11.37 7.95
C PHE A 79 27.80 -9.85 7.73
N PRO A 80 28.76 -9.06 8.27
CA PRO A 80 28.75 -7.61 8.14
C PRO A 80 28.13 -7.12 6.83
N TRP A 81 28.24 -7.92 5.78
CA TRP A 81 27.68 -7.55 4.49
C TRP A 81 26.75 -8.64 3.95
N VAL A 82 26.99 -9.88 4.34
CA VAL A 82 26.16 -10.99 3.89
C VAL A 82 24.95 -11.17 4.79
N ARG A 83 25.14 -10.98 6.09
CA ARG A 83 24.05 -11.12 7.05
C ARG A 83 23.03 -9.99 6.86
N GLU A 84 23.53 -8.79 6.59
CA GLU A 84 22.67 -7.65 6.37
C GLU A 84 21.82 -7.90 5.13
N LYS A 85 22.50 -8.07 4.00
CA LYS A 85 21.81 -8.33 2.75
C LYS A 85 20.89 -9.54 2.88
N LEU A 86 21.15 -10.37 3.91
CA LEU A 86 20.34 -11.56 4.14
C LEU A 86 19.09 -11.25 4.93
N LYS A 87 19.27 -10.83 6.17
CA LYS A 87 18.14 -10.48 7.01
C LYS A 87 17.35 -9.39 6.34
N LYS A 88 18.01 -8.71 5.39
CA LYS A 88 17.36 -7.68 4.63
C LYS A 88 16.54 -8.35 3.56
N ALA A 89 17.05 -9.51 3.14
CA ALA A 89 16.38 -10.33 2.16
C ALA A 89 15.28 -11.14 2.84
N ARG A 90 15.32 -11.17 4.18
CA ARG A 90 14.32 -11.86 4.96
C ARG A 90 13.13 -10.96 5.05
N GLU A 91 13.44 -9.69 5.17
CA GLU A 91 12.45 -8.63 5.26
C GLU A 91 11.87 -8.36 3.87
N GLU A 92 12.70 -8.57 2.85
CA GLU A 92 12.29 -8.34 1.47
C GLU A 92 11.70 -9.61 0.86
N ALA A 93 12.48 -10.69 0.86
CA ALA A 93 12.02 -11.97 0.31
C ALA A 93 10.76 -12.45 1.00
N MET A 94 10.44 -11.86 2.14
CA MET A 94 9.25 -12.22 2.90
C MET A 94 8.12 -11.22 2.66
N THR A 95 7.12 -11.65 1.90
CA THR A 95 5.97 -10.79 1.60
C THR A 95 4.68 -11.61 1.54
N ASP A 96 3.72 -11.14 0.76
CA ASP A 96 2.44 -11.82 0.63
C ASP A 96 1.55 -11.15 -0.41
N LEU A 97 1.24 -9.88 -0.18
CA LEU A 97 0.39 -9.12 -1.10
C LEU A 97 1.16 -7.95 -1.71
N PRO A 98 1.36 -7.97 -3.04
CA PRO A 98 2.07 -6.91 -3.75
C PRO A 98 1.27 -5.61 -3.83
N ALA A 99 1.95 -4.49 -3.76
CA ALA A 99 1.31 -3.18 -3.81
C ALA A 99 1.71 -2.41 -5.07
N GLY A 100 1.11 -1.24 -5.25
CA GLY A 100 1.43 -0.43 -6.41
C GLY A 100 1.08 -1.13 -7.71
N MET A 1 -29.43 -17.11 2.28
CA MET A 1 -29.92 -15.75 1.94
C MET A 1 -29.87 -14.82 3.15
N GLU A 2 -29.46 -13.57 2.91
CA GLU A 2 -29.37 -12.59 3.99
C GLU A 2 -29.71 -11.20 3.47
N ALA A 3 -29.70 -10.22 4.38
CA ALA A 3 -30.01 -8.85 4.03
C ALA A 3 -29.98 -7.95 5.27
N ARG A 4 -30.55 -6.75 5.14
CA ARG A 4 -30.59 -5.81 6.24
C ARG A 4 -29.22 -5.20 6.50
N ASP A 5 -28.24 -6.04 6.79
CA ASP A 5 -26.88 -5.59 7.04
C ASP A 5 -26.25 -5.05 5.76
N LYS A 6 -26.17 -5.91 4.75
CA LYS A 6 -25.60 -5.53 3.47
C LYS A 6 -26.31 -4.31 2.90
N GLN A 7 -27.61 -4.22 3.13
CA GLN A 7 -28.40 -3.10 2.64
C GLN A 7 -27.87 -1.78 3.18
N VAL A 8 -27.45 -1.80 4.43
CA VAL A 8 -26.90 -0.63 5.06
C VAL A 8 -25.57 -0.28 4.41
N LEU A 9 -24.76 -1.30 4.21
CA LEU A 9 -23.48 -1.14 3.58
C LEU A 9 -23.61 -0.28 2.32
N ARG A 10 -24.20 -0.87 1.29
CA ARG A 10 -24.41 -0.20 0.02
C ARG A 10 -25.01 1.20 0.20
N SER A 11 -26.09 1.29 0.97
CA SER A 11 -26.74 2.57 1.21
C SER A 11 -25.72 3.61 1.65
N LEU A 12 -25.38 3.60 2.92
CA LEU A 12 -24.42 4.54 3.47
C LEU A 12 -23.07 4.40 2.77
N ARG A 13 -22.86 3.28 2.08
CA ARG A 13 -21.60 3.05 1.38
C ARG A 13 -21.25 4.29 0.55
N LEU A 14 -22.13 4.65 -0.37
CA LEU A 14 -21.91 5.80 -1.22
C LEU A 14 -22.17 7.10 -0.47
N GLU A 15 -23.15 7.09 0.43
CA GLU A 15 -23.49 8.27 1.20
C GLU A 15 -22.24 8.86 1.83
N LEU A 16 -21.70 8.15 2.82
CA LEU A 16 -20.48 8.59 3.49
C LEU A 16 -19.27 8.29 2.62
N GLY A 17 -19.48 7.48 1.60
CA GLY A 17 -18.39 7.11 0.71
C GLY A 17 -18.18 8.14 -0.39
N ALA A 18 -19.21 8.93 -0.66
CA ALA A 18 -19.13 9.95 -1.69
C ALA A 18 -18.35 11.17 -1.20
N GLU A 19 -18.20 11.27 0.11
CA GLU A 19 -17.48 12.39 0.71
C GLU A 19 -17.24 12.16 2.21
N VAL A 20 -15.97 12.07 2.60
CA VAL A 20 -15.61 11.85 3.98
C VAL A 20 -14.10 11.81 4.16
N LEU A 21 -13.64 12.06 5.39
CA LEU A 21 -12.22 12.05 5.68
C LEU A 21 -11.65 10.63 5.61
N VAL A 22 -10.33 10.53 5.62
CA VAL A 22 -9.67 9.23 5.56
C VAL A 22 -9.39 8.68 6.96
N GLU A 23 -8.73 7.53 7.01
CA GLU A 23 -8.41 6.89 8.29
C GLU A 23 -7.18 5.99 8.15
N GLY A 24 -7.40 4.75 7.76
CA GLY A 24 -6.30 3.81 7.59
C GLY A 24 -6.00 3.04 8.87
N LEU A 25 -6.89 3.14 9.85
CA LEU A 25 -6.71 2.44 11.11
C LEU A 25 -7.79 1.39 11.32
N VAL A 26 -9.05 1.82 11.22
CA VAL A 26 -10.18 0.91 11.39
C VAL A 26 -9.94 -0.39 10.64
N LEU A 27 -9.22 -0.30 9.52
CA LEU A 27 -8.91 -1.44 8.70
C LEU A 27 -8.09 -2.48 9.47
N GLN A 28 -7.63 -2.08 10.65
CA GLN A 28 -6.81 -2.97 11.48
C GLN A 28 -7.65 -3.79 12.45
N TYR A 29 -8.54 -3.14 13.17
CA TYR A 29 -9.41 -3.84 14.11
C TYR A 29 -10.26 -4.81 13.33
N LEU A 30 -10.55 -4.39 12.13
CA LEU A 30 -11.38 -5.14 11.22
C LEU A 30 -10.64 -6.32 10.64
N TYR A 31 -9.84 -6.05 9.62
CA TYR A 31 -9.08 -7.11 8.97
C TYR A 31 -8.53 -8.07 10.02
N GLN A 32 -8.30 -7.56 11.22
CA GLN A 32 -7.80 -8.39 12.31
C GLN A 32 -8.96 -9.13 12.97
N GLU A 33 -10.02 -8.41 13.28
CA GLU A 33 -11.19 -9.02 13.90
C GLU A 33 -11.72 -10.12 12.99
N GLY A 34 -11.67 -9.89 11.68
CA GLY A 34 -12.13 -10.88 10.73
C GLY A 34 -13.05 -10.28 9.69
N ILE A 35 -13.53 -9.07 9.96
CA ILE A 35 -14.40 -8.37 9.04
C ILE A 35 -14.05 -8.70 7.61
N LEU A 36 -12.77 -8.57 7.35
CA LEU A 36 -12.24 -8.78 6.01
C LEU A 36 -12.10 -10.23 5.61
N THR A 37 -11.85 -10.40 4.32
CA THR A 37 -11.62 -11.70 3.74
C THR A 37 -10.68 -11.61 2.54
N GLU A 38 -10.78 -12.57 1.62
CA GLU A 38 -9.91 -12.59 0.45
C GLU A 38 -10.06 -11.31 -0.37
N ASN A 39 -11.17 -11.18 -1.06
CA ASN A 39 -11.43 -10.01 -1.89
C ASN A 39 -11.07 -8.73 -1.15
N HIS A 40 -11.07 -8.77 0.17
CA HIS A 40 -10.72 -7.59 0.97
C HIS A 40 -9.29 -7.17 0.71
N ILE A 41 -8.35 -7.95 1.22
CA ILE A 41 -6.95 -7.67 1.04
C ILE A 41 -6.69 -7.03 -0.31
N GLN A 42 -7.38 -7.57 -1.31
CA GLN A 42 -7.23 -7.09 -2.68
C GLN A 42 -7.67 -5.64 -2.81
N GLU A 43 -8.91 -5.36 -2.45
CA GLU A 43 -9.44 -4.01 -2.56
C GLU A 43 -8.62 -3.03 -1.71
N ILE A 44 -8.26 -3.43 -0.50
CA ILE A 44 -7.50 -2.57 0.38
C ILE A 44 -6.14 -2.28 -0.22
N ASN A 45 -5.49 -3.32 -0.73
CA ASN A 45 -4.20 -3.13 -1.35
C ASN A 45 -4.31 -1.97 -2.33
N ALA A 46 -5.53 -1.76 -2.82
CA ALA A 46 -5.81 -0.68 -3.76
C ALA A 46 -5.73 0.68 -3.06
N GLN A 47 -6.24 0.76 -1.82
CA GLN A 47 -6.23 2.02 -1.05
C GLN A 47 -5.20 3.00 -1.58
N THR A 48 -3.94 2.82 -1.17
CA THR A 48 -2.85 3.70 -1.60
C THR A 48 -3.09 5.14 -1.19
N THR A 49 -4.10 5.77 -1.79
CA THR A 49 -4.43 7.16 -1.50
C THR A 49 -4.83 7.34 -0.05
N GLY A 50 -6.10 7.07 0.25
CA GLY A 50 -6.60 7.20 1.60
C GLY A 50 -8.11 7.22 1.66
N LEU A 51 -8.74 7.58 0.54
CA LEU A 51 -10.20 7.63 0.47
C LEU A 51 -10.76 6.26 0.11
N ARG A 52 -10.02 5.52 -0.71
CA ARG A 52 -10.44 4.20 -1.13
C ARG A 52 -10.55 3.24 0.06
N LYS A 53 -9.84 3.57 1.14
CA LYS A 53 -9.87 2.74 2.34
C LYS A 53 -11.29 2.65 2.88
N THR A 54 -11.94 3.80 3.06
CA THR A 54 -13.30 3.82 3.56
C THR A 54 -14.21 3.16 2.54
N MET A 55 -14.20 3.67 1.31
CA MET A 55 -15.00 3.10 0.25
C MET A 55 -14.84 1.60 0.29
N LEU A 56 -13.61 1.19 0.54
CA LEU A 56 -13.27 -0.21 0.63
C LEU A 56 -14.27 -0.98 1.46
N LEU A 57 -14.15 -0.96 2.78
CA LEU A 57 -15.08 -1.69 3.61
C LEU A 57 -16.49 -1.64 3.04
N LEU A 58 -16.98 -0.43 2.83
CA LEU A 58 -18.30 -0.23 2.27
C LEU A 58 -18.42 -0.94 0.93
N ASP A 59 -17.27 -1.13 0.29
CA ASP A 59 -17.18 -1.79 -1.01
C ASP A 59 -17.00 -3.30 -0.89
N ILE A 60 -16.32 -3.72 0.16
CA ILE A 60 -16.03 -5.13 0.40
C ILE A 60 -17.18 -5.83 1.12
N LEU A 61 -17.55 -5.30 2.28
CA LEU A 61 -18.64 -5.89 3.06
C LEU A 61 -19.76 -6.38 2.15
N PRO A 62 -20.20 -5.55 1.19
CA PRO A 62 -21.26 -5.93 0.26
C PRO A 62 -21.01 -7.30 -0.36
N SER A 63 -19.75 -7.73 -0.34
CA SER A 63 -19.37 -9.01 -0.91
C SER A 63 -18.63 -9.88 0.12
N ARG A 64 -17.93 -9.23 1.04
CA ARG A 64 -17.18 -9.94 2.07
C ARG A 64 -17.49 -9.40 3.46
N GLY A 65 -18.67 -9.72 3.97
CA GLY A 65 -19.05 -9.25 5.28
C GLY A 65 -20.55 -9.10 5.45
N PRO A 66 -21.30 -10.20 5.38
CA PRO A 66 -22.76 -10.16 5.54
C PRO A 66 -23.17 -9.90 6.99
N LYS A 67 -22.21 -10.07 7.89
CA LYS A 67 -22.45 -9.85 9.32
C LYS A 67 -21.32 -9.04 9.94
N ALA A 68 -20.40 -8.56 9.10
CA ALA A 68 -19.27 -7.78 9.56
C ALA A 68 -19.71 -6.42 10.10
N PHE A 69 -20.84 -5.93 9.61
CA PHE A 69 -21.35 -4.64 10.02
C PHE A 69 -21.08 -4.35 11.49
N ASP A 70 -21.82 -5.00 12.39
CA ASP A 70 -21.66 -4.80 13.83
C ASP A 70 -20.20 -4.49 14.16
N THR A 71 -19.30 -5.20 13.52
CA THR A 71 -17.87 -5.01 13.74
C THR A 71 -17.38 -3.82 12.93
N PHE A 72 -17.65 -3.81 11.63
CA PHE A 72 -17.25 -2.72 10.76
C PHE A 72 -17.61 -1.37 11.40
N LEU A 73 -18.61 -1.38 12.27
CA LEU A 73 -19.03 -0.17 12.95
C LEU A 73 -18.23 0.04 14.22
N ASP A 74 -17.84 -1.07 14.83
CA ASP A 74 -17.05 -1.01 16.05
C ASP A 74 -15.71 -0.33 15.75
N SER A 75 -15.40 -0.23 14.46
CA SER A 75 -14.17 0.42 14.02
C SER A 75 -14.41 1.91 13.79
N LEU A 76 -15.56 2.19 13.19
CA LEU A 76 -15.97 3.56 12.84
C LEU A 76 -15.15 4.63 13.55
N GLN A 77 -13.93 4.85 13.08
CA GLN A 77 -13.05 5.85 13.68
C GLN A 77 -13.81 7.07 14.21
N GLU A 78 -14.97 7.39 13.61
CA GLU A 78 -15.76 8.56 14.03
C GLU A 78 -17.17 8.18 14.49
N PHE A 79 -17.37 6.90 14.73
CA PHE A 79 -18.68 6.36 15.15
C PHE A 79 -19.68 7.43 15.59
N PRO A 80 -19.35 8.23 16.63
CA PRO A 80 -20.25 9.26 17.13
C PRO A 80 -21.08 9.94 16.04
N TRP A 81 -20.55 9.96 14.82
CA TRP A 81 -21.25 10.58 13.71
C TRP A 81 -21.43 9.60 12.55
N VAL A 82 -20.50 8.65 12.42
CA VAL A 82 -20.58 7.67 11.35
C VAL A 82 -21.42 6.47 11.76
N ARG A 83 -21.28 6.06 13.03
CA ARG A 83 -22.04 4.93 13.54
C ARG A 83 -23.52 5.30 13.63
N GLU A 84 -23.78 6.53 14.04
CA GLU A 84 -25.15 7.01 14.13
C GLU A 84 -25.78 7.00 12.75
N LYS A 85 -25.16 7.72 11.83
CA LYS A 85 -25.65 7.77 10.47
C LYS A 85 -25.69 6.37 9.85
N LEU A 86 -25.01 5.42 10.51
CA LEU A 86 -24.98 4.06 10.00
C LEU A 86 -26.12 3.22 10.55
N LYS A 87 -26.14 3.03 11.85
CA LYS A 87 -27.20 2.28 12.48
C LYS A 87 -28.52 2.95 12.19
N LYS A 88 -28.44 4.22 11.78
CA LYS A 88 -29.60 4.98 11.41
C LYS A 88 -29.91 4.64 9.96
N ALA A 89 -28.84 4.32 9.25
CA ALA A 89 -28.93 3.93 7.84
C ALA A 89 -29.20 2.43 7.74
N ARG A 90 -29.06 1.72 8.87
CA ARG A 90 -29.32 0.30 8.90
C ARG A 90 -30.80 0.10 9.05
N GLU A 91 -31.38 1.01 9.81
CA GLU A 91 -32.80 1.02 10.05
C GLU A 91 -33.55 1.43 8.79
N GLU A 92 -32.91 2.32 8.02
CA GLU A 92 -33.48 2.82 6.77
C GLU A 92 -33.06 1.95 5.58
N ALA A 93 -31.76 1.91 5.32
CA ALA A 93 -31.23 1.13 4.19
C ALA A 93 -31.81 -0.28 4.19
N MET A 94 -32.24 -0.74 5.35
CA MET A 94 -32.82 -2.08 5.48
C MET A 94 -34.05 -2.22 4.57
N THR A 95 -34.87 -1.18 4.53
CA THR A 95 -36.06 -1.19 3.69
C THR A 95 -36.96 0.02 4.02
N ASP A 96 -37.83 0.36 3.09
CA ASP A 96 -38.73 1.50 3.27
C ASP A 96 -40.07 1.04 3.86
N LEU A 97 -40.06 -0.13 4.49
CA LEU A 97 -41.27 -0.67 5.09
C LEU A 97 -42.49 -0.38 4.24
N PRO A 98 -42.64 -1.10 3.11
CA PRO A 98 -43.77 -0.93 2.19
C PRO A 98 -45.11 -0.96 2.91
N ALA A 99 -46.10 -0.27 2.36
CA ALA A 99 -47.43 -0.23 2.94
C ALA A 99 -48.38 0.57 2.06
N GLY A 100 -47.95 1.77 1.67
CA GLY A 100 -48.78 2.62 0.83
C GLY A 100 -47.97 3.34 -0.23
N MET A 1 3.75 33.10 -8.16
CA MET A 1 3.79 31.62 -8.00
C MET A 1 4.59 31.22 -6.77
N GLU A 2 4.25 31.82 -5.63
CA GLU A 2 4.93 31.53 -4.38
C GLU A 2 4.54 30.17 -3.84
N ALA A 3 5.48 29.48 -3.21
CA ALA A 3 5.22 28.16 -2.65
C ALA A 3 4.66 28.27 -1.23
N ARG A 4 3.49 28.89 -1.11
CA ARG A 4 2.84 29.05 0.18
C ARG A 4 1.49 28.34 0.21
N ASP A 5 0.62 28.73 -0.72
CA ASP A 5 -0.72 28.12 -0.80
C ASP A 5 -0.60 26.66 -1.20
N LYS A 6 0.19 26.39 -2.23
CA LYS A 6 0.40 25.05 -2.72
C LYS A 6 1.03 24.17 -1.63
N GLN A 7 1.86 24.78 -0.79
CA GLN A 7 2.53 24.05 0.28
C GLN A 7 1.53 23.62 1.35
N VAL A 8 0.43 24.34 1.43
CA VAL A 8 -0.60 24.04 2.39
C VAL A 8 -1.32 22.76 1.99
N LEU A 9 -1.89 22.80 0.80
CA LEU A 9 -2.58 21.65 0.27
C LEU A 9 -1.74 20.40 0.45
N ARG A 10 -0.62 20.35 -0.27
CA ARG A 10 0.31 19.22 -0.20
C ARG A 10 0.44 18.67 1.23
N SER A 11 0.73 19.55 2.18
CA SER A 11 0.89 19.15 3.57
C SER A 11 -0.38 18.48 4.09
N LEU A 12 -1.33 19.29 4.50
CA LEU A 12 -2.60 18.78 5.02
C LEU A 12 -3.22 17.77 4.06
N ARG A 13 -2.78 17.81 2.80
CA ARG A 13 -3.28 16.89 1.80
C ARG A 13 -3.08 15.45 2.24
N LEU A 14 -1.81 15.07 2.43
CA LEU A 14 -1.47 13.73 2.85
C LEU A 14 -2.12 13.40 4.19
N GLU A 15 -2.25 14.41 5.05
CA GLU A 15 -2.87 14.23 6.36
C GLU A 15 -4.30 13.75 6.19
N LEU A 16 -5.14 14.64 5.71
CA LEU A 16 -6.54 14.32 5.47
C LEU A 16 -6.65 13.25 4.40
N GLY A 17 -5.60 13.15 3.59
CA GLY A 17 -5.59 12.17 2.52
C GLY A 17 -5.48 10.75 3.01
N ALA A 18 -5.07 10.57 4.26
CA ALA A 18 -4.93 9.25 4.85
C ALA A 18 -6.28 8.66 5.23
N GLU A 19 -7.09 9.45 5.94
CA GLU A 19 -8.41 9.00 6.37
C GLU A 19 -9.39 10.17 6.39
N VAL A 20 -10.35 10.16 5.47
CA VAL A 20 -11.34 11.23 5.40
C VAL A 20 -12.72 10.69 5.06
N LEU A 21 -13.76 11.38 5.53
CA LEU A 21 -15.13 10.97 5.26
C LEU A 21 -15.37 10.89 3.76
N VAL A 22 -16.17 9.92 3.34
CA VAL A 22 -16.47 9.74 1.92
C VAL A 22 -17.89 10.22 1.61
N GLU A 23 -18.25 10.12 0.32
CA GLU A 23 -19.57 10.54 -0.13
C GLU A 23 -19.95 11.90 0.46
N GLY A 24 -19.59 12.96 -0.25
CA GLY A 24 -19.90 14.30 0.21
C GLY A 24 -19.84 15.32 -0.91
N LEU A 25 -20.29 16.54 -0.62
CA LEU A 25 -20.30 17.60 -1.62
C LEU A 25 -19.27 18.68 -1.28
N VAL A 26 -18.17 18.69 -2.04
CA VAL A 26 -17.12 19.66 -1.84
C VAL A 26 -16.69 20.28 -3.17
N LEU A 27 -16.09 19.46 -4.03
CA LEU A 27 -15.64 19.91 -5.34
C LEU A 27 -16.81 20.43 -6.18
N GLN A 28 -18.03 20.19 -5.69
CA GLN A 28 -19.23 20.62 -6.39
C GLN A 28 -19.32 22.15 -6.37
N TYR A 29 -19.04 22.73 -5.21
CA TYR A 29 -19.07 24.17 -5.07
C TYR A 29 -17.86 24.72 -5.81
N LEU A 30 -16.83 23.90 -5.84
CA LEU A 30 -15.60 24.22 -6.51
C LEU A 30 -15.76 24.16 -8.02
N TYR A 31 -15.80 22.94 -8.55
CA TYR A 31 -15.97 22.72 -9.97
C TYR A 31 -16.88 23.79 -10.57
N GLN A 32 -17.83 24.24 -9.76
CA GLN A 32 -18.76 25.27 -10.19
C GLN A 32 -18.16 26.66 -10.05
N GLU A 33 -17.58 26.94 -8.88
CA GLU A 33 -16.97 28.24 -8.65
C GLU A 33 -15.83 28.48 -9.65
N GLY A 34 -15.15 27.40 -10.02
CA GLY A 34 -14.06 27.51 -10.97
C GLY A 34 -12.81 26.84 -10.48
N ILE A 35 -12.75 26.63 -9.17
CA ILE A 35 -11.61 25.96 -8.55
C ILE A 35 -11.02 24.95 -9.49
N LEU A 36 -11.88 24.11 -9.99
CA LEU A 36 -11.48 23.05 -10.89
C LEU A 36 -11.50 23.49 -12.34
N THR A 37 -11.20 22.54 -13.22
CA THR A 37 -11.17 22.81 -14.65
C THR A 37 -11.01 21.52 -15.45
N GLU A 38 -11.05 21.65 -16.78
CA GLU A 38 -10.90 20.51 -17.67
C GLU A 38 -9.92 19.49 -17.09
N ASN A 39 -8.78 19.99 -16.64
CA ASN A 39 -7.75 19.13 -16.06
C ASN A 39 -8.34 18.31 -14.91
N HIS A 40 -9.10 18.97 -14.05
CA HIS A 40 -9.72 18.27 -12.92
C HIS A 40 -10.79 17.32 -13.41
N ILE A 41 -11.68 17.83 -14.25
CA ILE A 41 -12.75 17.03 -14.82
C ILE A 41 -12.31 15.59 -15.03
N GLN A 42 -11.12 15.45 -15.60
CA GLN A 42 -10.55 14.15 -15.89
C GLN A 42 -10.18 13.39 -14.61
N GLU A 43 -9.39 14.02 -13.76
CA GLU A 43 -8.96 13.41 -12.52
C GLU A 43 -10.14 13.06 -11.61
N ILE A 44 -11.12 13.96 -11.50
CA ILE A 44 -12.27 13.71 -10.65
C ILE A 44 -13.06 12.53 -11.17
N ASN A 45 -13.41 12.56 -12.46
CA ASN A 45 -14.14 11.45 -13.05
C ASN A 45 -13.46 10.14 -12.68
N ALA A 46 -12.16 10.25 -12.39
CA ALA A 46 -11.37 9.09 -12.00
C ALA A 46 -11.86 8.53 -10.66
N GLN A 47 -12.13 9.43 -9.71
CA GLN A 47 -12.61 9.03 -8.38
C GLN A 47 -13.21 7.62 -8.39
N THR A 48 -14.46 7.50 -8.83
CA THR A 48 -15.14 6.21 -8.89
C THR A 48 -15.39 5.67 -7.48
N THR A 49 -14.32 5.43 -6.74
CA THR A 49 -14.42 4.90 -5.38
C THR A 49 -15.06 5.93 -4.45
N GLY A 50 -14.24 6.82 -3.90
CA GLY A 50 -14.75 7.83 -3.00
C GLY A 50 -13.65 8.63 -2.32
N LEU A 51 -12.48 8.02 -2.18
CA LEU A 51 -11.34 8.67 -1.54
C LEU A 51 -10.55 9.50 -2.55
N ARG A 52 -10.40 8.97 -3.75
CA ARG A 52 -9.66 9.65 -4.80
C ARG A 52 -10.14 11.09 -4.96
N LYS A 53 -11.42 11.31 -4.69
CA LYS A 53 -12.00 12.65 -4.80
C LYS A 53 -11.18 13.66 -3.99
N THR A 54 -11.09 13.41 -2.68
CA THR A 54 -10.33 14.28 -1.80
C THR A 54 -8.93 14.43 -2.35
N MET A 55 -8.36 13.33 -2.81
CA MET A 55 -7.03 13.34 -3.38
C MET A 55 -7.00 14.30 -4.55
N LEU A 56 -8.04 14.25 -5.37
CA LEU A 56 -8.14 15.10 -6.52
C LEU A 56 -7.81 16.53 -6.21
N LEU A 57 -8.74 17.27 -5.62
CA LEU A 57 -8.47 18.66 -5.31
C LEU A 57 -7.06 18.82 -4.77
N LEU A 58 -6.75 18.05 -3.76
CA LEU A 58 -5.44 18.08 -3.14
C LEU A 58 -4.36 17.79 -4.17
N ASP A 59 -4.76 17.08 -5.23
CA ASP A 59 -3.85 16.71 -6.31
C ASP A 59 -3.83 17.78 -7.40
N ILE A 60 -4.95 18.45 -7.56
CA ILE A 60 -5.11 19.49 -8.57
C ILE A 60 -4.67 20.86 -8.04
N LEU A 61 -5.11 21.19 -6.82
CA LEU A 61 -4.76 22.47 -6.23
C LEU A 61 -3.27 22.75 -6.42
N PRO A 62 -2.41 21.77 -6.15
CA PRO A 62 -0.97 21.94 -6.32
C PRO A 62 -0.64 22.70 -7.60
N SER A 63 -1.54 22.61 -8.58
CA SER A 63 -1.36 23.29 -9.85
C SER A 63 -2.64 24.02 -10.26
N ARG A 64 -3.39 24.48 -9.26
CA ARG A 64 -4.64 25.19 -9.51
C ARG A 64 -4.41 26.45 -10.35
N GLY A 65 -4.52 27.63 -9.71
CA GLY A 65 -4.32 28.87 -10.44
C GLY A 65 -5.28 29.97 -9.98
N PRO A 66 -6.57 29.83 -10.29
CA PRO A 66 -7.59 30.82 -9.94
C PRO A 66 -8.15 30.62 -8.52
N LYS A 67 -7.45 31.16 -7.53
CA LYS A 67 -7.88 31.05 -6.13
C LYS A 67 -8.61 29.74 -5.88
N ALA A 68 -7.95 28.64 -6.19
CA ALA A 68 -8.52 27.31 -5.98
C ALA A 68 -8.45 26.90 -4.52
N PHE A 69 -7.66 27.64 -3.75
CA PHE A 69 -7.49 27.33 -2.35
C PHE A 69 -8.60 27.90 -1.47
N ASP A 70 -8.50 29.20 -1.18
CA ASP A 70 -9.51 29.86 -0.35
C ASP A 70 -10.89 29.28 -0.60
N THR A 71 -11.16 28.98 -1.86
CA THR A 71 -12.44 28.41 -2.26
C THR A 71 -12.49 26.92 -1.93
N PHE A 72 -11.42 26.19 -2.27
CA PHE A 72 -11.37 24.76 -1.99
C PHE A 72 -11.70 24.49 -0.53
N LEU A 73 -11.44 25.47 0.32
CA LEU A 73 -11.72 25.33 1.75
C LEU A 73 -13.18 25.63 2.03
N ASP A 74 -13.71 26.60 1.32
CA ASP A 74 -15.11 26.97 1.47
C ASP A 74 -15.99 25.75 1.20
N SER A 75 -15.39 24.74 0.54
CA SER A 75 -16.09 23.50 0.22
C SER A 75 -15.94 22.49 1.33
N LEU A 76 -14.74 22.46 1.92
CA LEU A 76 -14.40 21.54 2.99
C LEU A 76 -15.61 20.94 3.69
N GLN A 77 -16.23 19.96 3.05
CA GLN A 77 -17.41 19.30 3.63
C GLN A 77 -17.31 19.15 5.15
N GLU A 78 -16.10 19.10 5.69
CA GLU A 78 -15.91 18.93 7.14
C GLU A 78 -15.13 20.08 7.76
N PHE A 79 -15.01 21.17 7.03
CA PHE A 79 -14.28 22.38 7.48
C PHE A 79 -13.99 22.38 8.99
N PRO A 80 -15.03 22.34 9.84
CA PRO A 80 -14.88 22.36 11.29
C PRO A 80 -13.58 21.73 11.78
N TRP A 81 -13.09 20.74 11.05
CA TRP A 81 -11.85 20.07 11.42
C TRP A 81 -10.85 20.06 10.28
N VAL A 82 -11.36 20.11 9.04
CA VAL A 82 -10.49 20.11 7.88
C VAL A 82 -10.03 21.53 7.54
N ARG A 83 -10.94 22.49 7.69
CA ARG A 83 -10.64 23.88 7.40
C ARG A 83 -9.70 24.46 8.45
N GLU A 84 -10.00 24.21 9.72
CA GLU A 84 -9.17 24.70 10.79
C GLU A 84 -7.80 24.07 10.71
N LYS A 85 -7.77 22.81 10.32
CA LYS A 85 -6.53 22.07 10.18
C LYS A 85 -5.84 22.44 8.87
N LEU A 86 -6.61 23.01 7.93
CA LEU A 86 -6.05 23.41 6.64
C LEU A 86 -5.35 24.74 6.74
N LYS A 87 -6.11 25.78 7.00
CA LYS A 87 -5.54 27.11 7.14
C LYS A 87 -4.50 27.04 8.24
N LYS A 88 -4.62 26.02 9.09
CA LYS A 88 -3.67 25.80 10.13
C LYS A 88 -2.38 25.31 9.50
N ALA A 89 -2.54 24.58 8.40
CA ALA A 89 -1.42 24.04 7.65
C ALA A 89 -0.91 25.07 6.66
N ARG A 90 -1.66 26.15 6.48
CA ARG A 90 -1.24 27.22 5.59
C ARG A 90 -0.22 28.04 6.33
N GLU A 91 -0.48 28.13 7.62
CA GLU A 91 0.38 28.85 8.53
C GLU A 91 1.63 28.03 8.82
N GLU A 92 1.46 26.71 8.87
CA GLU A 92 2.56 25.79 9.13
C GLU A 92 3.24 25.32 7.84
N ALA A 93 2.46 24.69 6.96
CA ALA A 93 3.00 24.19 5.69
C ALA A 93 3.62 25.31 4.87
N MET A 94 3.28 26.55 5.20
CA MET A 94 3.82 27.70 4.48
C MET A 94 5.31 27.53 4.21
N THR A 95 5.62 27.00 3.03
CA THR A 95 7.01 26.78 2.66
C THR A 95 7.76 25.98 3.73
N ASP A 96 7.26 24.79 4.02
CA ASP A 96 7.88 23.93 5.02
C ASP A 96 8.16 22.54 4.45
N LEU A 97 9.01 21.79 5.14
CA LEU A 97 9.36 20.44 4.69
C LEU A 97 8.95 19.40 5.71
N PRO A 98 7.75 18.81 5.54
CA PRO A 98 7.23 17.79 6.46
C PRO A 98 8.04 16.50 6.40
N ALA A 99 8.39 15.98 7.57
CA ALA A 99 9.17 14.75 7.66
C ALA A 99 9.21 14.21 9.08
N GLY A 100 8.20 13.44 9.45
CA GLY A 100 8.13 12.87 10.78
C GLY A 100 8.78 11.50 10.87
N MET A 1 -42.74 34.72 -1.94
CA MET A 1 -41.69 33.81 -2.43
C MET A 1 -40.34 34.52 -2.52
N GLU A 2 -39.29 33.85 -2.05
CA GLU A 2 -37.96 34.42 -2.07
C GLU A 2 -37.15 33.86 -3.23
N ALA A 3 -36.63 32.64 -3.05
CA ALA A 3 -35.82 31.99 -4.08
C ALA A 3 -34.39 32.51 -4.06
N ARG A 4 -33.61 32.05 -3.09
CA ARG A 4 -32.23 32.46 -2.96
C ARG A 4 -31.34 31.26 -2.64
N ASP A 5 -31.63 30.61 -1.52
CA ASP A 5 -30.87 29.44 -1.09
C ASP A 5 -31.21 28.24 -1.96
N LYS A 6 -32.49 28.13 -2.31
CA LYS A 6 -32.96 27.03 -3.14
C LYS A 6 -32.40 27.15 -4.55
N GLN A 7 -32.19 28.38 -4.99
CA GLN A 7 -31.64 28.63 -6.32
C GLN A 7 -30.19 28.16 -6.40
N VAL A 8 -29.48 28.34 -5.30
CA VAL A 8 -28.10 27.92 -5.21
C VAL A 8 -28.03 26.40 -5.23
N LEU A 9 -28.82 25.80 -4.35
CA LEU A 9 -28.89 24.35 -4.27
C LEU A 9 -28.97 23.76 -5.66
N ARG A 10 -30.11 24.00 -6.30
CA ARG A 10 -30.37 23.50 -7.65
C ARG A 10 -29.19 23.76 -8.59
N SER A 11 -28.83 25.02 -8.74
CA SER A 11 -27.72 25.38 -9.62
C SER A 11 -26.53 24.44 -9.42
N LEU A 12 -25.81 24.65 -8.33
CA LEU A 12 -24.66 23.81 -8.01
C LEU A 12 -25.09 22.36 -7.86
N ARG A 13 -26.37 22.14 -7.58
CA ARG A 13 -26.90 20.79 -7.41
C ARG A 13 -26.30 19.85 -8.44
N LEU A 14 -26.70 20.02 -9.69
CA LEU A 14 -26.21 19.19 -10.77
C LEU A 14 -24.75 19.52 -11.09
N GLU A 15 -24.37 20.78 -10.89
CA GLU A 15 -23.00 21.21 -11.16
C GLU A 15 -22.02 20.30 -10.44
N LEU A 16 -21.90 20.50 -9.13
CA LEU A 16 -21.01 19.68 -8.33
C LEU A 16 -21.59 18.28 -8.16
N GLY A 17 -22.88 18.14 -8.51
CA GLY A 17 -23.53 16.85 -8.39
C GLY A 17 -23.17 15.92 -9.52
N ALA A 18 -22.89 16.48 -10.69
CA ALA A 18 -22.53 15.68 -11.85
C ALA A 18 -21.19 14.98 -11.66
N GLU A 19 -20.22 15.71 -11.11
CA GLU A 19 -18.89 15.15 -10.87
C GLU A 19 -18.81 14.52 -9.48
N VAL A 20 -18.52 15.35 -8.48
CA VAL A 20 -18.41 14.87 -7.11
C VAL A 20 -17.16 14.02 -6.92
N LEU A 21 -16.49 14.20 -5.79
CA LEU A 21 -15.28 13.45 -5.49
C LEU A 21 -14.82 13.70 -4.05
N VAL A 22 -15.77 13.70 -3.13
CA VAL A 22 -15.47 13.92 -1.72
C VAL A 22 -15.59 12.64 -0.91
N GLU A 23 -15.18 12.69 0.34
CA GLU A 23 -15.24 11.53 1.23
C GLU A 23 -14.53 11.81 2.55
N GLY A 24 -15.17 12.61 3.40
CA GLY A 24 -14.57 12.94 4.69
C GLY A 24 -15.60 13.14 5.78
N LEU A 25 -16.82 12.64 5.56
CA LEU A 25 -17.89 12.77 6.55
C LEU A 25 -18.36 14.21 6.66
N VAL A 26 -19.48 14.51 6.02
CA VAL A 26 -20.06 15.84 6.06
C VAL A 26 -21.52 15.78 6.52
N LEU A 27 -22.23 14.78 6.01
CA LEU A 27 -23.64 14.58 6.38
C LEU A 27 -23.76 14.27 7.87
N GLN A 28 -22.63 14.01 8.50
CA GLN A 28 -22.61 13.70 9.93
C GLN A 28 -22.89 14.95 10.76
N TYR A 29 -22.23 16.04 10.42
CA TYR A 29 -22.45 17.31 11.09
C TYR A 29 -23.83 17.81 10.76
N LEU A 30 -24.28 17.39 9.58
CA LEU A 30 -25.57 17.74 9.05
C LEU A 30 -26.67 16.97 9.74
N TYR A 31 -26.82 15.73 9.37
CA TYR A 31 -27.84 14.87 9.94
C TYR A 31 -27.98 15.17 11.43
N GLN A 32 -26.88 15.57 12.05
CA GLN A 32 -26.89 15.90 13.46
C GLN A 32 -27.44 17.32 13.65
N GLU A 33 -26.75 18.29 13.06
CA GLU A 33 -27.19 19.67 13.15
C GLU A 33 -28.69 19.75 12.89
N GLY A 34 -29.16 18.95 11.93
CA GLY A 34 -30.57 18.93 11.60
C GLY A 34 -30.81 19.04 10.12
N ILE A 35 -29.77 19.44 9.40
CA ILE A 35 -29.86 19.57 7.96
C ILE A 35 -30.69 18.47 7.38
N LEU A 36 -30.39 17.26 7.81
CA LEU A 36 -31.06 16.09 7.30
C LEU A 36 -32.17 15.62 8.24
N THR A 37 -32.96 14.68 7.74
CA THR A 37 -34.07 14.13 8.50
C THR A 37 -34.54 12.80 7.93
N GLU A 38 -35.56 12.21 8.55
CA GLU A 38 -36.09 10.93 8.10
C GLU A 38 -36.03 10.82 6.58
N ASN A 39 -36.70 11.74 5.90
CA ASN A 39 -36.72 11.75 4.44
C ASN A 39 -35.31 11.54 3.90
N HIS A 40 -34.34 12.19 4.52
CA HIS A 40 -32.96 12.07 4.08
C HIS A 40 -32.45 10.65 4.34
N ILE A 41 -32.57 10.20 5.59
CA ILE A 41 -32.14 8.89 5.98
C ILE A 41 -32.32 7.89 4.84
N GLN A 42 -33.48 7.96 4.21
CA GLN A 42 -33.81 7.07 3.11
C GLN A 42 -32.94 7.33 1.90
N GLU A 43 -32.91 8.58 1.45
CA GLU A 43 -32.13 8.97 0.29
C GLU A 43 -30.63 8.76 0.52
N ILE A 44 -30.14 9.11 1.71
CA ILE A 44 -28.74 8.94 2.03
C ILE A 44 -28.35 7.48 2.04
N ASN A 45 -29.10 6.67 2.78
CA ASN A 45 -28.83 5.24 2.83
C ASN A 45 -28.80 4.68 1.42
N ALA A 46 -29.41 5.41 0.50
CA ALA A 46 -29.46 5.00 -0.91
C ALA A 46 -28.09 5.16 -1.56
N GLN A 47 -27.37 6.22 -1.17
CA GLN A 47 -26.03 6.50 -1.71
C GLN A 47 -25.39 5.26 -2.34
N THR A 48 -25.17 4.23 -1.53
CA THR A 48 -24.57 3.00 -2.01
C THR A 48 -23.14 3.24 -2.47
N THR A 49 -22.98 3.90 -3.62
CA THR A 49 -21.65 4.19 -4.16
C THR A 49 -20.86 5.09 -3.21
N GLY A 50 -21.14 6.38 -3.28
CA GLY A 50 -20.45 7.34 -2.42
C GLY A 50 -20.66 8.77 -2.87
N LEU A 51 -20.83 8.96 -4.17
CA LEU A 51 -21.04 10.30 -4.72
C LEU A 51 -22.49 10.75 -4.55
N ARG A 52 -23.41 9.79 -4.65
CA ARG A 52 -24.83 10.09 -4.50
C ARG A 52 -25.09 10.79 -3.17
N LYS A 53 -24.17 10.63 -2.23
CA LYS A 53 -24.29 11.26 -0.92
C LYS A 53 -24.38 12.78 -1.09
N THR A 54 -23.41 13.34 -1.82
CA THR A 54 -23.39 14.76 -2.08
C THR A 54 -24.68 15.14 -2.80
N MET A 55 -25.08 14.28 -3.74
CA MET A 55 -26.31 14.49 -4.47
C MET A 55 -27.46 14.62 -3.51
N LEU A 56 -27.46 13.75 -2.50
CA LEU A 56 -28.48 13.76 -1.50
C LEU A 56 -28.78 15.15 -1.00
N LEU A 57 -27.94 15.69 -0.14
CA LEU A 57 -28.18 17.03 0.38
C LEU A 57 -28.73 17.94 -0.70
N LEU A 58 -28.01 18.02 -1.80
CA LEU A 58 -28.42 18.86 -2.92
C LEU A 58 -29.79 18.44 -3.42
N ASP A 59 -30.14 17.18 -3.17
CA ASP A 59 -31.43 16.64 -3.59
C ASP A 59 -32.49 16.83 -2.51
N ILE A 60 -32.03 16.93 -1.27
CA ILE A 60 -32.91 17.11 -0.13
C ILE A 60 -33.16 18.59 0.17
N LEU A 61 -32.08 19.34 0.32
CA LEU A 61 -32.18 20.77 0.62
C LEU A 61 -33.34 21.42 -0.13
N PRO A 62 -33.38 21.24 -1.46
CA PRO A 62 -34.44 21.81 -2.30
C PRO A 62 -35.78 21.12 -2.12
N SER A 63 -35.75 19.91 -1.56
CA SER A 63 -36.96 19.15 -1.33
C SER A 63 -37.18 18.89 0.16
N ARG A 64 -36.53 19.68 0.99
CA ARG A 64 -36.65 19.54 2.44
C ARG A 64 -36.98 20.87 3.10
N GLY A 65 -36.43 21.96 2.55
CA GLY A 65 -36.68 23.28 3.12
C GLY A 65 -35.49 24.20 2.94
N PRO A 66 -35.74 25.51 2.77
CA PRO A 66 -34.69 26.51 2.59
C PRO A 66 -34.15 27.03 3.92
N LYS A 67 -32.90 26.68 4.23
CA LYS A 67 -32.27 27.11 5.48
C LYS A 67 -31.08 26.22 5.82
N ALA A 68 -31.08 25.01 5.28
CA ALA A 68 -30.02 24.04 5.52
C ALA A 68 -28.72 24.44 4.83
N PHE A 69 -28.79 25.43 3.96
CA PHE A 69 -27.61 25.86 3.22
C PHE A 69 -26.46 26.25 4.14
N ASP A 70 -26.53 27.44 4.72
CA ASP A 70 -25.48 27.94 5.61
C ASP A 70 -24.82 26.79 6.37
N THR A 71 -25.63 25.85 6.83
CA THR A 71 -25.13 24.71 7.58
C THR A 71 -24.55 23.66 6.63
N PHE A 72 -25.33 23.23 5.65
CA PHE A 72 -24.86 22.24 4.68
C PHE A 72 -23.48 22.63 4.16
N LEU A 73 -23.18 23.92 4.19
CA LEU A 73 -21.88 24.40 3.73
C LEU A 73 -20.85 24.24 4.82
N ASP A 74 -21.29 24.42 6.05
CA ASP A 74 -20.40 24.27 7.20
C ASP A 74 -19.83 22.85 7.22
N SER A 75 -20.46 21.96 6.46
CA SER A 75 -20.01 20.57 6.36
C SER A 75 -19.04 20.40 5.21
N LEU A 76 -19.29 21.16 4.14
CA LEU A 76 -18.49 21.12 2.92
C LEU A 76 -17.10 20.52 3.13
N GLN A 77 -17.04 19.21 3.21
CA GLN A 77 -15.78 18.51 3.39
C GLN A 77 -14.59 19.24 2.73
N GLU A 78 -14.85 19.97 1.64
CA GLU A 78 -13.78 20.67 0.92
C GLU A 78 -14.00 22.19 0.86
N PHE A 79 -14.94 22.67 1.66
CA PHE A 79 -15.29 24.10 1.69
C PHE A 79 -14.31 25.02 0.95
N PRO A 80 -13.03 25.06 1.36
CA PRO A 80 -12.02 25.92 0.73
C PRO A 80 -12.22 26.09 -0.78
N TRP A 81 -12.83 25.11 -1.42
CA TRP A 81 -13.07 25.17 -2.85
C TRP A 81 -14.54 24.92 -3.19
N VAL A 82 -15.23 24.20 -2.32
CA VAL A 82 -16.65 23.91 -2.55
C VAL A 82 -17.51 25.02 -1.97
N ARG A 83 -17.14 25.49 -0.77
CA ARG A 83 -17.88 26.56 -0.11
C ARG A 83 -17.79 27.84 -0.91
N GLU A 84 -16.59 28.16 -1.38
CA GLU A 84 -16.40 29.35 -2.17
C GLU A 84 -17.16 29.21 -3.48
N LYS A 85 -17.10 28.00 -4.04
CA LYS A 85 -17.80 27.71 -5.28
C LYS A 85 -19.31 27.60 -5.04
N LEU A 86 -19.69 27.31 -3.79
CA LEU A 86 -21.09 27.19 -3.45
C LEU A 86 -21.73 28.55 -3.24
N LYS A 87 -21.28 29.25 -2.22
CA LYS A 87 -21.79 30.58 -1.95
C LYS A 87 -21.58 31.42 -3.19
N LYS A 88 -20.66 30.97 -4.04
CA LYS A 88 -20.41 31.63 -5.28
C LYS A 88 -21.63 31.43 -6.16
N ALA A 89 -22.22 30.23 -6.04
CA ALA A 89 -23.41 29.89 -6.78
C ALA A 89 -24.64 30.51 -6.12
N ARG A 90 -24.46 31.02 -4.90
CA ARG A 90 -25.54 31.68 -4.19
C ARG A 90 -25.63 33.08 -4.74
N GLU A 91 -24.46 33.59 -5.05
CA GLU A 91 -24.33 34.92 -5.62
C GLU A 91 -24.72 34.88 -7.09
N GLU A 92 -24.41 33.74 -7.73
CA GLU A 92 -24.71 33.55 -9.15
C GLU A 92 -26.09 32.92 -9.35
N ALA A 93 -26.28 31.72 -8.81
CA ALA A 93 -27.55 31.01 -8.95
C ALA A 93 -28.71 31.83 -8.40
N MET A 94 -28.39 32.83 -7.58
CA MET A 94 -29.41 33.70 -6.99
C MET A 94 -30.50 33.98 -8.01
N THR A 95 -30.10 34.11 -9.27
CA THR A 95 -31.05 34.38 -10.35
C THR A 95 -30.58 33.74 -11.65
N ASP A 96 -31.31 32.73 -12.11
CA ASP A 96 -30.97 32.04 -13.34
C ASP A 96 -31.71 32.63 -14.54
N LEU A 97 -33.04 32.48 -14.52
CA LEU A 97 -33.87 32.99 -15.61
C LEU A 97 -33.52 32.29 -16.93
N PRO A 98 -34.37 31.37 -17.38
CA PRO A 98 -34.16 30.62 -18.62
C PRO A 98 -34.18 31.53 -19.84
N ALA A 99 -33.01 32.08 -20.17
CA ALA A 99 -32.88 32.96 -21.32
C ALA A 99 -31.54 32.77 -22.01
N GLY A 100 -30.47 32.80 -21.21
CA GLY A 100 -29.14 32.63 -21.76
C GLY A 100 -28.49 31.34 -21.32
N MET A 1 4.60 -18.96 15.52
CA MET A 1 4.07 -20.00 16.43
C MET A 1 2.66 -20.41 16.03
N GLU A 2 1.68 -19.61 16.43
CA GLU A 2 0.29 -19.89 16.11
C GLU A 2 -0.46 -18.60 15.75
N ALA A 3 -0.48 -18.29 14.45
CA ALA A 3 -1.17 -17.10 13.96
C ALA A 3 -2.57 -16.98 14.54
N ARG A 4 -2.77 -15.99 15.39
CA ARG A 4 -4.07 -15.76 16.01
C ARG A 4 -4.16 -14.34 16.53
N ASP A 5 -3.37 -14.03 17.57
CA ASP A 5 -3.35 -12.70 18.16
C ASP A 5 -2.64 -11.73 17.23
N LYS A 6 -1.62 -12.24 16.55
CA LYS A 6 -0.84 -11.45 15.61
C LYS A 6 -1.66 -11.12 14.37
N GLN A 7 -2.56 -12.03 13.99
CA GLN A 7 -3.40 -11.84 12.82
C GLN A 7 -4.39 -10.70 13.04
N VAL A 8 -4.97 -10.65 14.22
CA VAL A 8 -5.91 -9.62 14.56
C VAL A 8 -5.21 -8.28 14.57
N LEU A 9 -4.07 -8.26 15.25
CA LEU A 9 -3.27 -7.06 15.33
C LEU A 9 -3.23 -6.39 13.97
N ARG A 10 -2.48 -7.00 13.07
CA ARG A 10 -2.33 -6.49 11.71
C ARG A 10 -3.66 -5.97 11.15
N SER A 11 -4.70 -6.79 11.19
CA SER A 11 -6.00 -6.40 10.66
C SER A 11 -6.46 -5.07 11.26
N LEU A 12 -7.03 -5.12 12.45
CA LEU A 12 -7.51 -3.91 13.11
C LEU A 12 -6.38 -2.92 13.32
N ARG A 13 -5.14 -3.38 13.17
CA ARG A 13 -3.99 -2.49 13.35
C ARG A 13 -4.12 -1.27 12.44
N LEU A 14 -4.28 -1.53 11.15
CA LEU A 14 -4.41 -0.46 10.18
C LEU A 14 -5.77 0.22 10.25
N GLU A 15 -6.80 -0.56 10.59
CA GLU A 15 -8.15 -0.02 10.69
C GLU A 15 -8.20 1.12 11.69
N LEU A 16 -8.23 0.77 12.98
CA LEU A 16 -8.26 1.77 14.03
C LEU A 16 -6.95 2.53 14.09
N GLY A 17 -5.93 2.00 13.41
CA GLY A 17 -4.63 2.64 13.41
C GLY A 17 -4.48 3.63 12.27
N ALA A 18 -5.38 3.56 11.30
CA ALA A 18 -5.33 4.44 10.14
C ALA A 18 -5.26 5.90 10.58
N GLU A 19 -6.30 6.37 11.26
CA GLU A 19 -6.34 7.74 11.73
C GLU A 19 -7.15 7.86 13.03
N VAL A 20 -6.48 7.64 14.15
CA VAL A 20 -7.13 7.72 15.46
C VAL A 20 -6.11 7.86 16.57
N LEU A 21 -6.29 8.85 17.43
CA LEU A 21 -5.38 9.10 18.53
C LEU A 21 -6.10 9.01 19.87
N VAL A 22 -7.23 9.71 19.98
CA VAL A 22 -8.02 9.69 21.22
C VAL A 22 -7.12 9.87 22.44
N GLU A 23 -7.71 9.76 23.62
CA GLU A 23 -6.97 9.90 24.87
C GLU A 23 -7.34 8.81 25.86
N GLY A 24 -6.34 8.10 26.36
CA GLY A 24 -6.58 7.04 27.32
C GLY A 24 -5.38 6.75 28.19
N LEU A 25 -5.25 5.51 28.63
CA LEU A 25 -4.13 5.10 29.48
C LEU A 25 -3.82 3.62 29.31
N VAL A 26 -4.10 3.10 28.12
CA VAL A 26 -3.86 1.70 27.82
C VAL A 26 -2.38 1.35 27.97
N LEU A 27 -1.52 2.30 27.58
CA LEU A 27 -0.08 2.11 27.67
C LEU A 27 0.35 1.87 29.11
N GLN A 28 -0.56 2.11 30.05
CA GLN A 28 -0.25 1.94 31.46
C GLN A 28 -0.56 0.53 31.94
N TYR A 29 -1.81 0.11 31.77
CA TYR A 29 -2.21 -1.23 32.18
C TYR A 29 -1.35 -2.24 31.45
N LEU A 30 -1.02 -1.86 30.24
CA LEU A 30 -0.22 -2.68 29.34
C LEU A 30 1.20 -2.82 29.81
N TYR A 31 1.97 -1.79 29.54
CA TYR A 31 3.38 -1.78 29.88
C TYR A 31 3.57 -2.13 31.35
N GLN A 32 2.50 -2.01 32.14
CA GLN A 32 2.56 -2.35 33.54
C GLN A 32 2.17 -3.81 33.72
N GLU A 33 1.23 -4.27 32.90
CA GLU A 33 0.79 -5.65 32.95
C GLU A 33 1.87 -6.56 32.39
N GLY A 34 2.60 -6.06 31.39
CA GLY A 34 3.66 -6.84 30.79
C GLY A 34 3.59 -6.83 29.28
N ILE A 35 2.41 -6.52 28.75
CA ILE A 35 2.20 -6.46 27.32
C ILE A 35 3.45 -6.00 26.62
N LEU A 36 3.98 -4.93 27.15
CA LEU A 36 5.15 -4.28 26.62
C LEU A 36 6.43 -5.05 26.91
N THR A 37 7.50 -4.64 26.25
CA THR A 37 8.80 -5.23 26.42
C THR A 37 9.88 -4.35 25.78
N GLU A 38 11.14 -4.75 25.93
CA GLU A 38 12.26 -4.00 25.36
C GLU A 38 11.87 -3.29 24.07
N ASN A 39 11.53 -4.07 23.05
CA ASN A 39 11.15 -3.53 21.75
C ASN A 39 10.15 -2.40 21.90
N HIS A 40 9.31 -2.46 22.94
CA HIS A 40 8.31 -1.43 23.17
C HIS A 40 8.94 -0.12 23.59
N ILE A 41 9.37 -0.06 24.85
CA ILE A 41 9.99 1.12 25.43
C ILE A 41 10.65 1.97 24.35
N GLN A 42 11.32 1.29 23.45
CA GLN A 42 12.00 1.96 22.35
C GLN A 42 11.00 2.66 21.44
N GLU A 43 10.08 1.87 20.87
CA GLU A 43 9.07 2.42 19.99
C GLU A 43 8.18 3.41 20.73
N ILE A 44 7.87 3.14 22.00
CA ILE A 44 7.03 4.02 22.77
C ILE A 44 7.72 5.37 22.93
N ASN A 45 8.96 5.35 23.40
CA ASN A 45 9.72 6.58 23.56
C ASN A 45 9.51 7.43 22.32
N ALA A 46 9.27 6.76 21.20
CA ALA A 46 9.03 7.42 19.92
C ALA A 46 7.72 8.20 19.97
N GLN A 47 6.66 7.57 20.53
CA GLN A 47 5.34 8.20 20.64
C GLN A 47 5.43 9.72 20.56
N THR A 48 5.76 10.35 21.69
CA THR A 48 5.85 11.80 21.73
C THR A 48 4.47 12.42 21.56
N THR A 49 3.85 12.15 20.42
CA THR A 49 2.52 12.65 20.13
C THR A 49 1.46 11.81 20.84
N GLY A 50 0.30 11.65 20.21
CA GLY A 50 -0.76 10.85 20.80
C GLY A 50 -1.25 9.75 19.89
N LEU A 51 -0.87 9.83 18.61
CA LEU A 51 -1.30 8.82 17.64
C LEU A 51 -0.29 7.68 17.54
N ARG A 52 0.99 8.01 17.51
CA ARG A 52 2.04 7.01 17.41
C ARG A 52 1.97 6.00 18.56
N LYS A 53 1.26 6.35 19.61
CA LYS A 53 1.11 5.47 20.77
C LYS A 53 0.35 4.21 20.38
N THR A 54 -0.90 4.38 19.95
CA THR A 54 -1.71 3.25 19.53
C THR A 54 -0.96 2.48 18.46
N MET A 55 -0.27 3.22 17.59
CA MET A 55 0.52 2.60 16.54
C MET A 55 1.54 1.68 17.15
N LEU A 56 2.12 2.12 18.24
CA LEU A 56 3.12 1.34 18.93
C LEU A 56 2.63 -0.06 19.21
N LEU A 57 1.76 -0.22 20.19
CA LEU A 57 1.26 -1.55 20.51
C LEU A 57 1.07 -2.39 19.27
N LEU A 58 0.28 -1.87 18.34
CA LEU A 58 0.03 -2.56 17.08
C LEU A 58 1.34 -2.86 16.35
N ASP A 59 2.33 -2.01 16.60
CA ASP A 59 3.65 -2.14 15.98
C ASP A 59 4.57 -3.04 16.79
N ILE A 60 4.30 -3.15 18.08
CA ILE A 60 5.09 -3.95 19.00
C ILE A 60 4.59 -5.39 19.07
N LEU A 61 3.27 -5.53 19.20
CA LEU A 61 2.66 -6.85 19.29
C LEU A 61 3.25 -7.80 18.25
N PRO A 62 3.34 -7.36 16.99
CA PRO A 62 3.92 -8.18 15.93
C PRO A 62 5.10 -8.99 16.41
N SER A 63 5.78 -8.49 17.43
CA SER A 63 6.95 -9.17 18.00
C SER A 63 6.87 -9.18 19.53
N ARG A 64 5.64 -9.24 20.05
CA ARG A 64 5.44 -9.25 21.50
C ARG A 64 6.06 -10.50 22.12
N GLY A 65 5.23 -11.52 22.34
CA GLY A 65 5.72 -12.75 22.94
C GLY A 65 4.61 -13.75 23.21
N PRO A 66 3.92 -13.61 24.35
CA PRO A 66 2.83 -14.51 24.72
C PRO A 66 1.51 -14.16 24.04
N LYS A 67 0.67 -13.36 24.70
CA LYS A 67 -0.61 -12.96 24.15
C LYS A 67 -0.93 -11.51 24.51
N ALA A 68 -0.16 -10.59 23.95
CA ALA A 68 -0.34 -9.17 24.22
C ALA A 68 -1.73 -8.69 23.83
N PHE A 69 -2.46 -9.53 23.10
CA PHE A 69 -3.80 -9.16 22.67
C PHE A 69 -4.81 -9.21 23.81
N ASP A 70 -5.21 -10.43 24.20
CA ASP A 70 -6.17 -10.59 25.29
C ASP A 70 -5.96 -9.52 26.35
N THR A 71 -4.71 -9.12 26.54
CA THR A 71 -4.36 -8.10 27.51
C THR A 71 -4.44 -6.71 26.88
N PHE A 72 -3.95 -6.60 25.66
CA PHE A 72 -3.99 -5.33 24.95
C PHE A 72 -5.42 -4.81 24.89
N LEU A 73 -6.37 -5.74 24.79
CA LEU A 73 -7.78 -5.38 24.76
C LEU A 73 -8.26 -5.07 26.16
N ASP A 74 -7.77 -5.83 27.13
CA ASP A 74 -8.16 -5.60 28.52
C ASP A 74 -7.82 -4.18 28.91
N SER A 75 -6.96 -3.54 28.12
CA SER A 75 -6.55 -2.16 28.36
C SER A 75 -7.47 -1.20 27.63
N LEU A 76 -7.90 -1.61 26.44
CA LEU A 76 -8.77 -0.80 25.59
C LEU A 76 -9.61 0.22 26.37
N GLN A 77 -9.01 1.34 26.70
CA GLN A 77 -9.70 2.39 27.45
C GLN A 77 -11.15 2.59 26.99
N GLU A 78 -11.46 2.20 25.75
CA GLU A 78 -12.82 2.36 25.23
C GLU A 78 -13.45 1.05 24.78
N PHE A 79 -12.84 -0.05 25.20
CA PHE A 79 -13.30 -1.41 24.83
C PHE A 79 -14.72 -1.44 24.26
N PRO A 80 -15.73 -0.98 25.03
CA PRO A 80 -17.12 -0.98 24.60
C PRO A 80 -17.30 -0.86 23.10
N TRP A 81 -16.40 -0.13 22.45
CA TRP A 81 -16.47 0.05 21.01
C TRP A 81 -15.17 -0.34 20.33
N VAL A 82 -14.06 -0.25 21.06
CA VAL A 82 -12.76 -0.59 20.50
C VAL A 82 -12.49 -2.08 20.62
N ARG A 83 -12.91 -2.67 21.74
CA ARG A 83 -12.72 -4.09 21.99
C ARG A 83 -13.68 -4.90 21.12
N GLU A 84 -14.88 -4.35 20.93
CA GLU A 84 -15.87 -5.02 20.12
C GLU A 84 -15.42 -5.09 18.68
N LYS A 85 -14.94 -3.97 18.16
CA LYS A 85 -14.45 -3.92 16.80
C LYS A 85 -13.14 -4.70 16.69
N LEU A 86 -12.46 -4.87 17.82
CA LEU A 86 -11.20 -5.59 17.85
C LEU A 86 -11.44 -7.09 17.84
N LYS A 87 -12.04 -7.59 18.89
CA LYS A 87 -12.35 -9.00 19.00
C LYS A 87 -13.11 -9.42 17.77
N LYS A 88 -13.74 -8.46 17.11
CA LYS A 88 -14.45 -8.75 15.89
C LYS A 88 -13.43 -9.12 14.82
N ALA A 89 -12.33 -8.36 14.82
CA ALA A 89 -11.26 -8.58 13.87
C ALA A 89 -10.43 -9.79 14.28
N ARG A 90 -10.63 -10.27 15.51
CA ARG A 90 -9.92 -11.43 15.99
C ARG A 90 -10.61 -12.65 15.44
N GLU A 91 -11.91 -12.51 15.33
CA GLU A 91 -12.77 -13.54 14.80
C GLU A 91 -12.54 -13.70 13.30
N GLU A 92 -12.36 -12.58 12.62
CA GLU A 92 -12.14 -12.56 11.17
C GLU A 92 -10.65 -12.60 10.81
N ALA A 93 -9.89 -11.64 11.29
CA ALA A 93 -8.46 -11.57 10.99
C ALA A 93 -7.76 -12.89 11.28
N MET A 94 -8.35 -13.68 12.17
CA MET A 94 -7.78 -14.97 12.54
C MET A 94 -8.29 -16.07 11.61
N THR A 95 -7.53 -16.37 10.57
CA THR A 95 -7.90 -17.40 9.61
C THR A 95 -6.67 -17.97 8.91
N ASP A 96 -6.62 -19.30 8.78
CA ASP A 96 -5.51 -19.96 8.12
C ASP A 96 -5.95 -20.58 6.81
N LEU A 97 -5.03 -20.69 5.86
CA LEU A 97 -5.33 -21.27 4.56
C LEU A 97 -4.70 -22.65 4.42
N PRO A 98 -5.16 -23.43 3.42
CA PRO A 98 -4.66 -24.78 3.17
C PRO A 98 -3.32 -24.78 2.44
N ALA A 99 -2.93 -23.61 1.94
CA ALA A 99 -1.67 -23.47 1.21
C ALA A 99 -0.82 -22.37 1.82
N GLY A 100 0.27 -22.01 1.12
CA GLY A 100 1.16 -20.98 1.62
C GLY A 100 0.86 -19.62 1.00
N MET A 1 -22.51 -26.09 -8.43
CA MET A 1 -23.27 -26.25 -9.70
C MET A 1 -23.10 -25.03 -10.61
N GLU A 2 -23.29 -23.84 -10.05
CA GLU A 2 -23.16 -22.61 -10.81
C GLU A 2 -23.35 -21.40 -9.91
N ALA A 3 -23.07 -20.21 -10.44
CA ALA A 3 -23.22 -18.98 -9.68
C ALA A 3 -22.35 -18.99 -8.43
N ARG A 4 -21.05 -19.20 -8.62
CA ARG A 4 -20.11 -19.25 -7.51
C ARG A 4 -18.96 -18.26 -7.74
N ASP A 5 -18.28 -18.42 -8.87
CA ASP A 5 -17.17 -17.55 -9.21
C ASP A 5 -17.69 -16.16 -9.54
N LYS A 6 -18.79 -16.13 -10.28
CA LYS A 6 -19.42 -14.87 -10.66
C LYS A 6 -19.87 -14.11 -9.42
N GLN A 7 -20.34 -14.83 -8.41
CA GLN A 7 -20.79 -14.22 -7.17
C GLN A 7 -19.64 -13.50 -6.49
N VAL A 8 -18.46 -14.05 -6.63
CA VAL A 8 -17.26 -13.47 -6.06
C VAL A 8 -17.01 -12.12 -6.71
N LEU A 9 -17.06 -12.11 -8.03
CA LEU A 9 -16.87 -10.90 -8.79
C LEU A 9 -17.66 -9.77 -8.15
N ARG A 10 -18.97 -9.82 -8.33
CA ARG A 10 -19.86 -8.81 -7.78
C ARG A 10 -19.44 -8.36 -6.40
N SER A 11 -19.22 -9.32 -5.50
CA SER A 11 -18.81 -9.01 -4.13
C SER A 11 -17.58 -8.10 -4.11
N LEU A 12 -16.41 -8.72 -4.25
CA LEU A 12 -15.16 -7.98 -4.25
C LEU A 12 -15.14 -6.94 -5.38
N ARG A 13 -16.08 -7.06 -6.30
CA ARG A 13 -16.14 -6.13 -7.43
C ARG A 13 -16.26 -4.69 -6.92
N LEU A 14 -17.38 -4.40 -6.25
CA LEU A 14 -17.62 -3.06 -5.72
C LEU A 14 -16.64 -2.73 -4.61
N GLU A 15 -16.27 -3.74 -3.82
CA GLU A 15 -15.33 -3.53 -2.71
C GLU A 15 -14.09 -2.82 -3.21
N LEU A 16 -13.19 -3.58 -3.80
CA LEU A 16 -11.96 -3.01 -4.33
C LEU A 16 -12.28 -2.11 -5.54
N GLY A 17 -13.52 -2.22 -6.02
CA GLY A 17 -13.92 -1.41 -7.16
C GLY A 17 -14.23 0.03 -6.78
N ALA A 18 -14.52 0.25 -5.49
CA ALA A 18 -14.83 1.59 -5.01
C ALA A 18 -13.57 2.35 -4.60
N GLU A 19 -12.64 1.65 -3.97
CA GLU A 19 -11.40 2.27 -3.51
C GLU A 19 -10.29 2.12 -4.55
N VAL A 20 -9.56 1.01 -4.47
CA VAL A 20 -8.46 0.73 -5.39
C VAL A 20 -7.48 1.90 -5.45
N LEU A 21 -6.27 1.62 -5.94
CA LEU A 21 -5.24 2.64 -6.05
C LEU A 21 -5.04 3.06 -7.50
N VAL A 22 -3.96 3.79 -7.76
CA VAL A 22 -3.65 4.26 -9.11
C VAL A 22 -2.65 3.33 -9.79
N GLU A 23 -2.55 3.47 -11.12
CA GLU A 23 -1.62 2.65 -11.90
C GLU A 23 -1.78 1.17 -11.57
N GLY A 24 -1.10 0.33 -12.35
CA GLY A 24 -1.17 -1.11 -12.12
C GLY A 24 -1.43 -1.88 -13.40
N LEU A 25 -0.50 -2.75 -13.76
CA LEU A 25 -0.63 -3.56 -14.98
C LEU A 25 -1.21 -4.92 -14.67
N VAL A 26 -2.54 -5.01 -14.61
CA VAL A 26 -3.21 -6.27 -14.33
C VAL A 26 -3.88 -6.83 -15.59
N LEU A 27 -4.60 -5.96 -16.30
CA LEU A 27 -5.28 -6.36 -17.53
C LEU A 27 -4.28 -6.83 -18.59
N GLN A 28 -3.00 -6.59 -18.33
CA GLN A 28 -1.96 -6.99 -19.26
C GLN A 28 -1.80 -8.50 -19.30
N TYR A 29 -1.71 -9.11 -18.12
CA TYR A 29 -1.60 -10.56 -18.02
C TYR A 29 -2.91 -11.16 -18.48
N LEU A 30 -3.95 -10.39 -18.24
CA LEU A 30 -5.31 -10.75 -18.58
C LEU A 30 -5.53 -10.69 -20.08
N TYR A 31 -5.73 -9.48 -20.58
CA TYR A 31 -5.96 -9.28 -22.00
C TYR A 31 -5.09 -10.23 -22.81
N GLN A 32 -3.92 -10.56 -22.26
CA GLN A 32 -3.01 -11.47 -22.91
C GLN A 32 -3.47 -12.90 -22.71
N GLU A 33 -3.60 -13.30 -21.45
CA GLU A 33 -4.06 -14.65 -21.14
C GLU A 33 -5.35 -14.94 -21.89
N GLY A 34 -6.18 -13.92 -22.02
CA GLY A 34 -7.44 -14.07 -22.73
C GLY A 34 -8.62 -13.60 -21.91
N ILE A 35 -8.37 -13.41 -20.62
CA ILE A 35 -9.41 -12.93 -19.72
C ILE A 35 -10.25 -11.90 -20.41
N LEU A 36 -9.58 -10.96 -21.03
CA LEU A 36 -10.26 -9.88 -21.73
C LEU A 36 -10.45 -10.20 -23.19
N THR A 37 -11.30 -9.41 -23.84
CA THR A 37 -11.60 -9.63 -25.26
C THR A 37 -12.11 -8.35 -25.91
N GLU A 38 -12.34 -8.42 -27.22
CA GLU A 38 -12.84 -7.28 -27.98
C GLU A 38 -13.78 -6.43 -27.13
N ASN A 39 -14.84 -7.07 -26.65
CA ASN A 39 -15.83 -6.38 -25.83
C ASN A 39 -15.13 -5.60 -24.72
N HIS A 40 -14.12 -6.19 -24.12
CA HIS A 40 -13.38 -5.53 -23.05
C HIS A 40 -12.68 -4.29 -23.58
N ILE A 41 -11.91 -4.45 -24.65
CA ILE A 41 -11.19 -3.35 -25.26
C ILE A 41 -12.03 -2.08 -25.18
N GLN A 42 -13.31 -2.24 -25.50
CA GLN A 42 -14.25 -1.13 -25.49
C GLN A 42 -14.37 -0.53 -24.09
N GLU A 43 -14.86 -1.33 -23.16
CA GLU A 43 -15.03 -0.88 -21.79
C GLU A 43 -13.71 -0.36 -21.22
N ILE A 44 -12.64 -1.10 -21.46
CA ILE A 44 -11.33 -0.71 -21.00
C ILE A 44 -10.95 0.66 -21.54
N ASN A 45 -11.14 0.86 -22.83
CA ASN A 45 -10.85 2.14 -23.45
C ASN A 45 -11.58 3.23 -22.68
N ALA A 46 -12.64 2.82 -21.98
CA ALA A 46 -13.44 3.74 -21.18
C ALA A 46 -12.67 4.22 -19.95
N GLN A 47 -11.87 3.31 -19.37
CA GLN A 47 -11.07 3.63 -18.18
C GLN A 47 -10.87 5.14 -18.00
N THR A 48 -10.05 5.71 -18.87
CA THR A 48 -9.76 7.15 -18.81
C THR A 48 -9.21 7.56 -17.45
N THR A 49 -10.09 7.62 -16.46
CA THR A 49 -9.70 8.01 -15.11
C THR A 49 -8.45 7.24 -14.66
N GLY A 50 -8.66 6.03 -14.15
CA GLY A 50 -7.55 5.21 -13.69
C GLY A 50 -8.00 4.05 -12.82
N LEU A 51 -9.05 4.28 -12.04
CA LEU A 51 -9.58 3.24 -11.17
C LEU A 51 -10.61 2.38 -11.90
N ARG A 52 -11.16 2.92 -12.97
CA ARG A 52 -12.16 2.20 -13.76
C ARG A 52 -11.58 0.89 -14.27
N LYS A 53 -10.35 0.93 -14.76
CA LYS A 53 -9.69 -0.28 -15.26
C LYS A 53 -10.05 -1.47 -14.37
N THR A 54 -9.69 -1.37 -13.09
CA THR A 54 -10.00 -2.41 -12.15
C THR A 54 -11.48 -2.73 -12.25
N MET A 55 -12.29 -1.68 -12.34
CA MET A 55 -13.72 -1.83 -12.48
C MET A 55 -14.03 -2.72 -13.67
N LEU A 56 -13.35 -2.45 -14.78
CA LEU A 56 -13.53 -3.22 -15.98
C LEU A 56 -13.61 -4.69 -15.69
N LEU A 57 -12.47 -5.33 -15.46
CA LEU A 57 -12.48 -6.75 -15.18
C LEU A 57 -13.66 -7.13 -14.31
N LEU A 58 -13.76 -6.48 -13.17
CA LEU A 58 -14.85 -6.72 -12.24
C LEU A 58 -16.19 -6.51 -12.94
N ASP A 59 -16.16 -5.67 -13.98
CA ASP A 59 -17.36 -5.35 -14.76
C ASP A 59 -17.53 -6.30 -15.93
N ILE A 60 -16.42 -6.84 -16.43
CA ILE A 60 -16.43 -7.75 -17.56
C ILE A 60 -16.57 -9.20 -17.12
N LEU A 61 -15.81 -9.58 -16.11
CA LEU A 61 -15.84 -10.94 -15.60
C LEU A 61 -17.28 -11.45 -15.51
N PRO A 62 -18.18 -10.64 -14.91
CA PRO A 62 -19.59 -11.01 -14.77
C PRO A 62 -20.15 -11.65 -16.04
N SER A 63 -19.53 -11.31 -17.18
CA SER A 63 -19.96 -11.86 -18.46
C SER A 63 -18.77 -12.41 -19.23
N ARG A 64 -17.76 -12.89 -18.49
CA ARG A 64 -16.56 -13.45 -19.10
C ARG A 64 -16.89 -14.66 -19.96
N GLY A 65 -17.53 -15.66 -19.34
CA GLY A 65 -17.90 -16.86 -20.07
C GLY A 65 -17.42 -18.12 -19.37
N PRO A 66 -16.10 -18.40 -19.42
CA PRO A 66 -15.51 -19.58 -18.80
C PRO A 66 -15.17 -19.37 -17.32
N LYS A 67 -13.92 -19.06 -17.03
CA LYS A 67 -13.48 -18.83 -15.66
C LYS A 67 -12.36 -17.80 -15.61
N ALA A 68 -12.65 -16.60 -16.09
CA ALA A 68 -11.68 -15.52 -16.11
C ALA A 68 -11.20 -15.17 -14.71
N PHE A 69 -11.88 -15.68 -13.70
CA PHE A 69 -11.53 -15.38 -12.32
C PHE A 69 -10.16 -15.96 -11.95
N ASP A 70 -10.10 -17.28 -11.75
CA ASP A 70 -8.85 -17.93 -11.38
C ASP A 70 -7.66 -17.24 -12.05
N THR A 71 -7.88 -16.76 -13.27
CA THR A 71 -6.85 -16.07 -14.04
C THR A 71 -6.82 -14.59 -13.69
N PHE A 72 -8.00 -13.98 -13.55
CA PHE A 72 -8.08 -12.56 -13.21
C PHE A 72 -7.40 -12.34 -11.86
N LEU A 73 -7.33 -13.40 -11.05
CA LEU A 73 -6.69 -13.33 -9.75
C LEU A 73 -5.19 -13.56 -9.92
N ASP A 74 -4.85 -14.39 -10.89
CA ASP A 74 -3.46 -14.70 -11.17
C ASP A 74 -2.72 -13.44 -11.61
N SER A 75 -3.48 -12.43 -12.01
CA SER A 75 -2.92 -11.16 -12.46
C SER A 75 -2.78 -10.21 -11.29
N LEU A 76 -3.75 -10.28 -10.39
CA LEU A 76 -3.82 -9.44 -9.19
C LEU A 76 -2.49 -8.80 -8.84
N GLN A 77 -2.12 -7.76 -9.57
CA GLN A 77 -0.87 -7.05 -9.31
C GLN A 77 -0.51 -7.01 -7.81
N GLU A 78 -1.50 -7.07 -6.92
CA GLU A 78 -1.25 -7.01 -5.48
C GLU A 78 -1.74 -8.27 -4.75
N PHE A 79 -2.07 -9.29 -5.50
CA PHE A 79 -2.59 -10.57 -4.96
C PHE A 79 -2.43 -10.72 -3.44
N PRO A 80 -1.20 -10.68 -2.91
CA PRO A 80 -0.94 -10.84 -1.48
C PRO A 80 -2.05 -10.27 -0.60
N TRP A 81 -2.75 -9.26 -1.09
CA TRP A 81 -3.83 -8.66 -0.33
C TRP A 81 -5.13 -8.65 -1.13
N VAL A 82 -5.01 -8.59 -2.45
CA VAL A 82 -6.19 -8.59 -3.32
C VAL A 82 -6.66 -10.00 -3.61
N ARG A 83 -5.71 -10.91 -3.77
CA ARG A 83 -6.03 -12.31 -4.06
C ARG A 83 -6.60 -13.00 -2.83
N GLU A 84 -5.98 -12.79 -1.68
CA GLU A 84 -6.44 -13.38 -0.44
C GLU A 84 -7.84 -12.87 -0.14
N LYS A 85 -8.02 -11.57 -0.30
CA LYS A 85 -9.32 -10.95 -0.06
C LYS A 85 -10.30 -11.38 -1.14
N LEU A 86 -9.78 -11.83 -2.28
CA LEU A 86 -10.62 -12.27 -3.38
C LEU A 86 -11.14 -13.66 -3.14
N LYS A 87 -10.21 -14.61 -3.06
CA LYS A 87 -10.57 -15.98 -2.78
C LYS A 87 -11.32 -16.02 -1.47
N LYS A 88 -11.15 -14.97 -0.68
CA LYS A 88 -11.83 -14.84 0.56
C LYS A 88 -13.28 -14.47 0.28
N ALA A 89 -13.47 -13.77 -0.84
CA ALA A 89 -14.79 -13.36 -1.28
C ALA A 89 -15.43 -14.44 -2.14
N ARG A 90 -14.63 -15.41 -2.57
CA ARG A 90 -15.13 -16.50 -3.37
C ARG A 90 -15.76 -17.51 -2.45
N GLU A 91 -15.18 -17.59 -1.27
CA GLU A 91 -15.64 -18.47 -0.24
C GLU A 91 -16.85 -17.87 0.48
N GLU A 92 -16.83 -16.55 0.61
CA GLU A 92 -17.92 -15.82 1.27
C GLU A 92 -19.00 -15.38 0.28
N ALA A 93 -18.60 -14.66 -0.77
CA ALA A 93 -19.55 -14.17 -1.76
C ALA A 93 -20.24 -15.32 -2.47
N MET A 94 -19.69 -16.52 -2.33
CA MET A 94 -20.27 -17.71 -2.97
C MET A 94 -21.79 -17.65 -2.93
N THR A 95 -22.34 -17.32 -1.76
CA THR A 95 -23.78 -17.23 -1.60
C THR A 95 -24.22 -15.77 -1.47
N ASP A 96 -23.29 -14.91 -1.07
CA ASP A 96 -23.57 -13.49 -0.90
C ASP A 96 -24.78 -13.28 0.01
N LEU A 97 -24.50 -12.97 1.27
CA LEU A 97 -25.57 -12.73 2.24
C LEU A 97 -26.47 -13.96 2.37
N PRO A 98 -25.99 -15.00 3.07
CA PRO A 98 -26.75 -16.24 3.28
C PRO A 98 -28.14 -15.97 3.85
N ALA A 99 -28.22 -15.09 4.84
CA ALA A 99 -29.49 -14.75 5.47
C ALA A 99 -29.28 -13.76 6.61
N GLY A 100 -28.61 -14.22 7.67
CA GLY A 100 -28.37 -13.37 8.82
C GLY A 100 -26.91 -13.37 9.25
N MET A 1 -6.91 -3.58 5.67
CA MET A 1 -7.96 -4.60 5.96
C MET A 1 -7.36 -5.80 6.69
N GLU A 2 -6.18 -6.24 6.25
CA GLU A 2 -5.51 -7.38 6.87
C GLU A 2 -4.00 -7.25 6.73
N ALA A 3 -3.36 -6.70 7.77
CA ALA A 3 -1.91 -6.53 7.76
C ALA A 3 -1.29 -7.19 8.98
N ARG A 4 -1.65 -8.45 9.22
CA ARG A 4 -1.12 -9.20 10.35
C ARG A 4 -0.33 -10.42 9.87
N ASP A 5 -0.91 -11.15 8.93
CA ASP A 5 -0.26 -12.33 8.39
C ASP A 5 0.89 -11.93 7.47
N LYS A 6 0.63 -10.92 6.66
CA LYS A 6 1.63 -10.40 5.74
C LYS A 6 2.81 -9.83 6.51
N GLN A 7 2.51 -9.18 7.63
CA GLN A 7 3.53 -8.58 8.47
C GLN A 7 4.48 -9.64 8.99
N VAL A 8 3.94 -10.82 9.24
CA VAL A 8 4.74 -11.93 9.71
C VAL A 8 5.71 -12.34 8.62
N LEU A 9 5.16 -12.54 7.43
CA LEU A 9 5.97 -12.91 6.30
C LEU A 9 7.28 -12.13 6.32
N ARG A 10 7.18 -10.84 6.04
CA ARG A 10 8.35 -9.95 6.02
C ARG A 10 9.25 -10.18 7.23
N SER A 11 8.66 -10.21 8.42
CA SER A 11 9.43 -10.43 9.64
C SER A 11 10.29 -11.69 9.51
N LEU A 12 9.69 -12.84 9.74
CA LEU A 12 10.39 -14.10 9.65
C LEU A 12 10.96 -14.32 8.26
N ARG A 13 10.51 -13.51 7.30
CA ARG A 13 10.99 -13.64 5.93
C ARG A 13 12.51 -13.58 5.89
N LEU A 14 13.04 -12.40 6.18
CA LEU A 14 14.49 -12.19 6.17
C LEU A 14 15.17 -12.99 7.27
N GLU A 15 14.49 -13.14 8.42
CA GLU A 15 15.06 -13.88 9.53
C GLU A 15 15.55 -15.24 9.08
N LEU A 16 14.63 -16.16 8.90
CA LEU A 16 14.96 -17.50 8.44
C LEU A 16 15.34 -17.47 6.97
N GLY A 17 15.03 -16.34 6.31
CA GLY A 17 15.35 -16.20 4.90
C GLY A 17 16.80 -15.86 4.68
N ALA A 18 17.42 -15.22 5.67
CA ALA A 18 18.83 -14.85 5.57
C ALA A 18 19.66 -15.98 4.99
N GLU A 19 19.85 -17.04 5.78
CA GLU A 19 20.64 -18.19 5.34
C GLU A 19 20.77 -19.21 6.46
N VAL A 20 19.66 -19.88 6.78
CA VAL A 20 19.64 -20.88 7.83
C VAL A 20 18.66 -22.01 7.50
N LEU A 21 19.05 -22.88 6.57
CA LEU A 21 18.20 -24.00 6.17
C LEU A 21 19.02 -25.05 5.43
N VAL A 22 18.33 -26.07 4.90
CA VAL A 22 19.00 -27.13 4.18
C VAL A 22 18.18 -27.57 2.96
N GLU A 23 16.87 -27.75 3.18
CA GLU A 23 15.98 -28.16 2.09
C GLU A 23 14.53 -28.15 2.56
N GLY A 24 13.60 -28.16 1.60
CA GLY A 24 12.19 -28.14 1.93
C GLY A 24 11.31 -28.34 0.71
N LEU A 25 10.34 -29.25 0.84
CA LEU A 25 9.42 -29.54 -0.26
C LEU A 25 8.11 -28.78 -0.08
N VAL A 26 8.13 -27.76 0.76
CA VAL A 26 6.94 -26.95 1.02
C VAL A 26 6.37 -26.42 -0.29
N LEU A 27 7.24 -26.20 -1.26
CA LEU A 27 6.83 -25.72 -2.57
C LEU A 27 5.80 -26.63 -3.23
N GLN A 28 5.61 -27.81 -2.66
CA GLN A 28 4.67 -28.77 -3.23
C GLN A 28 3.26 -28.62 -2.67
N TYR A 29 3.12 -28.68 -1.36
CA TYR A 29 1.82 -28.54 -0.73
C TYR A 29 1.27 -27.15 -1.00
N LEU A 30 2.20 -26.24 -1.12
CA LEU A 30 1.90 -24.84 -1.35
C LEU A 30 1.45 -24.57 -2.78
N TYR A 31 2.42 -24.58 -3.68
CA TYR A 31 2.14 -24.31 -5.08
C TYR A 31 1.03 -25.20 -5.59
N GLN A 32 0.74 -26.28 -4.87
CA GLN A 32 -0.35 -27.17 -5.24
C GLN A 32 -1.63 -26.73 -4.57
N GLU A 33 -1.53 -26.34 -3.31
CA GLU A 33 -2.69 -25.87 -2.57
C GLU A 33 -3.20 -24.57 -3.17
N GLY A 34 -2.28 -23.74 -3.64
CA GLY A 34 -2.66 -22.47 -4.24
C GLY A 34 -1.83 -21.32 -3.74
N ILE A 35 -1.18 -21.52 -2.60
CA ILE A 35 -0.32 -20.51 -2.02
C ILE A 35 0.38 -19.72 -3.09
N LEU A 36 0.91 -20.47 -4.02
CA LEU A 36 1.65 -19.90 -5.12
C LEU A 36 0.76 -19.31 -6.19
N THR A 37 1.39 -18.64 -7.14
CA THR A 37 0.68 -18.04 -8.24
C THR A 37 1.66 -17.71 -9.36
N GLU A 38 1.14 -17.41 -10.55
CA GLU A 38 1.99 -17.07 -11.70
C GLU A 38 3.26 -16.37 -11.26
N ASN A 39 3.12 -15.25 -10.56
CA ASN A 39 4.26 -14.48 -10.09
C ASN A 39 5.27 -15.38 -9.39
N HIS A 40 4.78 -16.37 -8.64
CA HIS A 40 5.66 -17.30 -7.94
C HIS A 40 6.58 -18.02 -8.91
N ILE A 41 5.99 -18.88 -9.74
CA ILE A 41 6.73 -19.65 -10.73
C ILE A 41 7.96 -18.87 -11.19
N GLN A 42 7.75 -17.58 -11.40
CA GLN A 42 8.82 -16.70 -11.84
C GLN A 42 9.95 -16.68 -10.82
N GLU A 43 9.64 -16.23 -9.61
CA GLU A 43 10.63 -16.17 -8.55
C GLU A 43 11.17 -17.56 -8.23
N ILE A 44 10.29 -18.56 -8.23
CA ILE A 44 10.70 -19.92 -7.95
C ILE A 44 11.73 -20.37 -8.98
N ASN A 45 11.46 -20.07 -10.25
CA ASN A 45 12.39 -20.40 -11.31
C ASN A 45 13.76 -19.89 -10.91
N ALA A 46 13.76 -18.85 -10.09
CA ALA A 46 15.00 -18.24 -9.61
C ALA A 46 15.73 -19.17 -8.65
N GLN A 47 14.98 -19.82 -7.74
CA GLN A 47 15.55 -20.76 -6.77
C GLN A 47 16.94 -21.23 -7.18
N THR A 48 16.98 -22.24 -8.05
CA THR A 48 18.25 -22.80 -8.52
C THR A 48 19.11 -23.30 -7.36
N THR A 49 19.69 -22.37 -6.61
CA THR A 49 20.54 -22.72 -5.47
C THR A 49 19.88 -23.80 -4.61
N GLY A 50 19.14 -23.37 -3.60
CA GLY A 50 18.47 -24.32 -2.72
C GLY A 50 17.79 -23.62 -1.56
N LEU A 51 18.42 -22.56 -1.05
CA LEU A 51 17.86 -21.80 0.06
C LEU A 51 16.97 -20.68 -0.46
N ARG A 52 17.20 -20.29 -1.71
CA ARG A 52 16.41 -19.23 -2.31
C ARG A 52 14.93 -19.60 -2.31
N LYS A 53 14.65 -20.90 -2.37
CA LYS A 53 13.27 -21.37 -2.36
C LYS A 53 12.52 -20.77 -1.17
N THR A 54 13.08 -20.95 0.03
CA THR A 54 12.48 -20.39 1.21
C THR A 54 12.31 -18.90 1.01
N MET A 55 13.36 -18.27 0.46
CA MET A 55 13.32 -16.84 0.19
C MET A 55 12.13 -16.52 -0.69
N LEU A 56 11.84 -17.44 -1.61
CA LEU A 56 10.73 -17.26 -2.50
C LEU A 56 9.45 -17.00 -1.76
N LEU A 57 8.85 -18.03 -1.19
CA LEU A 57 7.60 -17.85 -0.47
C LEU A 57 7.62 -16.54 0.30
N LEU A 58 8.62 -16.37 1.14
CA LEU A 58 8.77 -15.16 1.92
C LEU A 58 8.85 -13.95 1.01
N ASP A 59 9.34 -14.18 -0.20
CA ASP A 59 9.49 -13.13 -1.21
C ASP A 59 8.21 -12.94 -2.03
N ILE A 60 7.44 -14.02 -2.16
CA ILE A 60 6.20 -14.00 -2.92
C ILE A 60 5.04 -13.46 -2.10
N LEU A 61 4.67 -14.21 -1.07
CA LEU A 61 3.56 -13.84 -0.19
C LEU A 61 3.40 -12.32 -0.09
N PRO A 62 4.45 -11.60 0.32
CA PRO A 62 4.42 -10.14 0.46
C PRO A 62 3.71 -9.47 -0.71
N SER A 63 3.66 -10.15 -1.85
CA SER A 63 3.00 -9.60 -3.04
C SER A 63 2.06 -10.61 -3.67
N ARG A 64 2.49 -11.87 -3.69
CA ARG A 64 1.69 -12.94 -4.27
C ARG A 64 1.32 -13.99 -3.22
N GLY A 65 0.24 -13.73 -2.49
CA GLY A 65 -0.19 -14.67 -1.47
C GLY A 65 -0.76 -13.97 -0.25
N PRO A 66 -2.07 -13.67 -0.25
CA PRO A 66 -2.74 -13.01 0.88
C PRO A 66 -2.71 -13.86 2.14
N LYS A 67 -3.51 -14.92 2.16
CA LYS A 67 -3.58 -15.82 3.31
C LYS A 67 -2.61 -16.98 3.14
N ALA A 68 -1.57 -16.74 2.35
CA ALA A 68 -0.56 -17.76 2.07
C ALA A 68 0.12 -18.24 3.35
N PHE A 69 -0.09 -17.51 4.44
CA PHE A 69 0.54 -17.86 5.71
C PHE A 69 -0.01 -19.15 6.29
N ASP A 70 -1.20 -19.08 6.89
CA ASP A 70 -1.81 -20.25 7.50
C ASP A 70 -1.49 -21.51 6.71
N THR A 71 -1.43 -21.37 5.40
CA THR A 71 -1.13 -22.49 4.53
C THR A 71 0.38 -22.66 4.37
N PHE A 72 1.09 -21.54 4.23
CA PHE A 72 2.54 -21.58 4.09
C PHE A 72 3.15 -22.32 5.29
N LEU A 73 2.50 -22.20 6.44
CA LEU A 73 2.97 -22.87 7.65
C LEU A 73 2.59 -24.34 7.62
N ASP A 74 1.39 -24.61 7.12
CA ASP A 74 0.92 -25.99 7.03
C ASP A 74 1.93 -26.82 6.23
N SER A 75 2.77 -26.12 5.47
CA SER A 75 3.79 -26.77 4.66
C SER A 75 5.08 -26.95 5.44
N LEU A 76 5.37 -25.96 6.28
CA LEU A 76 6.58 -25.94 7.10
C LEU A 76 7.15 -27.32 7.37
N GLN A 77 7.82 -27.90 6.39
CA GLN A 77 8.42 -29.22 6.55
C GLN A 77 8.99 -29.46 7.96
N GLU A 78 9.36 -28.38 8.65
CA GLU A 78 9.95 -28.50 9.99
C GLU A 78 9.10 -27.81 11.07
N PHE A 79 7.88 -27.45 10.70
CA PHE A 79 6.94 -26.75 11.60
C PHE A 79 7.36 -26.80 13.08
N PRO A 80 7.48 -28.00 13.67
CA PRO A 80 7.84 -28.16 15.08
C PRO A 80 8.75 -27.05 15.60
N TRP A 81 9.57 -26.50 14.73
CA TRP A 81 10.49 -25.44 15.12
C TRP A 81 10.34 -24.20 14.23
N VAL A 82 9.91 -24.43 12.99
CA VAL A 82 9.74 -23.32 12.05
C VAL A 82 8.37 -22.69 12.20
N ARG A 83 7.36 -23.53 12.45
CA ARG A 83 5.99 -23.05 12.62
C ARG A 83 5.86 -22.27 13.92
N GLU A 84 6.42 -22.81 14.99
CA GLU A 84 6.37 -22.16 16.27
C GLU A 84 7.07 -20.81 16.18
N LYS A 85 8.29 -20.83 15.66
CA LYS A 85 9.07 -19.62 15.50
C LYS A 85 8.36 -18.65 14.56
N LEU A 86 7.50 -19.19 13.69
CA LEU A 86 6.77 -18.37 12.74
C LEU A 86 5.59 -17.68 13.38
N LYS A 87 4.61 -18.48 13.80
CA LYS A 87 3.42 -17.94 14.43
C LYS A 87 3.83 -17.05 15.59
N LYS A 88 5.06 -17.26 16.07
CA LYS A 88 5.56 -16.43 17.14
C LYS A 88 5.84 -15.05 16.56
N ALA A 89 6.37 -15.06 15.33
CA ALA A 89 6.67 -13.83 14.63
C ALA A 89 5.39 -13.20 14.09
N ARG A 90 4.30 -13.96 14.12
CA ARG A 90 3.02 -13.46 13.66
C ARG A 90 2.47 -12.59 14.75
N GLU A 91 2.63 -13.09 15.96
CA GLU A 91 2.19 -12.41 17.15
C GLU A 91 3.00 -11.12 17.35
N GLU A 92 4.28 -11.18 16.97
CA GLU A 92 5.18 -10.04 17.10
C GLU A 92 5.18 -9.17 15.85
N ALA A 93 5.56 -9.75 14.72
CA ALA A 93 5.62 -9.02 13.45
C ALA A 93 4.29 -8.35 13.15
N MET A 94 3.21 -8.86 13.73
CA MET A 94 1.88 -8.30 13.52
C MET A 94 1.86 -6.82 13.89
N THR A 95 2.52 -6.48 15.00
CA THR A 95 2.57 -5.10 15.47
C THR A 95 2.64 -4.13 14.29
N ASP A 96 2.09 -2.93 14.49
CA ASP A 96 2.08 -1.91 13.44
C ASP A 96 2.95 -0.71 13.85
N LEU A 97 3.40 0.05 12.86
CA LEU A 97 4.23 1.22 13.11
C LEU A 97 3.38 2.40 13.58
N PRO A 98 3.72 2.97 14.75
CA PRO A 98 2.99 4.10 15.32
C PRO A 98 3.32 5.41 14.61
N ALA A 99 4.55 5.52 14.11
CA ALA A 99 4.98 6.73 13.41
C ALA A 99 4.91 6.55 11.90
N GLY A 100 3.86 5.88 11.44
CA GLY A 100 3.70 5.65 10.02
C GLY A 100 3.79 6.93 9.21
N MET A 1 9.10 -2.17 5.02
CA MET A 1 10.52 -2.45 4.66
C MET A 1 11.12 -1.31 3.86
N GLU A 2 10.27 -0.58 3.15
CA GLU A 2 10.72 0.54 2.33
C GLU A 2 10.36 1.87 2.99
N ALA A 3 11.32 2.44 3.72
CA ALA A 3 11.10 3.71 4.41
C ALA A 3 11.64 4.87 3.59
N ARG A 4 11.01 5.11 2.44
CA ARG A 4 11.43 6.20 1.56
C ARG A 4 10.26 7.10 1.21
N ASP A 5 9.20 6.50 0.66
CA ASP A 5 8.01 7.25 0.29
C ASP A 5 7.24 7.66 1.53
N LYS A 6 7.22 6.77 2.52
CA LYS A 6 6.54 7.02 3.77
C LYS A 6 7.26 8.11 4.56
N GLN A 7 8.59 8.14 4.46
CA GLN A 7 9.40 9.12 5.16
C GLN A 7 9.10 10.51 4.63
N VAL A 8 8.79 10.58 3.35
CA VAL A 8 8.45 11.83 2.71
C VAL A 8 7.17 12.38 3.31
N LEU A 9 6.14 11.54 3.29
CA LEU A 9 4.86 11.90 3.85
C LEU A 9 5.05 12.58 5.18
N ARG A 10 5.41 11.77 6.18
CA ARG A 10 5.63 12.26 7.54
C ARG A 10 6.32 13.63 7.54
N SER A 11 7.46 13.72 6.83
CA SER A 11 8.22 14.97 6.76
C SER A 11 7.33 16.12 6.29
N LEU A 12 7.16 16.22 4.97
CA LEU A 12 6.34 17.27 4.39
C LEU A 12 4.93 17.27 4.97
N ARG A 13 4.56 16.18 5.63
CA ARG A 13 3.24 16.06 6.24
C ARG A 13 3.02 17.18 7.24
N LEU A 14 3.94 17.28 8.21
CA LEU A 14 3.86 18.30 9.23
C LEU A 14 4.14 19.69 8.63
N GLU A 15 5.04 19.74 7.66
CA GLU A 15 5.39 21.01 7.01
C GLU A 15 4.12 21.69 6.52
N LEU A 16 3.65 21.26 5.36
CA LEU A 16 2.44 21.81 4.80
C LEU A 16 1.25 21.48 5.69
N GLY A 17 1.47 20.55 6.61
CA GLY A 17 0.41 20.15 7.53
C GLY A 17 0.09 21.23 8.54
N ALA A 18 1.10 21.99 8.93
CA ALA A 18 0.92 23.07 9.90
C ALA A 18 -0.35 23.86 9.61
N GLU A 19 -0.38 24.51 8.45
CA GLU A 19 -1.53 25.31 8.05
C GLU A 19 -1.22 26.12 6.79
N VAL A 20 -1.51 25.53 5.63
CA VAL A 20 -1.27 26.20 4.36
C VAL A 20 -2.02 25.50 3.22
N LEU A 21 -3.31 25.77 3.11
CA LEU A 21 -4.14 25.18 2.08
C LEU A 21 -5.62 25.42 2.37
N VAL A 22 -6.29 26.12 1.46
CA VAL A 22 -7.71 26.43 1.62
C VAL A 22 -8.54 25.79 0.51
N GLU A 23 -8.32 26.24 -0.73
CA GLU A 23 -9.05 25.71 -1.88
C GLU A 23 -8.24 24.65 -2.61
N GLY A 24 -8.95 23.75 -3.30
CA GLY A 24 -8.28 22.69 -4.04
C GLY A 24 -9.10 21.41 -4.07
N LEU A 25 -9.04 20.70 -5.20
CA LEU A 25 -9.77 19.45 -5.35
C LEU A 25 -8.84 18.24 -5.25
N VAL A 26 -7.79 18.38 -4.45
CA VAL A 26 -6.83 17.30 -4.26
C VAL A 26 -7.53 16.02 -3.81
N LEU A 27 -8.44 16.16 -2.86
CA LEU A 27 -9.21 15.04 -2.33
C LEU A 27 -10.04 14.36 -3.42
N GLN A 28 -10.13 14.98 -4.58
CA GLN A 28 -10.92 14.45 -5.68
C GLN A 28 -10.13 13.47 -6.54
N TYR A 29 -9.09 13.97 -7.18
CA TYR A 29 -8.25 13.12 -8.04
C TYR A 29 -7.81 11.93 -7.25
N LEU A 30 -7.59 12.17 -5.98
CA LEU A 30 -7.13 11.18 -5.04
C LEU A 30 -8.19 10.15 -4.73
N TYR A 31 -9.09 10.54 -3.85
CA TYR A 31 -10.16 9.66 -3.41
C TYR A 31 -10.91 9.09 -4.60
N GLN A 32 -10.75 9.72 -5.76
CA GLN A 32 -11.39 9.23 -6.97
C GLN A 32 -10.46 8.25 -7.67
N GLU A 33 -9.16 8.56 -7.66
CA GLU A 33 -8.18 7.70 -8.28
C GLU A 33 -8.00 6.43 -7.45
N GLY A 34 -8.12 6.57 -6.14
CA GLY A 34 -7.99 5.42 -5.27
C GLY A 34 -7.07 5.66 -4.09
N ILE A 35 -6.26 6.71 -4.18
CA ILE A 35 -5.35 7.06 -3.10
C ILE A 35 -5.98 6.77 -1.77
N LEU A 36 -7.21 7.22 -1.66
CA LEU A 36 -7.98 7.08 -0.45
C LEU A 36 -8.52 5.67 -0.27
N THR A 37 -9.17 5.45 0.87
CA THR A 37 -9.78 4.18 1.18
C THR A 37 -10.68 4.32 2.39
N GLU A 38 -11.43 3.26 2.71
CA GLU A 38 -12.34 3.27 3.85
C GLU A 38 -11.78 4.11 5.00
N ASN A 39 -10.57 3.77 5.42
CA ASN A 39 -9.92 4.48 6.50
C ASN A 39 -9.93 5.99 6.26
N HIS A 40 -9.74 6.39 5.00
CA HIS A 40 -9.74 7.80 4.65
C HIS A 40 -11.11 8.41 4.89
N ILE A 41 -12.10 7.94 4.16
CA ILE A 41 -13.46 8.42 4.28
C ILE A 41 -13.74 8.93 5.70
N GLN A 42 -13.30 8.14 6.66
CA GLN A 42 -13.48 8.48 8.06
C GLN A 42 -12.71 9.75 8.43
N GLU A 43 -11.39 9.65 8.33
CA GLU A 43 -10.54 10.77 8.65
C GLU A 43 -10.96 12.01 7.85
N ILE A 44 -11.26 11.82 6.58
CA ILE A 44 -11.67 12.91 5.74
C ILE A 44 -12.86 13.62 6.36
N ASN A 45 -13.86 12.84 6.77
CA ASN A 45 -15.03 13.41 7.43
C ASN A 45 -14.55 14.43 8.44
N ALA A 46 -13.35 14.20 8.95
CA ALA A 46 -12.75 15.11 9.92
C ALA A 46 -12.43 16.45 9.27
N GLN A 47 -11.85 16.41 8.07
CA GLN A 47 -11.50 17.63 7.32
C GLN A 47 -12.32 18.84 7.79
N THR A 48 -13.55 18.94 7.29
CA THR A 48 -14.41 20.05 7.65
C THR A 48 -13.93 21.35 7.00
N THR A 49 -12.70 21.73 7.32
CA THR A 49 -12.12 22.95 6.77
C THR A 49 -11.22 22.62 5.57
N GLY A 50 -10.30 23.53 5.26
CA GLY A 50 -9.40 23.32 4.14
C GLY A 50 -7.99 23.02 4.59
N LEU A 51 -7.75 23.07 5.90
CA LEU A 51 -6.42 22.80 6.46
C LEU A 51 -6.25 21.32 6.76
N ARG A 52 -7.19 20.77 7.52
CA ARG A 52 -7.14 19.35 7.90
C ARG A 52 -7.14 18.46 6.66
N LYS A 53 -7.74 18.94 5.57
CA LYS A 53 -7.78 18.16 4.33
C LYS A 53 -6.37 17.68 3.96
N THR A 54 -5.43 18.61 3.98
CA THR A 54 -4.05 18.27 3.68
C THR A 54 -3.55 17.32 4.76
N MET A 55 -3.89 17.64 6.00
CA MET A 55 -3.50 16.82 7.13
C MET A 55 -4.11 15.44 7.00
N LEU A 56 -5.20 15.38 6.24
CA LEU A 56 -5.89 14.13 6.01
C LEU A 56 -5.01 13.13 5.31
N LEU A 57 -4.82 13.30 4.01
CA LEU A 57 -3.98 12.38 3.27
C LEU A 57 -2.74 12.05 4.08
N LEU A 58 -2.03 13.08 4.49
CA LEU A 58 -0.84 12.92 5.27
C LEU A 58 -1.12 12.05 6.49
N ASP A 59 -2.36 12.11 6.96
CA ASP A 59 -2.78 11.34 8.12
C ASP A 59 -3.15 9.92 7.73
N ILE A 60 -3.85 9.81 6.61
CA ILE A 60 -4.30 8.52 6.09
C ILE A 60 -3.15 7.74 5.45
N LEU A 61 -2.45 8.38 4.52
CA LEU A 61 -1.34 7.73 3.83
C LEU A 61 -0.56 6.83 4.79
N PRO A 62 -0.16 7.37 5.95
CA PRO A 62 0.57 6.61 6.96
C PRO A 62 0.07 5.17 7.07
N SER A 63 -1.20 4.97 6.74
CA SER A 63 -1.80 3.63 6.79
C SER A 63 -2.53 3.31 5.49
N ARG A 64 -1.93 3.69 4.38
CA ARG A 64 -2.53 3.44 3.06
C ARG A 64 -2.17 2.06 2.53
N GLY A 65 -0.89 1.85 2.22
CA GLY A 65 -0.45 0.57 1.70
C GLY A 65 0.21 0.71 0.34
N PRO A 66 -0.54 1.14 -0.69
CA PRO A 66 -0.02 1.31 -2.05
C PRO A 66 0.92 2.51 -2.16
N LYS A 67 1.14 2.98 -3.38
CA LYS A 67 2.00 4.12 -3.62
C LYS A 67 1.18 5.40 -3.70
N ALA A 68 0.37 5.63 -2.68
CA ALA A 68 -0.48 6.81 -2.61
C ALA A 68 0.32 8.08 -2.83
N PHE A 69 1.64 7.99 -2.71
CA PHE A 69 2.48 9.15 -2.88
C PHE A 69 2.53 9.64 -4.32
N ASP A 70 3.28 8.95 -5.17
CA ASP A 70 3.39 9.34 -6.57
C ASP A 70 2.06 9.88 -7.10
N THR A 71 0.97 9.35 -6.56
CA THR A 71 -0.37 9.77 -6.96
C THR A 71 -0.82 10.95 -6.12
N PHE A 72 -0.52 10.91 -4.83
CA PHE A 72 -0.90 12.00 -3.94
C PHE A 72 -0.28 13.30 -4.43
N LEU A 73 0.84 13.18 -5.14
CA LEU A 73 1.52 14.34 -5.70
C LEU A 73 0.85 14.77 -6.99
N ASP A 74 0.51 13.79 -7.81
CA ASP A 74 -0.15 14.08 -9.08
C ASP A 74 -1.42 14.89 -8.84
N SER A 75 -1.90 14.86 -7.59
CA SER A 75 -3.10 15.61 -7.21
C SER A 75 -2.73 17.00 -6.72
N LEU A 76 -1.53 17.11 -6.14
CA LEU A 76 -1.03 18.37 -5.61
C LEU A 76 -1.61 19.59 -6.30
N GLN A 77 -2.78 20.01 -5.86
CA GLN A 77 -3.45 21.17 -6.43
C GLN A 77 -2.49 22.34 -6.66
N GLU A 78 -1.35 22.35 -5.97
CA GLU A 78 -0.38 23.45 -6.11
C GLU A 78 1.01 22.96 -6.49
N PHE A 79 1.09 21.70 -6.90
CA PHE A 79 2.37 21.07 -7.28
C PHE A 79 3.53 22.07 -7.43
N PRO A 80 3.41 23.03 -8.36
CA PRO A 80 4.44 24.02 -8.62
C PRO A 80 5.30 24.33 -7.38
N TRP A 81 4.68 24.33 -6.21
CA TRP A 81 5.42 24.62 -4.98
C TRP A 81 5.28 23.49 -3.97
N VAL A 82 4.20 22.72 -4.09
CA VAL A 82 3.96 21.62 -3.16
C VAL A 82 4.66 20.35 -3.65
N ARG A 83 4.61 20.11 -4.95
CA ARG A 83 5.23 18.93 -5.54
C ARG A 83 6.75 19.03 -5.42
N GLU A 84 7.27 20.24 -5.55
CA GLU A 84 8.70 20.46 -5.43
C GLU A 84 9.13 20.20 -4.00
N LYS A 85 8.56 20.96 -3.08
CA LYS A 85 8.87 20.80 -1.67
C LYS A 85 8.63 19.35 -1.25
N LEU A 86 7.87 18.61 -2.06
CA LEU A 86 7.58 17.22 -1.75
C LEU A 86 8.70 16.30 -2.24
N LYS A 87 8.90 16.29 -3.54
CA LYS A 87 9.96 15.48 -4.12
C LYS A 87 11.28 15.92 -3.53
N LYS A 88 11.29 17.12 -2.97
CA LYS A 88 12.47 17.64 -2.30
C LYS A 88 12.52 17.03 -0.92
N ALA A 89 11.33 16.74 -0.42
CA ALA A 89 11.17 16.11 0.88
C ALA A 89 11.34 14.60 0.76
N ARG A 90 11.25 14.10 -0.47
CA ARG A 90 11.43 12.68 -0.73
C ARG A 90 12.92 12.43 -0.76
N GLU A 91 13.62 13.45 -1.20
CA GLU A 91 15.07 13.42 -1.29
C GLU A 91 15.67 13.77 0.07
N GLU A 92 14.97 14.63 0.81
CA GLU A 92 15.42 15.06 2.13
C GLU A 92 14.87 14.16 3.24
N ALA A 93 13.54 14.03 3.29
CA ALA A 93 12.90 13.20 4.31
C ALA A 93 13.37 11.75 4.24
N MET A 94 13.99 11.39 3.13
CA MET A 94 14.50 10.04 2.93
C MET A 94 15.94 10.05 2.44
N THR A 95 16.88 9.94 3.36
CA THR A 95 18.29 9.95 3.03
C THR A 95 18.76 8.57 2.58
N ASP A 96 20.06 8.43 2.37
CA ASP A 96 20.63 7.15 1.93
C ASP A 96 21.41 6.49 3.07
N LEU A 97 21.17 6.96 4.30
CA LEU A 97 21.86 6.41 5.46
C LEU A 97 20.94 6.43 6.69
N PRO A 98 19.95 5.52 6.71
CA PRO A 98 18.99 5.43 7.82
C PRO A 98 19.68 5.11 9.15
N ALA A 99 20.51 6.03 9.62
CA ALA A 99 21.22 5.85 10.87
C ALA A 99 20.71 6.81 11.95
N GLY A 100 21.20 6.64 13.17
CA GLY A 100 20.77 7.50 14.27
C GLY A 100 21.58 7.25 15.53
N MET A 1 16.17 18.39 -20.69
CA MET A 1 16.09 17.11 -19.96
C MET A 1 16.44 15.93 -20.86
N GLU A 2 15.44 15.39 -21.55
CA GLU A 2 15.64 14.28 -22.45
C GLU A 2 14.72 14.38 -23.67
N ALA A 3 13.48 14.78 -23.43
CA ALA A 3 12.51 14.94 -24.50
C ALA A 3 12.33 13.64 -25.28
N ARG A 4 11.67 12.66 -24.64
CA ARG A 4 11.43 11.37 -25.27
C ARG A 4 9.95 11.01 -25.20
N ASP A 5 9.43 10.92 -23.99
CA ASP A 5 8.03 10.58 -23.78
C ASP A 5 7.14 11.74 -24.19
N LYS A 6 7.54 12.94 -23.80
CA LYS A 6 6.80 14.15 -24.12
C LYS A 6 6.74 14.36 -25.63
N GLN A 7 7.79 13.92 -26.33
CA GLN A 7 7.84 14.05 -27.78
C GLN A 7 6.79 13.18 -28.44
N VAL A 8 6.64 11.98 -27.93
CA VAL A 8 5.66 11.05 -28.45
C VAL A 8 4.26 11.61 -28.25
N LEU A 9 3.99 12.02 -27.02
CA LEU A 9 2.71 12.61 -26.70
C LEU A 9 2.28 13.55 -27.80
N ARG A 10 2.97 14.68 -27.89
CA ARG A 10 2.68 15.70 -28.90
C ARG A 10 2.47 15.07 -30.28
N SER A 11 3.49 14.38 -30.78
CA SER A 11 3.40 13.75 -32.08
C SER A 11 2.02 13.15 -32.31
N LEU A 12 1.81 11.97 -31.75
CA LEU A 12 0.52 11.29 -31.88
C LEU A 12 -0.59 12.11 -31.26
N ARG A 13 -0.23 13.06 -30.39
CA ARG A 13 -1.24 13.89 -29.76
C ARG A 13 -2.28 14.33 -30.78
N LEU A 14 -1.81 14.87 -31.89
CA LEU A 14 -2.68 15.33 -32.96
C LEU A 14 -3.02 14.20 -33.93
N GLU A 15 -2.05 13.30 -34.14
CA GLU A 15 -2.26 12.19 -35.06
C GLU A 15 -3.52 11.42 -34.68
N LEU A 16 -3.50 10.82 -33.49
CA LEU A 16 -4.65 10.08 -33.00
C LEU A 16 -5.65 11.03 -32.38
N GLY A 17 -5.21 12.26 -32.11
CA GLY A 17 -6.10 13.25 -31.53
C GLY A 17 -7.00 13.89 -32.55
N ALA A 18 -6.55 13.93 -33.80
CA ALA A 18 -7.33 14.53 -34.88
C ALA A 18 -8.23 13.49 -35.55
N GLU A 19 -7.91 12.22 -35.36
CA GLU A 19 -8.69 11.14 -35.95
C GLU A 19 -9.66 10.54 -34.94
N VAL A 20 -9.63 11.07 -33.71
CA VAL A 20 -10.50 10.60 -32.64
C VAL A 20 -10.87 9.13 -32.82
N LEU A 21 -9.87 8.26 -32.74
CA LEU A 21 -10.09 6.83 -32.90
C LEU A 21 -10.83 6.26 -31.70
N VAL A 22 -12.15 6.19 -31.81
CA VAL A 22 -12.98 5.64 -30.73
C VAL A 22 -12.68 6.35 -29.41
N GLU A 23 -13.30 5.87 -28.34
CA GLU A 23 -13.11 6.45 -27.01
C GLU A 23 -12.62 5.39 -26.02
N GLY A 24 -13.39 4.32 -25.87
CA GLY A 24 -13.02 3.25 -24.97
C GLY A 24 -12.98 3.72 -23.52
N LEU A 25 -12.43 2.88 -22.64
CA LEU A 25 -12.35 3.21 -21.23
C LEU A 25 -10.90 3.49 -20.82
N VAL A 26 -10.13 4.06 -21.75
CA VAL A 26 -8.73 4.38 -21.49
C VAL A 26 -8.60 5.27 -20.24
N LEU A 27 -9.51 6.24 -20.14
CA LEU A 27 -9.53 7.17 -19.01
C LEU A 27 -9.73 6.45 -17.68
N GLN A 28 -10.07 5.17 -17.75
CA GLN A 28 -10.32 4.41 -16.53
C GLN A 28 -9.04 3.78 -15.96
N TYR A 29 -8.40 2.94 -16.75
CA TYR A 29 -7.16 2.30 -16.31
C TYR A 29 -6.20 3.37 -15.86
N LEU A 30 -6.27 4.47 -16.59
CA LEU A 30 -5.44 5.62 -16.36
C LEU A 30 -5.77 6.34 -15.08
N TYR A 31 -6.80 7.17 -15.17
CA TYR A 31 -7.23 7.97 -14.04
C TYR A 31 -7.38 7.10 -12.80
N GLN A 32 -7.51 5.78 -13.01
CA GLN A 32 -7.62 4.86 -11.89
C GLN A 32 -6.24 4.37 -11.49
N GLU A 33 -5.33 4.32 -12.46
CA GLU A 33 -3.96 3.89 -12.18
C GLU A 33 -3.18 5.03 -11.56
N GLY A 34 -3.50 6.26 -11.98
CA GLY A 34 -2.81 7.41 -11.44
C GLY A 34 -2.38 8.37 -12.52
N ILE A 35 -2.27 7.87 -13.75
CA ILE A 35 -1.88 8.69 -14.88
C ILE A 35 -2.41 10.09 -14.72
N LEU A 36 -3.68 10.13 -14.38
CA LEU A 36 -4.40 11.38 -14.22
C LEU A 36 -4.07 12.09 -12.92
N THR A 37 -4.55 13.32 -12.81
CA THR A 37 -4.35 14.12 -11.63
C THR A 37 -5.35 15.28 -11.60
N GLU A 38 -5.45 15.95 -10.45
CA GLU A 38 -6.38 17.07 -10.30
C GLU A 38 -6.57 17.82 -11.60
N ASN A 39 -5.48 18.36 -12.14
CA ASN A 39 -5.53 19.10 -13.38
C ASN A 39 -6.31 18.33 -14.45
N HIS A 40 -6.11 17.02 -14.50
CA HIS A 40 -6.81 16.19 -15.48
C HIS A 40 -8.32 16.38 -15.35
N ILE A 41 -8.86 15.89 -14.24
CA ILE A 41 -10.29 15.98 -13.96
C ILE A 41 -10.89 17.22 -14.61
N GLN A 42 -10.14 18.32 -14.50
CA GLN A 42 -10.59 19.59 -15.06
C GLN A 42 -10.80 19.47 -16.57
N GLU A 43 -9.73 19.10 -17.27
CA GLU A 43 -9.79 18.94 -18.72
C GLU A 43 -10.75 17.82 -19.11
N ILE A 44 -10.73 16.73 -18.36
CA ILE A 44 -11.60 15.61 -18.64
C ILE A 44 -13.06 16.04 -18.53
N ASN A 45 -13.39 16.70 -17.43
CA ASN A 45 -14.75 17.19 -17.24
C ASN A 45 -15.17 17.95 -18.48
N ALA A 46 -14.17 18.48 -19.20
CA ALA A 46 -14.42 19.23 -20.42
C ALA A 46 -14.97 18.33 -21.52
N GLN A 47 -14.40 17.12 -21.65
CA GLN A 47 -14.83 16.15 -22.66
C GLN A 47 -16.23 16.45 -23.19
N THR A 48 -17.25 16.00 -22.46
CA THR A 48 -18.64 16.23 -22.86
C THR A 48 -18.94 15.54 -24.19
N THR A 49 -18.28 15.98 -25.25
CA THR A 49 -18.48 15.41 -26.57
C THR A 49 -17.97 13.98 -26.64
N GLY A 50 -16.70 13.81 -27.01
CA GLY A 50 -16.13 12.48 -27.09
C GLY A 50 -14.71 12.49 -27.61
N LEU A 51 -14.37 13.48 -28.44
CA LEU A 51 -13.03 13.58 -29.01
C LEU A 51 -12.07 14.25 -28.02
N ARG A 52 -12.61 15.11 -27.17
CA ARG A 52 -11.80 15.82 -26.19
C ARG A 52 -11.18 14.86 -25.18
N LYS A 53 -11.82 13.71 -24.99
CA LYS A 53 -11.30 12.70 -24.04
C LYS A 53 -9.89 12.30 -24.42
N THR A 54 -9.73 11.74 -25.61
CA THR A 54 -8.42 11.35 -26.08
C THR A 54 -7.52 12.56 -26.07
N MET A 55 -8.03 13.68 -26.59
CA MET A 55 -7.30 14.92 -26.62
C MET A 55 -6.77 15.22 -25.23
N LEU A 56 -7.61 14.95 -24.24
CA LEU A 56 -7.25 15.18 -22.87
C LEU A 56 -5.89 14.59 -22.55
N LEU A 57 -5.82 13.28 -22.37
CA LEU A 57 -4.54 12.66 -22.06
C LEU A 57 -3.41 13.33 -22.83
N LEU A 58 -3.55 13.34 -24.14
CA LEU A 58 -2.57 13.95 -25.00
C LEU A 58 -2.31 15.39 -24.58
N ASP A 59 -3.33 16.01 -24.00
CA ASP A 59 -3.26 17.39 -23.54
C ASP A 59 -2.70 17.49 -22.12
N ILE A 60 -3.07 16.52 -21.29
CA ILE A 60 -2.63 16.46 -19.90
C ILE A 60 -1.17 16.08 -19.77
N LEU A 61 -0.83 14.87 -20.24
CA LEU A 61 0.55 14.39 -20.16
C LEU A 61 1.53 15.53 -20.41
N PRO A 62 1.36 16.31 -21.49
CA PRO A 62 2.24 17.43 -21.81
C PRO A 62 2.62 18.23 -20.57
N SER A 63 1.76 18.18 -19.55
CA SER A 63 2.02 18.92 -18.31
C SER A 63 1.79 18.04 -17.09
N ARG A 64 0.63 17.38 -17.03
CA ARG A 64 0.31 16.50 -15.90
C ARG A 64 0.38 15.04 -16.31
N GLY A 65 1.59 14.48 -16.28
CA GLY A 65 1.76 13.09 -16.65
C GLY A 65 3.22 12.64 -16.61
N PRO A 66 3.82 12.59 -15.41
CA PRO A 66 5.22 12.17 -15.25
C PRO A 66 5.40 10.69 -15.56
N LYS A 67 5.73 10.39 -16.81
CA LYS A 67 5.92 9.02 -17.25
C LYS A 67 4.57 8.35 -17.49
N ALA A 68 3.53 9.18 -17.63
CA ALA A 68 2.18 8.72 -17.86
C ALA A 68 2.07 7.93 -19.16
N PHE A 69 3.11 8.00 -19.97
CA PHE A 69 3.11 7.31 -21.26
C PHE A 69 3.08 5.79 -21.09
N ASP A 70 4.21 5.21 -20.70
CA ASP A 70 4.31 3.76 -20.51
C ASP A 70 2.99 3.20 -19.99
N THR A 71 2.34 3.95 -19.12
CA THR A 71 1.07 3.53 -18.53
C THR A 71 -0.09 3.96 -19.41
N PHE A 72 0.02 5.14 -20.02
CA PHE A 72 -1.02 5.63 -20.90
C PHE A 72 -1.20 4.68 -22.08
N LEU A 73 -0.12 4.02 -22.47
CA LEU A 73 -0.16 3.06 -23.56
C LEU A 73 -0.74 1.76 -23.06
N ASP A 74 -0.37 1.39 -21.85
CA ASP A 74 -0.88 0.17 -21.24
C ASP A 74 -2.39 0.23 -21.14
N SER A 75 -2.93 1.45 -21.26
CA SER A 75 -4.37 1.68 -21.20
C SER A 75 -4.99 1.60 -22.59
N LEU A 76 -4.21 2.02 -23.59
CA LEU A 76 -4.65 2.02 -24.97
C LEU A 76 -5.73 1.01 -25.27
N GLN A 77 -6.97 1.36 -24.98
CA GLN A 77 -8.09 0.46 -25.24
C GLN A 77 -8.00 -0.24 -26.60
N GLU A 78 -7.22 0.32 -27.52
CA GLU A 78 -7.08 -0.25 -28.87
C GLU A 78 -5.64 -0.56 -29.23
N PHE A 79 -4.76 -0.53 -28.23
CA PHE A 79 -3.32 -0.79 -28.42
C PHE A 79 -2.99 -1.40 -29.77
N PRO A 80 -3.52 -2.58 -30.08
CA PRO A 80 -3.27 -3.28 -31.34
C PRO A 80 -2.91 -2.34 -32.49
N TRP A 81 -3.54 -1.18 -32.53
CA TRP A 81 -3.28 -0.22 -33.60
C TRP A 81 -2.86 1.14 -33.02
N VAL A 82 -3.29 1.43 -31.80
CA VAL A 82 -2.95 2.70 -31.17
C VAL A 82 -1.58 2.64 -30.53
N ARG A 83 -1.29 1.53 -29.86
CA ARG A 83 -0.01 1.33 -29.19
C ARG A 83 1.11 1.22 -30.23
N GLU A 84 0.85 0.46 -31.28
CA GLU A 84 1.82 0.29 -32.35
C GLU A 84 2.23 1.65 -32.90
N LYS A 85 1.25 2.39 -33.38
CA LYS A 85 1.52 3.71 -33.93
C LYS A 85 2.04 4.66 -32.85
N LEU A 86 1.93 4.24 -31.59
CA LEU A 86 2.38 5.07 -30.48
C LEU A 86 3.84 4.81 -30.15
N LYS A 87 4.13 3.61 -29.68
CA LYS A 87 5.50 3.25 -29.34
C LYS A 87 6.36 3.38 -30.58
N LYS A 88 5.69 3.35 -31.73
CA LYS A 88 6.38 3.53 -32.99
C LYS A 88 6.57 5.01 -33.19
N ALA A 89 5.62 5.77 -32.63
CA ALA A 89 5.65 7.21 -32.68
C ALA A 89 6.54 7.75 -31.57
N ARG A 90 6.93 6.88 -30.63
CA ARG A 90 7.81 7.26 -29.55
C ARG A 90 9.22 7.25 -30.10
N GLU A 91 9.47 6.22 -30.87
CA GLU A 91 10.74 6.03 -31.53
C GLU A 91 10.95 7.12 -32.57
N GLU A 92 9.84 7.60 -33.12
CA GLU A 92 9.86 8.65 -34.13
C GLU A 92 9.77 10.03 -33.49
N ALA A 93 8.63 10.35 -32.88
CA ALA A 93 8.44 11.64 -32.25
C ALA A 93 9.65 12.01 -31.41
N MET A 94 10.35 10.99 -30.91
CA MET A 94 11.54 11.21 -30.10
C MET A 94 12.41 12.33 -30.68
N THR A 95 12.88 12.13 -31.89
CA THR A 95 13.71 13.12 -32.57
C THR A 95 12.98 13.75 -33.75
N ASP A 96 13.19 15.05 -33.93
CA ASP A 96 12.54 15.78 -35.02
C ASP A 96 13.47 15.86 -36.23
N LEU A 97 14.77 15.95 -35.96
CA LEU A 97 15.76 16.04 -37.03
C LEU A 97 15.58 14.92 -38.04
N PRO A 98 15.66 15.23 -39.34
CA PRO A 98 15.51 14.24 -40.40
C PRO A 98 16.47 13.08 -40.26
N ALA A 99 16.15 11.95 -40.89
CA ALA A 99 16.99 10.76 -40.82
C ALA A 99 17.65 10.48 -42.18
N GLY A 100 17.53 11.43 -43.09
CA GLY A 100 18.11 11.27 -44.41
C GLY A 100 19.02 12.42 -44.79
N MET A 1 3.26 19.90 -29.36
CA MET A 1 3.85 18.71 -30.03
C MET A 1 4.55 19.11 -31.33
N GLU A 2 5.13 18.12 -32.01
CA GLU A 2 5.84 18.38 -33.26
C GLU A 2 7.22 18.97 -33.00
N ALA A 3 7.89 18.47 -31.97
CA ALA A 3 9.21 18.95 -31.61
C ALA A 3 10.14 18.94 -32.81
N ARG A 4 10.28 20.10 -33.46
CA ARG A 4 11.13 20.23 -34.62
C ARG A 4 11.75 21.63 -34.66
N ASP A 5 10.91 22.63 -34.89
CA ASP A 5 11.36 24.01 -34.95
C ASP A 5 11.71 24.50 -33.55
N LYS A 6 10.92 24.07 -32.57
CA LYS A 6 11.12 24.45 -31.19
C LYS A 6 12.32 23.71 -30.61
N GLN A 7 12.65 22.58 -31.22
CA GLN A 7 13.77 21.77 -30.77
C GLN A 7 15.10 22.44 -31.12
N VAL A 8 15.12 23.10 -32.26
CA VAL A 8 16.31 23.80 -32.70
C VAL A 8 16.54 25.00 -31.82
N LEU A 9 15.53 25.87 -31.75
CA LEU A 9 15.61 27.05 -30.92
C LEU A 9 16.23 26.69 -29.59
N ARG A 10 15.52 25.88 -28.82
CA ARG A 10 15.98 25.45 -27.51
C ARG A 10 17.48 25.13 -27.52
N SER A 11 17.91 24.30 -28.47
CA SER A 11 19.31 23.93 -28.58
C SER A 11 20.20 25.16 -28.71
N LEU A 12 20.29 25.69 -29.93
CA LEU A 12 21.10 26.87 -30.19
C LEU A 12 20.71 28.02 -29.27
N ARG A 13 19.53 27.92 -28.65
CA ARG A 13 19.06 28.95 -27.74
C ARG A 13 20.06 29.16 -26.61
N LEU A 14 20.20 28.15 -25.76
CA LEU A 14 21.12 28.21 -24.65
C LEU A 14 22.55 28.43 -25.13
N GLU A 15 22.87 27.86 -26.29
CA GLU A 15 24.20 27.99 -26.86
C GLU A 15 24.57 29.47 -26.95
N LEU A 16 24.10 30.11 -28.01
CA LEU A 16 24.37 31.52 -28.21
C LEU A 16 23.63 32.35 -27.16
N GLY A 17 22.71 31.71 -26.45
CA GLY A 17 21.96 32.41 -25.43
C GLY A 17 22.72 32.53 -24.12
N ALA A 18 23.59 31.56 -23.86
CA ALA A 18 24.39 31.56 -22.63
C ALA A 18 24.93 32.95 -22.33
N GLU A 19 25.59 33.56 -23.32
CA GLU A 19 26.15 34.89 -23.15
C GLU A 19 26.66 35.43 -24.48
N VAL A 20 26.04 36.50 -24.95
CA VAL A 20 26.43 37.13 -26.21
C VAL A 20 26.72 38.62 -26.02
N LEU A 21 27.00 39.29 -27.13
CA LEU A 21 27.31 40.72 -27.09
C LEU A 21 26.03 41.55 -27.19
N VAL A 22 26.15 42.84 -26.88
CA VAL A 22 24.99 43.73 -26.93
C VAL A 22 24.71 44.18 -28.36
N GLU A 23 23.75 45.08 -28.52
CA GLU A 23 23.38 45.59 -29.84
C GLU A 23 22.61 44.53 -30.63
N GLY A 24 21.49 44.92 -31.21
CA GLY A 24 20.69 44.01 -31.99
C GLY A 24 19.31 44.56 -32.31
N LEU A 25 18.98 44.63 -33.59
CA LEU A 25 17.69 45.15 -34.03
C LEU A 25 16.75 44.03 -34.44
N VAL A 26 17.21 42.78 -34.32
CA VAL A 26 16.41 41.62 -34.68
C VAL A 26 15.00 41.77 -34.14
N LEU A 27 14.88 42.40 -32.97
CA LEU A 27 13.59 42.62 -32.34
C LEU A 27 12.69 43.47 -33.22
N GLN A 28 13.26 44.05 -34.26
CA GLN A 28 12.49 44.92 -35.14
C GLN A 28 11.86 44.15 -36.30
N TYR A 29 12.70 43.52 -37.12
CA TYR A 29 12.21 42.75 -38.25
C TYR A 29 11.22 41.74 -37.75
N LEU A 30 11.54 41.23 -36.59
CA LEU A 30 10.77 40.22 -35.93
C LEU A 30 9.45 40.73 -35.39
N TYR A 31 9.52 41.41 -34.27
CA TYR A 31 8.34 41.93 -33.62
C TYR A 31 7.52 42.75 -34.61
N GLN A 32 8.15 43.19 -35.69
CA GLN A 32 7.46 43.96 -36.71
C GLN A 32 6.90 43.03 -37.78
N GLU A 33 7.58 41.90 -37.97
CA GLU A 33 7.13 40.92 -38.96
C GLU A 33 6.00 40.08 -38.37
N GLY A 34 6.07 39.84 -37.07
CA GLY A 34 5.04 39.06 -36.41
C GLY A 34 5.61 38.02 -35.48
N ILE A 35 6.86 37.65 -35.72
CA ILE A 35 7.54 36.68 -34.88
C ILE A 35 7.09 36.78 -33.45
N LEU A 36 7.10 38.00 -32.99
CA LEU A 36 6.74 38.31 -31.63
C LEU A 36 5.25 38.22 -31.37
N THR A 37 4.90 38.29 -30.10
CA THR A 37 3.53 38.26 -29.68
C THR A 37 3.39 38.71 -28.23
N GLU A 38 2.16 38.89 -27.77
CA GLU A 38 1.92 39.34 -26.40
C GLU A 38 2.98 38.82 -25.43
N ASN A 39 3.09 37.50 -25.35
CA ASN A 39 4.07 36.88 -24.47
C ASN A 39 5.44 37.50 -24.64
N HIS A 40 5.78 37.87 -25.87
CA HIS A 40 7.07 38.47 -26.15
C HIS A 40 7.24 39.80 -25.44
N ILE A 41 6.55 40.82 -25.94
CA ILE A 41 6.60 42.16 -25.37
C ILE A 41 6.92 42.11 -23.90
N GLN A 42 6.29 41.16 -23.22
CA GLN A 42 6.50 40.99 -21.78
C GLN A 42 7.96 40.67 -21.49
N GLU A 43 8.45 39.57 -22.07
CA GLU A 43 9.82 39.17 -21.87
C GLU A 43 10.79 40.22 -22.40
N ILE A 44 10.44 40.84 -23.53
CA ILE A 44 11.28 41.85 -24.12
C ILE A 44 11.42 43.02 -23.16
N ASN A 45 10.29 43.50 -22.66
CA ASN A 45 10.32 44.60 -21.71
C ASN A 45 11.36 44.30 -20.64
N ALA A 46 11.59 43.00 -20.43
CA ALA A 46 12.56 42.55 -19.45
C ALA A 46 13.99 42.88 -19.90
N GLN A 47 14.30 42.63 -21.18
CA GLN A 47 15.64 42.90 -21.73
C GLN A 47 16.41 43.90 -20.89
N THR A 48 16.16 45.19 -21.12
CA THR A 48 16.82 46.25 -20.38
C THR A 48 18.33 46.22 -20.60
N THR A 49 18.98 45.15 -20.13
CA THR A 49 20.42 45.00 -20.27
C THR A 49 20.84 45.05 -21.73
N GLY A 50 20.57 43.98 -22.47
CA GLY A 50 20.93 43.92 -23.87
C GLY A 50 21.15 42.50 -24.34
N LEU A 51 21.47 41.62 -23.40
CA LEU A 51 21.70 40.21 -23.72
C LEU A 51 20.39 39.42 -23.65
N ARG A 52 19.53 39.81 -22.71
CA ARG A 52 18.24 39.14 -22.54
C ARG A 52 17.41 39.23 -23.82
N LYS A 53 17.75 40.19 -24.68
CA LYS A 53 17.03 40.37 -25.94
C LYS A 53 17.14 39.10 -26.78
N THR A 54 18.36 38.68 -27.05
CA THR A 54 18.59 37.47 -27.82
C THR A 54 17.95 36.30 -27.09
N MET A 55 18.12 36.28 -25.78
CA MET A 55 17.54 35.25 -24.95
C MET A 55 16.04 35.25 -25.14
N LEU A 56 15.49 36.44 -25.26
CA LEU A 56 14.08 36.60 -25.46
C LEU A 56 13.57 35.72 -26.57
N LEU A 57 13.79 36.13 -27.82
CA LEU A 57 13.33 35.32 -28.94
C LEU A 57 13.47 33.84 -28.65
N LEU A 58 14.68 33.45 -28.31
CA LEU A 58 14.96 32.06 -27.98
C LEU A 58 14.06 31.59 -26.83
N ASP A 59 13.69 32.53 -25.98
CA ASP A 59 12.83 32.26 -24.82
C ASP A 59 11.35 32.32 -25.20
N ILE A 60 11.06 33.09 -26.25
CA ILE A 60 9.69 33.26 -26.72
C ILE A 60 9.34 32.22 -27.78
N LEU A 61 10.24 32.06 -28.75
CA LEU A 61 10.02 31.09 -29.82
C LEU A 61 9.40 29.82 -29.28
N PRO A 62 9.97 29.24 -28.21
CA PRO A 62 9.45 28.02 -27.61
C PRO A 62 7.92 27.98 -27.65
N SER A 63 7.30 29.16 -27.62
CA SER A 63 5.85 29.26 -27.66
C SER A 63 5.41 30.38 -28.59
N ARG A 64 5.94 30.40 -29.81
CA ARG A 64 5.59 31.42 -30.78
C ARG A 64 4.17 31.20 -31.32
N GLY A 65 4.05 30.96 -32.64
CA GLY A 65 2.74 30.74 -33.22
C GLY A 65 2.81 30.02 -34.55
N PRO A 66 2.86 30.75 -35.68
CA PRO A 66 2.93 30.16 -37.01
C PRO A 66 4.27 29.48 -37.28
N LYS A 67 5.32 30.28 -37.41
CA LYS A 67 6.66 29.76 -37.67
C LYS A 67 7.70 30.84 -37.41
N ALA A 68 7.83 31.23 -36.14
CA ALA A 68 8.78 32.25 -35.74
C ALA A 68 10.20 31.91 -36.16
N PHE A 69 10.44 30.64 -36.47
CA PHE A 69 11.78 30.21 -36.84
C PHE A 69 12.21 30.78 -38.19
N ASP A 70 11.71 30.19 -39.28
CA ASP A 70 12.07 30.63 -40.62
C ASP A 70 12.26 32.15 -40.67
N THR A 71 11.41 32.86 -39.92
CA THR A 71 11.48 34.31 -39.86
C THR A 71 12.51 34.76 -38.84
N PHE A 72 12.58 34.06 -37.71
CA PHE A 72 13.55 34.41 -36.67
C PHE A 72 14.95 34.41 -37.25
N LEU A 73 15.18 33.59 -38.27
CA LEU A 73 16.48 33.51 -38.92
C LEU A 73 16.63 34.63 -39.95
N ASP A 74 15.54 34.93 -40.65
CA ASP A 74 15.58 35.99 -41.64
C ASP A 74 15.93 37.32 -40.99
N SER A 75 15.80 37.35 -39.66
CA SER A 75 16.12 38.56 -38.90
C SER A 75 17.57 38.53 -38.43
N LEU A 76 18.02 37.33 -38.06
CA LEU A 76 19.37 37.10 -37.57
C LEU A 76 20.34 38.21 -37.91
N GLN A 77 20.25 39.32 -37.19
CA GLN A 77 21.15 40.46 -37.42
C GLN A 77 22.55 40.03 -37.88
N GLU A 78 23.00 38.84 -37.47
CA GLU A 78 24.34 38.36 -37.83
C GLU A 78 24.31 37.06 -38.63
N PHE A 79 23.14 36.72 -39.14
CA PHE A 79 22.94 35.48 -39.93
C PHE A 79 24.25 34.83 -40.39
N PRO A 80 25.08 35.54 -41.17
CA PRO A 80 26.34 35.01 -41.68
C PRO A 80 26.99 33.99 -40.76
N TRP A 81 26.77 34.13 -39.46
CA TRP A 81 27.34 33.20 -38.49
C TRP A 81 26.27 32.62 -37.58
N VAL A 82 25.19 33.38 -37.36
CA VAL A 82 24.11 32.92 -36.51
C VAL A 82 23.13 32.05 -37.29
N ARG A 83 22.86 32.43 -38.53
CA ARG A 83 21.93 31.68 -39.38
C ARG A 83 22.52 30.32 -39.76
N GLU A 84 23.80 30.31 -40.11
CA GLU A 84 24.46 29.08 -40.48
C GLU A 84 24.43 28.11 -39.31
N LYS A 85 24.94 28.55 -38.18
CA LYS A 85 24.95 27.72 -36.99
C LYS A 85 23.54 27.38 -36.55
N LEU A 86 22.56 28.07 -37.12
CA LEU A 86 21.16 27.85 -36.78
C LEU A 86 20.53 26.79 -37.66
N LYS A 87 20.41 27.10 -38.94
CA LYS A 87 19.83 26.15 -39.88
C LYS A 87 20.65 24.88 -39.86
N LYS A 88 21.88 25.01 -39.37
CA LYS A 88 22.74 23.86 -39.22
C LYS A 88 22.41 23.20 -37.92
N ALA A 89 21.96 24.03 -36.98
CA ALA A 89 21.55 23.57 -35.67
C ALA A 89 20.15 22.98 -35.73
N ARG A 90 19.41 23.34 -36.79
CA ARG A 90 18.07 22.81 -36.97
C ARG A 90 18.20 21.42 -37.51
N GLU A 91 19.20 21.27 -38.36
CA GLU A 91 19.53 20.00 -38.97
C GLU A 91 19.83 18.96 -37.90
N GLU A 92 20.61 19.38 -36.89
CA GLU A 92 20.98 18.48 -35.79
C GLU A 92 20.00 18.58 -34.64
N ALA A 93 19.86 19.78 -34.06
CA ALA A 93 18.95 19.99 -32.93
C ALA A 93 17.58 19.37 -33.20
N MET A 94 17.26 19.20 -34.49
CA MET A 94 15.98 18.62 -34.88
C MET A 94 15.62 17.45 -33.97
N THR A 95 16.19 16.28 -34.27
CA THR A 95 15.93 15.08 -33.48
C THR A 95 14.53 14.54 -33.72
N ASP A 96 14.42 13.23 -33.88
CA ASP A 96 13.13 12.58 -34.11
C ASP A 96 12.67 11.84 -32.86
N LEU A 97 12.96 12.42 -31.70
CA LEU A 97 12.58 11.82 -30.43
C LEU A 97 11.24 11.10 -30.54
N PRO A 98 10.20 11.82 -30.99
CA PRO A 98 8.85 11.24 -31.14
C PRO A 98 8.87 9.93 -31.91
N ALA A 99 7.69 9.33 -32.06
CA ALA A 99 7.57 8.06 -32.77
C ALA A 99 8.27 6.94 -32.02
N GLY A 100 9.60 7.03 -31.95
CA GLY A 100 10.37 6.01 -31.26
C GLY A 100 10.31 6.16 -29.75
N MET A 1 -14.09 0.47 19.47
CA MET A 1 -13.25 -0.12 18.40
C MET A 1 -14.02 -1.18 17.61
N GLU A 2 -13.66 -1.35 16.35
CA GLU A 2 -14.31 -2.34 15.49
C GLU A 2 -13.98 -2.09 14.03
N ALA A 3 -14.56 -2.89 13.15
CA ALA A 3 -14.34 -2.75 11.72
C ALA A 3 -12.85 -2.87 11.38
N ARG A 4 -12.54 -2.88 10.08
CA ARG A 4 -11.16 -2.98 9.62
C ARG A 4 -10.63 -4.40 9.81
N ASP A 5 -10.52 -4.83 11.05
CA ASP A 5 -10.02 -6.17 11.35
C ASP A 5 -11.01 -7.22 10.87
N LYS A 6 -12.26 -7.05 11.28
CA LYS A 6 -13.33 -7.97 10.91
C LYS A 6 -13.50 -8.01 9.39
N GLN A 7 -13.21 -6.89 8.73
CA GLN A 7 -13.33 -6.79 7.28
C GLN A 7 -12.29 -7.65 6.59
N VAL A 8 -11.17 -7.85 7.25
CA VAL A 8 -10.10 -8.67 6.73
C VAL A 8 -10.52 -10.13 6.73
N LEU A 9 -10.89 -10.60 7.91
CA LEU A 9 -11.34 -11.96 8.07
C LEU A 9 -12.30 -12.35 6.96
N ARG A 10 -13.46 -11.71 6.97
CA ARG A 10 -14.50 -11.97 5.98
C ARG A 10 -13.93 -12.05 4.56
N SER A 11 -13.19 -11.03 4.15
CA SER A 11 -12.59 -11.01 2.82
C SER A 11 -11.77 -12.26 2.58
N LEU A 12 -10.54 -12.25 3.07
CA LEU A 12 -9.64 -13.39 2.92
C LEU A 12 -10.34 -14.68 3.33
N ARG A 13 -11.33 -14.58 4.20
CA ARG A 13 -12.07 -15.75 4.65
C ARG A 13 -12.45 -16.62 3.46
N LEU A 14 -13.33 -16.11 2.62
CA LEU A 14 -13.78 -16.84 1.43
C LEU A 14 -12.60 -17.16 0.52
N GLU A 15 -11.62 -16.24 0.46
CA GLU A 15 -10.46 -16.44 -0.38
C GLU A 15 -9.69 -17.67 0.06
N LEU A 16 -8.89 -17.53 1.10
CA LEU A 16 -8.12 -18.64 1.62
C LEU A 16 -9.05 -19.72 2.15
N GLY A 17 -10.32 -19.36 2.31
CA GLY A 17 -11.30 -20.32 2.81
C GLY A 17 -11.63 -21.40 1.79
N ALA A 18 -11.57 -21.04 0.52
CA ALA A 18 -11.86 -21.98 -0.56
C ALA A 18 -11.29 -23.36 -0.23
N GLU A 19 -10.00 -23.40 0.04
CA GLU A 19 -9.32 -24.66 0.37
C GLU A 19 -7.81 -24.46 0.41
N VAL A 20 -7.19 -24.89 1.50
CA VAL A 20 -5.74 -24.76 1.67
C VAL A 20 -5.19 -25.82 2.61
N LEU A 21 -4.74 -26.94 2.05
CA LEU A 21 -4.17 -28.03 2.84
C LEU A 21 -5.01 -28.29 4.10
N VAL A 22 -4.50 -29.14 4.97
CA VAL A 22 -5.20 -29.48 6.21
C VAL A 22 -4.26 -29.45 7.41
N GLU A 23 -3.29 -28.53 7.38
CA GLU A 23 -2.34 -28.39 8.47
C GLU A 23 -3.04 -28.01 9.77
N GLY A 24 -2.29 -27.96 10.86
CA GLY A 24 -2.87 -27.61 12.14
C GLY A 24 -1.92 -26.79 13.00
N LEU A 25 -1.99 -27.00 14.31
CA LEU A 25 -1.13 -26.28 15.25
C LEU A 25 -1.49 -24.79 15.27
N VAL A 26 -2.75 -24.49 15.04
CA VAL A 26 -3.23 -23.11 15.05
C VAL A 26 -4.41 -22.96 15.99
N LEU A 27 -5.36 -23.90 15.89
CA LEU A 27 -6.54 -23.90 16.74
C LEU A 27 -6.18 -24.08 18.20
N GLN A 28 -4.93 -24.42 18.46
CA GLN A 28 -4.46 -24.64 19.82
C GLN A 28 -3.89 -23.38 20.44
N TYR A 29 -2.98 -22.72 19.73
CA TYR A 29 -2.37 -21.50 20.22
C TYR A 29 -3.46 -20.49 20.48
N LEU A 30 -4.47 -20.59 19.65
CA LEU A 30 -5.62 -19.73 19.71
C LEU A 30 -6.54 -20.09 20.85
N TYR A 31 -7.35 -21.11 20.63
CA TYR A 31 -8.29 -21.56 21.65
C TYR A 31 -7.64 -21.55 23.03
N GLN A 32 -6.31 -21.66 23.07
CA GLN A 32 -5.60 -21.64 24.34
C GLN A 32 -5.32 -20.21 24.77
N GLU A 33 -5.01 -19.36 23.80
CA GLU A 33 -4.73 -17.96 24.11
C GLU A 33 -6.02 -17.22 24.43
N GLY A 34 -7.11 -17.63 23.80
CA GLY A 34 -8.38 -16.98 24.06
C GLY A 34 -9.15 -16.66 22.81
N ILE A 35 -8.43 -16.60 21.68
CA ILE A 35 -9.04 -16.31 20.39
C ILE A 35 -10.47 -16.80 20.36
N LEU A 36 -10.59 -18.04 20.78
CA LEU A 36 -11.86 -18.72 20.78
C LEU A 36 -12.74 -18.36 21.96
N THR A 37 -13.99 -18.73 21.82
CA THR A 37 -14.99 -18.55 22.86
C THR A 37 -16.02 -19.68 22.81
N GLU A 38 -17.24 -19.39 23.25
CA GLU A 38 -18.30 -20.39 23.25
C GLU A 38 -18.63 -20.85 21.83
N ASN A 39 -19.18 -19.94 21.04
CA ASN A 39 -19.55 -20.24 19.67
C ASN A 39 -18.41 -20.94 18.94
N HIS A 40 -17.19 -20.75 19.44
CA HIS A 40 -16.01 -21.36 18.85
C HIS A 40 -16.04 -22.88 19.01
N ILE A 41 -15.89 -23.33 20.24
CA ILE A 41 -15.91 -24.74 20.55
C ILE A 41 -16.88 -25.47 19.64
N GLN A 42 -18.03 -24.84 19.44
CA GLN A 42 -19.09 -25.41 18.61
C GLN A 42 -18.62 -25.61 17.18
N GLU A 43 -18.17 -24.52 16.55
CA GLU A 43 -17.70 -24.57 15.18
C GLU A 43 -16.59 -25.60 15.01
N ILE A 44 -15.66 -25.64 15.97
CA ILE A 44 -14.55 -26.57 15.89
C ILE A 44 -15.05 -27.99 15.86
N ASN A 45 -15.89 -28.35 16.82
CA ASN A 45 -16.46 -29.69 16.86
C ASN A 45 -16.88 -30.08 15.44
N ALA A 46 -17.23 -29.05 14.66
CA ALA A 46 -17.65 -29.25 13.28
C ALA A 46 -16.51 -29.79 12.42
N GLN A 47 -15.34 -29.14 12.50
CA GLN A 47 -14.16 -29.55 11.73
C GLN A 47 -14.25 -30.99 11.25
N THR A 48 -13.99 -31.94 12.13
CA THR A 48 -14.04 -33.35 11.80
C THR A 48 -13.00 -33.72 10.76
N THR A 49 -13.16 -33.18 9.54
CA THR A 49 -12.22 -33.46 8.46
C THR A 49 -10.88 -32.75 8.69
N GLY A 50 -10.77 -31.53 8.19
CA GLY A 50 -9.55 -30.77 8.35
C GLY A 50 -9.62 -29.41 7.68
N LEU A 51 -10.31 -29.36 6.54
CA LEU A 51 -10.47 -28.12 5.80
C LEU A 51 -11.38 -27.15 6.55
N ARG A 52 -12.42 -27.70 7.16
CA ARG A 52 -13.38 -26.89 7.91
C ARG A 52 -12.68 -26.17 9.06
N LYS A 53 -11.52 -26.67 9.47
CA LYS A 53 -10.76 -26.05 10.55
C LYS A 53 -10.40 -24.62 10.17
N THR A 54 -9.88 -24.44 8.95
CA THR A 54 -9.52 -23.13 8.46
C THR A 54 -10.78 -22.29 8.37
N MET A 55 -11.81 -22.86 7.75
CA MET A 55 -13.08 -22.18 7.63
C MET A 55 -13.54 -21.75 9.01
N LEU A 56 -13.26 -22.59 9.98
CA LEU A 56 -13.62 -22.33 11.34
C LEU A 56 -13.20 -20.95 11.78
N LEU A 57 -11.93 -20.77 12.12
CA LEU A 57 -11.47 -19.47 12.57
C LEU A 57 -12.14 -18.35 11.78
N LEU A 58 -12.07 -18.45 10.47
CA LEU A 58 -12.67 -17.48 9.58
C LEU A 58 -14.18 -17.35 9.88
N ASP A 59 -14.77 -18.46 10.30
CA ASP A 59 -16.19 -18.51 10.63
C ASP A 59 -16.47 -18.03 12.05
N ILE A 60 -15.47 -18.17 12.90
CA ILE A 60 -15.56 -17.79 14.32
C ILE A 60 -15.19 -16.33 14.52
N LEU A 61 -14.01 -15.95 14.05
CA LEU A 61 -13.53 -14.59 14.19
C LEU A 61 -14.67 -13.59 14.00
N PRO A 62 -15.44 -13.73 12.91
CA PRO A 62 -16.57 -12.85 12.64
C PRO A 62 -17.31 -12.45 13.92
N SER A 63 -17.27 -13.32 14.92
CA SER A 63 -17.93 -13.06 16.20
C SER A 63 -16.97 -13.28 17.36
N ARG A 64 -15.67 -13.10 17.11
CA ARG A 64 -14.66 -13.28 18.15
C ARG A 64 -15.00 -12.49 19.40
N GLY A 65 -14.50 -11.26 19.48
CA GLY A 65 -14.77 -10.43 20.63
C GLY A 65 -13.67 -9.40 20.90
N PRO A 66 -12.63 -9.81 21.64
CA PRO A 66 -11.51 -8.92 21.99
C PRO A 66 -10.58 -8.64 20.80
N LYS A 67 -9.52 -9.44 20.67
CA LYS A 67 -8.56 -9.28 19.58
C LYS A 67 -8.13 -10.63 19.05
N ALA A 68 -9.09 -11.43 18.61
CA ALA A 68 -8.82 -12.76 18.09
C ALA A 68 -8.02 -12.69 16.80
N PHE A 69 -7.96 -11.52 16.19
CA PHE A 69 -7.26 -11.36 14.93
C PHE A 69 -5.74 -11.46 15.08
N ASP A 70 -5.11 -10.38 15.55
CA ASP A 70 -3.65 -10.36 15.73
C ASP A 70 -3.14 -11.74 16.14
N THR A 71 -3.92 -12.41 16.96
CA THR A 71 -3.56 -13.75 17.43
C THR A 71 -3.93 -14.80 16.40
N PHE A 72 -5.12 -14.68 15.81
CA PHE A 72 -5.56 -15.64 14.82
C PHE A 72 -4.51 -15.78 13.72
N LEU A 73 -3.71 -14.73 13.52
CA LEU A 73 -2.66 -14.77 12.51
C LEU A 73 -1.40 -15.38 13.08
N ASP A 74 -1.16 -15.12 14.35
CA ASP A 74 0.01 -15.68 15.01
C ASP A 74 -0.04 -17.19 14.95
N SER A 75 -1.22 -17.72 14.64
CA SER A 75 -1.42 -19.17 14.54
C SER A 75 -1.19 -19.64 13.12
N LEU A 76 -1.58 -18.80 12.17
CA LEU A 76 -1.46 -19.08 10.74
C LEU A 76 -0.44 -20.16 10.42
N GLN A 77 -0.81 -21.41 10.62
CA GLN A 77 0.07 -22.54 10.35
C GLN A 77 1.01 -22.28 9.16
N GLU A 78 0.57 -21.48 8.19
CA GLU A 78 1.38 -21.20 7.00
C GLU A 78 1.69 -19.71 6.82
N PHE A 79 1.49 -18.95 7.88
CA PHE A 79 1.71 -17.50 7.87
C PHE A 79 2.52 -16.99 6.68
N PRO A 80 3.76 -17.47 6.49
CA PRO A 80 4.62 -17.04 5.39
C PRO A 80 3.84 -16.72 4.12
N TRP A 81 2.70 -17.39 3.94
CA TRP A 81 1.88 -17.17 2.75
C TRP A 81 0.46 -16.76 3.13
N VAL A 82 0.01 -17.19 4.31
CA VAL A 82 -1.34 -16.86 4.76
C VAL A 82 -1.34 -15.57 5.56
N ARG A 83 -0.29 -15.34 6.33
CA ARG A 83 -0.18 -14.14 7.14
C ARG A 83 0.01 -12.92 6.25
N GLU A 84 0.74 -13.11 5.15
CA GLU A 84 0.96 -12.04 4.21
C GLU A 84 -0.32 -11.78 3.43
N LYS A 85 -0.91 -12.87 2.93
CA LYS A 85 -2.15 -12.78 2.18
C LYS A 85 -3.26 -12.24 3.06
N LEU A 86 -3.09 -12.39 4.38
CA LEU A 86 -4.09 -11.90 5.32
C LEU A 86 -3.93 -10.42 5.55
N LYS A 87 -2.75 -10.04 6.04
CA LYS A 87 -2.46 -8.65 6.27
C LYS A 87 -2.67 -7.89 4.97
N LYS A 88 -2.62 -8.63 3.87
CA LYS A 88 -2.85 -8.04 2.58
C LYS A 88 -4.32 -7.64 2.50
N ALA A 89 -5.17 -8.53 3.01
CA ALA A 89 -6.60 -8.29 3.02
C ALA A 89 -6.97 -7.34 4.16
N ARG A 90 -6.04 -7.08 5.06
CA ARG A 90 -6.31 -6.16 6.15
C ARG A 90 -6.17 -4.76 5.60
N GLU A 91 -5.22 -4.66 4.69
CA GLU A 91 -4.94 -3.42 4.01
C GLU A 91 -5.91 -3.22 2.86
N GLU A 92 -6.34 -4.34 2.26
CA GLU A 92 -7.26 -4.32 1.14
C GLU A 92 -8.72 -4.44 1.60
N ALA A 93 -9.03 -5.50 2.35
CA ALA A 93 -10.40 -5.72 2.82
C ALA A 93 -10.89 -4.56 3.69
N MET A 94 -9.95 -3.77 4.20
CA MET A 94 -10.30 -2.62 5.03
C MET A 94 -11.08 -1.59 4.22
N THR A 95 -12.22 -1.16 4.74
CA THR A 95 -13.05 -0.19 4.05
C THR A 95 -13.47 0.94 5.00
N ASP A 96 -13.77 2.10 4.43
CA ASP A 96 -14.19 3.25 5.21
C ASP A 96 -15.43 3.90 4.62
N LEU A 97 -16.47 4.07 5.44
CA LEU A 97 -17.71 4.67 4.99
C LEU A 97 -17.45 5.90 4.11
N PRO A 98 -18.33 6.16 3.14
CA PRO A 98 -18.20 7.30 2.24
C PRO A 98 -18.57 8.61 2.90
N ALA A 99 -19.60 8.58 3.74
CA ALA A 99 -20.06 9.77 4.43
C ALA A 99 -18.89 10.53 5.06
N GLY A 100 -18.61 11.71 4.52
CA GLY A 100 -17.51 12.51 5.04
C GLY A 100 -17.97 13.86 5.57
N MET A 1 -31.50 -8.98 -0.16
CA MET A 1 -31.04 -8.96 1.26
C MET A 1 -31.50 -10.20 2.00
N GLU A 2 -31.09 -11.37 1.49
CA GLU A 2 -31.45 -12.64 2.11
C GLU A 2 -30.37 -13.69 1.88
N ALA A 3 -29.87 -14.26 2.97
CA ALA A 3 -28.83 -15.28 2.89
C ALA A 3 -27.64 -14.79 2.07
N ARG A 4 -26.69 -14.16 2.75
CA ARG A 4 -25.49 -13.64 2.10
C ARG A 4 -24.28 -13.76 3.02
N ASP A 5 -24.27 -12.92 4.06
CA ASP A 5 -23.17 -12.95 5.02
C ASP A 5 -23.27 -14.20 5.87
N LYS A 6 -24.49 -14.66 6.08
CA LYS A 6 -24.75 -15.86 6.86
C LYS A 6 -24.35 -17.10 6.06
N GLN A 7 -24.38 -16.99 4.74
CA GLN A 7 -24.02 -18.09 3.86
C GLN A 7 -22.53 -18.37 3.92
N VAL A 8 -21.75 -17.29 3.97
CA VAL A 8 -20.32 -17.40 4.06
C VAL A 8 -19.93 -18.02 5.39
N LEU A 9 -20.49 -17.45 6.44
CA LEU A 9 -20.24 -17.96 7.78
C LEU A 9 -20.30 -19.47 7.77
N ARG A 10 -21.50 -19.99 7.57
CA ARG A 10 -21.76 -21.43 7.53
C ARG A 10 -20.71 -22.16 6.67
N SER A 11 -20.64 -21.81 5.39
CA SER A 11 -19.69 -22.45 4.49
C SER A 11 -18.34 -22.66 5.18
N LEU A 12 -17.55 -21.59 5.25
CA LEU A 12 -16.25 -21.64 5.89
C LEU A 12 -16.38 -22.06 7.35
N ARG A 13 -17.58 -21.89 7.91
CA ARG A 13 -17.82 -22.24 9.31
C ARG A 13 -17.14 -23.55 9.65
N LEU A 14 -17.62 -24.63 9.05
CA LEU A 14 -17.07 -25.96 9.29
C LEU A 14 -15.79 -26.19 8.51
N GLU A 15 -15.67 -25.57 7.34
CA GLU A 15 -14.48 -25.73 6.52
C GLU A 15 -13.23 -25.50 7.34
N LEU A 16 -13.09 -24.28 7.83
CA LEU A 16 -11.94 -23.91 8.65
C LEU A 16 -12.22 -24.24 10.11
N GLY A 17 -13.50 -24.50 10.41
CA GLY A 17 -13.88 -24.82 11.78
C GLY A 17 -13.68 -26.30 12.08
N ALA A 18 -13.72 -27.12 11.04
CA ALA A 18 -13.54 -28.56 11.21
C ALA A 18 -12.08 -28.94 11.34
N GLU A 19 -11.20 -27.98 11.04
CA GLU A 19 -9.77 -28.19 11.13
C GLU A 19 -9.23 -27.75 12.48
N VAL A 20 -8.02 -27.23 12.50
CA VAL A 20 -7.40 -26.77 13.73
C VAL A 20 -6.52 -25.54 13.49
N LEU A 21 -5.62 -25.27 14.42
CA LEU A 21 -4.72 -24.12 14.31
C LEU A 21 -5.36 -22.86 14.87
N VAL A 22 -4.82 -21.71 14.49
CA VAL A 22 -5.34 -20.43 14.95
C VAL A 22 -4.75 -20.04 16.29
N GLU A 23 -4.06 -18.90 16.34
CA GLU A 23 -3.44 -18.42 17.56
C GLU A 23 -4.23 -17.25 18.16
N GLY A 24 -5.52 -17.48 18.40
CA GLY A 24 -6.37 -16.44 18.96
C GLY A 24 -6.00 -15.06 18.47
N LEU A 25 -6.02 -14.08 19.38
CA LEU A 25 -5.68 -12.71 19.03
C LEU A 25 -6.52 -12.23 17.85
N VAL A 26 -7.82 -12.53 17.89
CA VAL A 26 -8.74 -12.12 16.83
C VAL A 26 -10.05 -11.62 17.42
N LEU A 27 -10.59 -12.38 18.37
CA LEU A 27 -11.83 -12.02 19.03
C LEU A 27 -11.65 -10.72 19.82
N GLN A 28 -10.41 -10.29 19.97
CA GLN A 28 -10.09 -9.07 20.71
C GLN A 28 -10.53 -7.84 19.92
N TYR A 29 -10.16 -7.80 18.65
CA TYR A 29 -10.54 -6.69 17.80
C TYR A 29 -12.05 -6.73 17.64
N LEU A 30 -12.54 -7.94 17.69
CA LEU A 30 -13.95 -8.22 17.58
C LEU A 30 -14.70 -7.79 18.82
N TYR A 31 -14.66 -8.63 19.84
CA TYR A 31 -15.33 -8.34 21.10
C TYR A 31 -15.25 -6.85 21.40
N GLN A 32 -14.15 -6.22 20.96
CA GLN A 32 -13.96 -4.80 21.18
C GLN A 32 -14.73 -4.00 20.13
N GLU A 33 -14.55 -4.37 18.87
CA GLU A 33 -15.25 -3.69 17.79
C GLU A 33 -16.75 -3.78 18.03
N GLY A 34 -17.18 -4.91 18.56
CA GLY A 34 -18.59 -5.11 18.85
C GLY A 34 -19.10 -6.40 18.27
N ILE A 35 -18.32 -6.96 17.35
CA ILE A 35 -18.68 -8.22 16.73
C ILE A 35 -19.30 -9.14 17.74
N LEU A 36 -18.64 -9.23 18.89
CA LEU A 36 -19.11 -10.10 19.94
C LEU A 36 -19.91 -9.34 20.98
N THR A 37 -20.62 -10.08 21.82
CA THR A 37 -21.46 -9.50 22.86
C THR A 37 -21.64 -10.45 24.04
N GLU A 38 -22.27 -9.95 25.10
CA GLU A 38 -22.51 -10.75 26.29
C GLU A 38 -22.80 -12.20 25.91
N ASN A 39 -23.75 -12.39 24.99
CA ASN A 39 -24.11 -13.72 24.53
C ASN A 39 -22.86 -14.49 24.09
N HIS A 40 -22.00 -13.81 23.33
CA HIS A 40 -20.77 -14.43 22.87
C HIS A 40 -19.95 -14.86 24.08
N ILE A 41 -19.63 -13.89 24.94
CA ILE A 41 -18.85 -14.15 26.15
C ILE A 41 -19.12 -15.56 26.65
N GLN A 42 -20.39 -15.92 26.65
CA GLN A 42 -20.81 -17.24 27.09
C GLN A 42 -20.16 -18.32 26.26
N GLU A 43 -20.36 -18.24 24.95
CA GLU A 43 -19.80 -19.22 24.03
C GLU A 43 -18.27 -19.10 23.97
N ILE A 44 -17.77 -17.87 23.86
CA ILE A 44 -16.35 -17.63 23.79
C ILE A 44 -15.67 -18.16 25.05
N ASN A 45 -16.24 -17.83 26.21
CA ASN A 45 -15.70 -18.31 27.46
C ASN A 45 -15.62 -19.83 27.42
N ALA A 46 -16.46 -20.42 26.59
CA ALA A 46 -16.49 -21.87 26.43
C ALA A 46 -15.17 -22.40 25.87
N GLN A 47 -14.64 -21.70 24.86
CA GLN A 47 -13.37 -22.09 24.23
C GLN A 47 -12.51 -22.95 25.16
N THR A 48 -11.79 -22.30 26.07
CA THR A 48 -10.93 -23.00 27.01
C THR A 48 -10.11 -24.09 26.31
N THR A 49 -9.86 -23.89 25.01
CA THR A 49 -9.09 -24.84 24.23
C THR A 49 -8.19 -24.12 23.23
N GLY A 50 -8.79 -23.63 22.15
CA GLY A 50 -8.04 -22.92 21.13
C GLY A 50 -8.74 -22.88 19.80
N LEU A 51 -9.25 -24.03 19.36
CA LEU A 51 -9.95 -24.12 18.09
C LEU A 51 -11.40 -23.66 18.24
N ARG A 52 -12.00 -23.93 19.39
CA ARG A 52 -13.37 -23.54 19.65
C ARG A 52 -13.58 -22.06 19.34
N LYS A 53 -12.63 -21.23 19.78
CA LYS A 53 -12.72 -19.80 19.55
C LYS A 53 -13.21 -19.53 18.13
N THR A 54 -12.49 -20.05 17.15
CA THR A 54 -12.87 -19.87 15.76
C THR A 54 -14.32 -20.30 15.58
N MET A 55 -14.63 -21.50 16.04
CA MET A 55 -15.98 -22.01 15.95
C MET A 55 -16.96 -20.99 16.46
N LEU A 56 -16.59 -20.34 17.56
CA LEU A 56 -17.43 -19.34 18.16
C LEU A 56 -17.93 -18.33 17.14
N LEU A 57 -17.10 -17.38 16.75
CA LEU A 57 -17.52 -16.39 15.76
C LEU A 57 -18.38 -17.04 14.69
N LEU A 58 -17.81 -18.06 14.06
CA LEU A 58 -18.52 -18.78 13.01
C LEU A 58 -19.84 -19.34 13.55
N ASP A 59 -19.87 -19.56 14.86
CA ASP A 59 -21.05 -20.09 15.52
C ASP A 59 -22.01 -18.98 15.94
N ILE A 60 -21.45 -17.81 16.21
CA ILE A 60 -22.23 -16.65 16.63
C ILE A 60 -22.84 -15.92 15.44
N LEU A 61 -21.97 -15.34 14.62
CA LEU A 61 -22.40 -14.59 13.44
C LEU A 61 -23.72 -15.11 12.87
N PRO A 62 -23.79 -16.41 12.54
CA PRO A 62 -25.00 -17.02 11.96
C PRO A 62 -26.25 -16.81 12.82
N SER A 63 -26.07 -16.36 14.05
CA SER A 63 -27.20 -16.14 14.94
C SER A 63 -27.08 -14.81 15.69
N ARG A 64 -25.85 -14.49 16.11
CA ARG A 64 -25.61 -13.25 16.84
C ARG A 64 -24.39 -12.52 16.30
N GLY A 65 -24.58 -11.86 15.16
CA GLY A 65 -23.48 -11.12 14.55
C GLY A 65 -23.90 -10.42 13.27
N PRO A 66 -24.88 -9.51 13.34
CA PRO A 66 -25.36 -8.77 12.18
C PRO A 66 -24.29 -7.82 11.63
N LYS A 67 -23.80 -8.12 10.43
CA LYS A 67 -22.78 -7.28 9.82
C LYS A 67 -21.44 -7.48 10.52
N ALA A 68 -21.33 -8.58 11.24
CA ALA A 68 -20.12 -8.90 11.99
C ALA A 68 -19.04 -9.49 11.08
N PHE A 69 -19.42 -9.84 9.86
CA PHE A 69 -18.49 -10.45 8.92
C PHE A 69 -17.37 -9.49 8.52
N ASP A 70 -17.67 -8.56 7.63
CA ASP A 70 -16.66 -7.60 7.16
C ASP A 70 -15.69 -7.24 8.29
N THR A 71 -16.20 -7.20 9.50
CA THR A 71 -15.38 -6.88 10.67
C THR A 71 -14.71 -8.14 11.21
N PHE A 72 -15.45 -9.24 11.28
CA PHE A 72 -14.89 -10.49 11.77
C PHE A 72 -13.69 -10.88 10.91
N LEU A 73 -13.70 -10.43 9.66
CA LEU A 73 -12.60 -10.71 8.74
C LEU A 73 -11.47 -9.74 9.00
N ASP A 74 -11.82 -8.51 9.35
CA ASP A 74 -10.83 -7.50 9.64
C ASP A 74 -9.98 -7.95 10.82
N SER A 75 -10.48 -8.95 11.54
CA SER A 75 -9.77 -9.51 12.68
C SER A 75 -8.88 -10.66 12.24
N LEU A 76 -9.39 -11.45 11.31
CA LEU A 76 -8.69 -12.61 10.77
C LEU A 76 -7.19 -12.59 11.02
N GLN A 77 -6.79 -12.88 12.25
CA GLN A 77 -5.37 -12.90 12.61
C GLN A 77 -4.48 -13.42 11.47
N GLU A 78 -5.03 -14.26 10.58
CA GLU A 78 -4.26 -14.83 9.48
C GLU A 78 -4.80 -14.42 8.11
N PHE A 79 -5.67 -13.42 8.10
CA PHE A 79 -6.30 -12.92 6.86
C PHE A 79 -5.60 -13.38 5.58
N PRO A 80 -4.31 -13.06 5.41
CA PRO A 80 -3.53 -13.43 4.23
C PRO A 80 -4.00 -14.72 3.58
N TRP A 81 -4.49 -15.66 4.38
CA TRP A 81 -4.96 -16.93 3.85
C TRP A 81 -6.37 -17.26 4.34
N VAL A 82 -6.76 -16.68 5.47
CA VAL A 82 -8.09 -16.93 6.01
C VAL A 82 -9.11 -16.00 5.39
N ARG A 83 -8.73 -14.72 5.26
CA ARG A 83 -9.60 -13.71 4.68
C ARG A 83 -9.87 -14.04 3.22
N GLU A 84 -8.83 -14.42 2.49
CA GLU A 84 -8.98 -14.77 1.09
C GLU A 84 -9.87 -15.97 0.95
N LYS A 85 -9.66 -16.97 1.80
CA LYS A 85 -10.46 -18.18 1.78
C LYS A 85 -11.85 -17.90 2.35
N LEU A 86 -11.98 -16.83 3.14
CA LEU A 86 -13.25 -16.47 3.72
C LEU A 86 -14.10 -15.74 2.70
N LYS A 87 -13.65 -14.56 2.31
CA LYS A 87 -14.35 -13.79 1.30
C LYS A 87 -14.50 -14.65 0.06
N LYS A 88 -13.65 -15.67 -0.02
CA LYS A 88 -13.70 -16.60 -1.11
C LYS A 88 -14.99 -17.40 -0.97
N ALA A 89 -15.34 -17.67 0.29
CA ALA A 89 -16.55 -18.41 0.60
C ALA A 89 -17.76 -17.49 0.57
N ARG A 90 -17.51 -16.18 0.51
CA ARG A 90 -18.57 -15.20 0.45
C ARG A 90 -19.06 -15.17 -0.98
N GLU A 91 -18.10 -15.33 -1.86
CA GLU A 91 -18.34 -15.36 -3.28
C GLU A 91 -19.01 -16.67 -3.67
N GLU A 92 -18.59 -17.75 -3.00
CA GLU A 92 -19.13 -19.09 -3.27
C GLU A 92 -20.32 -19.42 -2.37
N ALA A 93 -20.13 -19.35 -1.06
CA ALA A 93 -21.19 -19.66 -0.11
C ALA A 93 -22.42 -18.79 -0.36
N MET A 94 -22.21 -17.61 -0.94
CA MET A 94 -23.31 -16.70 -1.23
C MET A 94 -24.21 -17.27 -2.32
N THR A 95 -25.50 -17.38 -2.01
CA THR A 95 -26.46 -17.92 -2.96
C THR A 95 -26.51 -17.07 -4.23
N ASP A 96 -26.57 -17.74 -5.39
CA ASP A 96 -26.63 -17.05 -6.67
C ASP A 96 -26.50 -18.04 -7.82
N LEU A 97 -27.37 -19.05 -7.82
CA LEU A 97 -27.35 -20.08 -8.87
C LEU A 97 -26.12 -20.96 -8.76
N PRO A 98 -26.25 -22.09 -8.06
CA PRO A 98 -25.15 -23.03 -7.87
C PRO A 98 -25.06 -24.08 -8.98
N ALA A 99 -24.13 -23.88 -9.91
CA ALA A 99 -23.95 -24.80 -11.02
C ALA A 99 -23.37 -26.13 -10.54
N GLY A 100 -24.18 -27.17 -10.59
CA GLY A 100 -23.72 -28.48 -10.16
C GLY A 100 -24.33 -28.90 -8.84
N MET A 1 8.59 -4.43 -10.08
CA MET A 1 10.03 -4.77 -9.91
C MET A 1 10.48 -5.82 -10.91
N GLU A 2 10.36 -5.50 -12.20
CA GLU A 2 10.75 -6.42 -13.26
C GLU A 2 12.05 -5.96 -13.92
N ALA A 3 13.14 -6.67 -13.65
CA ALA A 3 14.43 -6.34 -14.21
C ALA A 3 15.31 -7.58 -14.36
N ARG A 4 16.52 -7.38 -14.86
CA ARG A 4 17.46 -8.48 -15.06
C ARG A 4 16.95 -9.45 -16.12
N ASP A 5 15.86 -10.13 -15.84
CA ASP A 5 15.28 -11.09 -16.79
C ASP A 5 14.75 -10.37 -18.01
N LYS A 6 13.91 -9.38 -17.78
CA LYS A 6 13.32 -8.59 -18.86
C LYS A 6 14.41 -7.97 -19.72
N GLN A 7 15.53 -7.61 -19.11
CA GLN A 7 16.64 -7.00 -19.83
C GLN A 7 17.24 -7.97 -20.83
N VAL A 8 17.23 -9.24 -20.48
CA VAL A 8 17.74 -10.29 -21.34
C VAL A 8 16.81 -10.47 -22.52
N LEU A 9 15.53 -10.56 -22.22
CA LEU A 9 14.50 -10.70 -23.22
C LEU A 9 14.72 -9.69 -24.34
N ARG A 10 14.51 -8.43 -24.00
CA ARG A 10 14.67 -7.33 -24.96
C ARG A 10 15.92 -7.50 -25.82
N SER A 11 17.06 -7.68 -25.17
CA SER A 11 18.32 -7.84 -25.89
C SER A 11 18.22 -8.97 -26.93
N LEU A 12 18.27 -10.20 -26.44
CA LEU A 12 18.18 -11.36 -27.30
C LEU A 12 16.87 -11.38 -28.08
N ARG A 13 15.92 -10.56 -27.65
CA ARG A 13 14.63 -10.49 -28.31
C ARG A 13 14.80 -10.17 -29.79
N LEU A 14 15.48 -9.07 -30.08
CA LEU A 14 15.70 -8.65 -31.45
C LEU A 14 16.78 -9.50 -32.12
N GLU A 15 17.76 -9.95 -31.33
CA GLU A 15 18.85 -10.76 -31.86
C GLU A 15 18.29 -12.02 -32.53
N LEU A 16 17.99 -13.02 -31.71
CA LEU A 16 17.45 -14.27 -32.23
C LEU A 16 16.06 -14.04 -32.82
N GLY A 17 15.51 -12.86 -32.55
CA GLY A 17 14.18 -12.54 -33.07
C GLY A 17 14.21 -12.12 -34.52
N ALA A 18 15.24 -11.36 -34.89
CA ALA A 18 15.38 -10.89 -36.27
C ALA A 18 15.19 -12.04 -37.26
N GLU A 19 16.13 -12.98 -37.24
CA GLU A 19 16.09 -14.13 -38.13
C GLU A 19 17.15 -15.16 -37.74
N VAL A 20 16.70 -16.35 -37.36
CA VAL A 20 17.62 -17.41 -36.96
C VAL A 20 17.06 -18.79 -37.31
N LEU A 21 15.81 -19.04 -36.95
CA LEU A 21 15.18 -20.32 -37.22
C LEU A 21 13.66 -20.18 -37.32
N VAL A 22 12.98 -21.31 -37.47
CA VAL A 22 11.53 -21.33 -37.59
C VAL A 22 10.94 -22.53 -36.85
N GLU A 23 9.62 -22.56 -36.74
CA GLU A 23 8.93 -23.65 -36.06
C GLU A 23 9.31 -23.71 -34.58
N GLY A 24 8.82 -24.73 -33.89
CA GLY A 24 9.12 -24.88 -32.47
C GLY A 24 7.87 -25.07 -31.63
N LEU A 25 7.93 -25.99 -30.68
CA LEU A 25 6.81 -26.27 -29.80
C LEU A 25 7.10 -25.81 -28.37
N VAL A 26 7.89 -24.75 -28.25
CA VAL A 26 8.25 -24.21 -26.94
C VAL A 26 7.04 -23.56 -26.28
N LEU A 27 6.15 -23.01 -27.09
CA LEU A 27 4.95 -22.36 -26.60
C LEU A 27 4.06 -23.34 -25.85
N GLN A 28 4.38 -24.62 -25.95
CA GLN A 28 3.60 -25.65 -25.28
C GLN A 28 4.06 -25.87 -23.84
N TYR A 29 5.38 -26.00 -23.66
CA TYR A 29 5.93 -26.19 -22.32
C TYR A 29 5.60 -24.96 -21.51
N LEU A 30 5.59 -23.86 -22.22
CA LEU A 30 5.30 -22.56 -21.67
C LEU A 30 3.84 -22.45 -21.28
N TYR A 31 3.02 -22.14 -22.28
CA TYR A 31 1.59 -21.99 -22.08
C TYR A 31 1.10 -22.94 -20.99
N GLN A 32 1.73 -24.10 -20.89
CA GLN A 32 1.36 -25.07 -19.88
C GLN A 32 2.05 -24.76 -18.56
N GLU A 33 3.36 -24.62 -18.59
CA GLU A 33 4.11 -24.29 -17.39
C GLU A 33 3.49 -23.08 -16.73
N GLY A 34 3.05 -22.12 -17.53
CA GLY A 34 2.42 -20.92 -17.00
C GLY A 34 3.06 -19.67 -17.55
N ILE A 35 4.21 -19.83 -18.17
CA ILE A 35 4.92 -18.71 -18.76
C ILE A 35 3.94 -17.78 -19.42
N LEU A 36 3.04 -18.39 -20.17
CA LEU A 36 2.08 -17.65 -20.93
C LEU A 36 0.80 -17.35 -20.16
N THR A 37 -0.31 -17.32 -20.88
CA THR A 37 -1.60 -17.02 -20.27
C THR A 37 -2.58 -16.52 -21.31
N GLU A 38 -3.77 -16.11 -20.86
CA GLU A 38 -4.80 -15.59 -21.76
C GLU A 38 -4.21 -14.57 -22.71
N ASN A 39 -3.72 -13.46 -22.17
CA ASN A 39 -3.12 -12.41 -22.98
C ASN A 39 -2.09 -13.01 -23.93
N HIS A 40 -1.35 -13.99 -23.44
CA HIS A 40 -0.35 -14.67 -24.24
C HIS A 40 -1.02 -15.32 -25.45
N ILE A 41 -2.09 -16.07 -25.19
CA ILE A 41 -2.85 -16.72 -26.23
C ILE A 41 -3.06 -15.76 -27.40
N GLN A 42 -3.38 -14.52 -27.05
CA GLN A 42 -3.65 -13.49 -28.04
C GLN A 42 -2.46 -13.28 -28.96
N GLU A 43 -1.31 -12.98 -28.39
CA GLU A 43 -0.10 -12.75 -29.18
C GLU A 43 0.26 -13.98 -30.01
N ILE A 44 0.24 -15.15 -29.39
CA ILE A 44 0.56 -16.38 -30.09
C ILE A 44 -0.40 -16.63 -31.23
N ASN A 45 -1.69 -16.48 -30.95
CA ASN A 45 -2.70 -16.64 -31.99
C ASN A 45 -2.31 -15.81 -33.20
N ALA A 46 -1.51 -14.76 -32.94
CA ALA A 46 -1.05 -13.87 -33.98
C ALA A 46 -0.01 -14.56 -34.87
N GLN A 47 0.87 -15.37 -34.24
CA GLN A 47 1.92 -16.10 -34.97
C GLN A 47 1.60 -16.21 -36.46
N THR A 48 0.55 -16.97 -36.78
CA THR A 48 0.15 -17.16 -38.17
C THR A 48 1.23 -17.88 -38.96
N THR A 49 2.25 -17.14 -39.37
CA THR A 49 3.35 -17.71 -40.13
C THR A 49 4.06 -18.80 -39.34
N GLY A 50 5.09 -18.41 -38.60
CA GLY A 50 5.84 -19.37 -37.80
C GLY A 50 6.97 -18.71 -37.02
N LEU A 51 7.65 -17.77 -37.67
CA LEU A 51 8.75 -17.05 -37.05
C LEU A 51 8.26 -16.17 -35.91
N ARG A 52 7.08 -15.58 -36.09
CA ARG A 52 6.50 -14.72 -35.08
C ARG A 52 6.41 -15.43 -33.74
N LYS A 53 6.21 -16.75 -33.77
CA LYS A 53 6.12 -17.54 -32.55
C LYS A 53 7.26 -17.15 -31.60
N THR A 54 8.50 -17.29 -32.08
CA THR A 54 9.65 -16.94 -31.29
C THR A 54 9.52 -15.49 -30.87
N MET A 55 9.10 -14.65 -31.81
CA MET A 55 8.89 -13.24 -31.52
C MET A 55 7.97 -13.10 -30.33
N LEU A 56 6.94 -13.93 -30.31
CA LEU A 56 5.99 -13.92 -29.23
C LEU A 56 6.67 -13.93 -27.88
N LEU A 57 7.13 -15.09 -27.43
CA LEU A 57 7.80 -15.17 -26.15
C LEU A 57 8.62 -13.93 -25.86
N LEU A 58 9.53 -13.63 -26.76
CA LEU A 58 10.38 -12.45 -26.63
C LEU A 58 9.53 -11.19 -26.48
N ASP A 59 8.32 -11.25 -27.02
CA ASP A 59 7.39 -10.14 -26.98
C ASP A 59 6.50 -10.20 -25.74
N ILE A 60 6.32 -11.39 -25.24
CA ILE A 60 5.48 -11.64 -24.07
C ILE A 60 6.26 -11.55 -22.77
N LEU A 61 7.38 -12.27 -22.72
CA LEU A 61 8.23 -12.28 -21.53
C LEU A 61 8.40 -10.87 -20.97
N PRO A 62 8.79 -9.90 -21.81
CA PRO A 62 8.99 -8.51 -21.38
C PRO A 62 7.67 -7.80 -21.14
N SER A 63 6.58 -8.46 -21.50
CA SER A 63 5.25 -7.89 -21.31
C SER A 63 4.58 -8.47 -20.08
N ARG A 64 4.42 -9.79 -20.06
CA ARG A 64 3.79 -10.47 -18.94
C ARG A 64 4.46 -10.07 -17.62
N GLY A 65 5.61 -10.68 -17.35
CA GLY A 65 6.33 -10.39 -16.12
C GLY A 65 7.52 -11.31 -15.93
N PRO A 66 8.31 -11.11 -14.86
CA PRO A 66 9.47 -11.94 -14.57
C PRO A 66 9.09 -13.35 -14.14
N LYS A 67 10.09 -14.22 -13.97
CA LYS A 67 9.86 -15.60 -13.57
C LYS A 67 9.55 -16.49 -14.77
N ALA A 68 9.34 -15.86 -15.91
CA ALA A 68 9.04 -16.60 -17.14
C ALA A 68 10.31 -16.97 -17.89
N PHE A 69 11.39 -16.28 -17.60
CA PHE A 69 12.65 -16.54 -18.28
C PHE A 69 13.19 -17.94 -17.99
N ASP A 70 13.75 -18.13 -16.79
CA ASP A 70 14.30 -19.42 -16.41
C ASP A 70 13.46 -20.56 -16.98
N THR A 71 12.16 -20.33 -17.08
CA THR A 71 11.24 -21.31 -17.62
C THR A 71 11.14 -21.21 -19.14
N PHE A 72 11.14 -19.99 -19.66
CA PHE A 72 11.07 -19.78 -21.10
C PHE A 72 12.31 -20.42 -21.76
N LEU A 73 13.37 -20.56 -20.98
CA LEU A 73 14.60 -21.17 -21.46
C LEU A 73 14.49 -22.68 -21.34
N ASP A 74 13.81 -23.11 -20.29
CA ASP A 74 13.61 -24.54 -20.06
C ASP A 74 12.81 -25.14 -21.20
N SER A 75 12.15 -24.28 -21.97
CA SER A 75 11.34 -24.73 -23.11
C SER A 75 12.19 -24.74 -24.38
N LEU A 76 13.13 -23.81 -24.46
CA LEU A 76 14.03 -23.66 -25.59
C LEU A 76 14.18 -24.93 -26.41
N GLN A 77 13.23 -25.20 -27.27
CA GLN A 77 13.27 -26.39 -28.13
C GLN A 77 14.70 -26.72 -28.62
N GLU A 78 15.56 -25.71 -28.69
CA GLU A 78 16.94 -25.91 -29.18
C GLU A 78 17.99 -25.51 -28.15
N PHE A 79 17.55 -25.33 -26.91
CA PHE A 79 18.44 -24.93 -25.81
C PHE A 79 19.94 -25.09 -26.11
N PRO A 80 20.40 -26.32 -26.42
CA PRO A 80 21.81 -26.58 -26.71
C PRO A 80 22.52 -25.41 -27.38
N TRP A 81 21.77 -24.62 -28.14
CA TRP A 81 22.35 -23.47 -28.84
C TRP A 81 21.61 -22.18 -28.48
N VAL A 82 20.33 -22.31 -28.16
CA VAL A 82 19.52 -21.15 -27.82
C VAL A 82 19.61 -20.82 -26.33
N ARG A 83 19.68 -21.87 -25.51
CA ARG A 83 19.78 -21.69 -24.07
C ARG A 83 21.13 -21.10 -23.68
N GLU A 84 22.19 -21.62 -24.31
CA GLU A 84 23.52 -21.13 -24.03
C GLU A 84 23.65 -19.69 -24.49
N LYS A 85 23.34 -19.46 -25.76
CA LYS A 85 23.39 -18.12 -26.31
C LYS A 85 22.48 -17.18 -25.53
N LEU A 86 21.58 -17.75 -24.74
CA LEU A 86 20.65 -16.96 -23.96
C LEU A 86 21.24 -16.56 -22.63
N LYS A 87 21.56 -17.55 -21.82
CA LYS A 87 22.15 -17.31 -20.52
C LYS A 87 23.43 -16.52 -20.71
N LYS A 88 23.96 -16.56 -21.92
CA LYS A 88 25.15 -15.79 -22.22
C LYS A 88 24.77 -14.34 -22.41
N ALA A 89 23.64 -14.13 -23.09
CA ALA A 89 23.14 -12.79 -23.34
C ALA A 89 22.37 -12.29 -22.13
N ARG A 90 22.09 -13.18 -21.18
CA ARG A 90 21.38 -12.80 -19.97
C ARG A 90 22.40 -12.18 -19.04
N GLU A 91 23.59 -12.72 -19.13
CA GLU A 91 24.72 -12.26 -18.34
C GLU A 91 25.14 -10.87 -18.80
N GLU A 92 25.04 -10.64 -20.11
CA GLU A 92 25.40 -9.36 -20.70
C GLU A 92 24.19 -8.43 -20.77
N ALA A 93 23.17 -8.84 -21.53
CA ALA A 93 21.96 -8.03 -21.67
C ALA A 93 21.54 -7.41 -20.35
N MET A 94 21.90 -8.06 -19.25
CA MET A 94 21.56 -7.56 -17.92
C MET A 94 21.98 -6.11 -17.76
N THR A 95 23.25 -5.83 -18.07
CA THR A 95 23.78 -4.48 -17.97
C THR A 95 24.90 -4.25 -18.98
N ASP A 96 24.86 -3.11 -19.65
CA ASP A 96 25.86 -2.77 -20.66
C ASP A 96 26.11 -1.27 -20.70
N LEU A 97 26.85 -0.83 -21.71
CA LEU A 97 27.17 0.59 -21.86
C LEU A 97 26.48 1.16 -23.09
N PRO A 98 26.16 2.46 -23.06
CA PRO A 98 25.50 3.15 -24.18
C PRO A 98 26.16 2.84 -25.52
N ALA A 99 25.60 1.86 -26.22
CA ALA A 99 26.12 1.46 -27.53
C ALA A 99 25.96 2.57 -28.55
N GLY A 100 26.44 2.33 -29.77
CA GLY A 100 26.33 3.32 -30.82
C GLY A 100 26.71 4.72 -30.34
#